data_4L7K
#
_entry.id   4L7K
#
_cell.length_a   111.128
_cell.length_b   111.128
_cell.length_c   499.813
_cell.angle_alpha   90.000
_cell.angle_beta   90.000
_cell.angle_gamma   120.000
#
_symmetry.space_group_name_H-M   'P 61 2 2'
#
loop_
_entity.id
_entity.type
_entity.pdbx_description
1 polymer 'Steroid Delta-isomerase'
2 non-polymer GLYCEROL
3 non-polymer 'SULFATE ION'
4 water water
#
_entity_poly.entity_id   1
_entity_poly.type   'polypeptide(L)'
_entity_poly.pdbx_seq_one_letter_code
;MNTPEHMTAVVQRYVAALNAGDLDGIVALFADDATVEEPVGSEPRSGTAAIREFYANSLKLPLAVELTQEVRAVANEAAF
AFTVSFEYQGRKTVVAPIDHFRFNGAGKVVSMRALFGEKNIHAGA
;
_entity_poly.pdbx_strand_id   A,B,C,D,E,F,G,H,I,J,K,O
#
loop_
_chem_comp.id
_chem_comp.type
_chem_comp.name
_chem_comp.formula
GOL non-polymer GLYCEROL 'C3 H8 O3'
SO4 non-polymer 'SULFATE ION' 'O4 S -2'
#
# COMPACT_ATOMS: atom_id res chain seq x y z
N MET A 1 -18.83 5.50 10.77
CA MET A 1 -19.27 4.08 10.64
C MET A 1 -19.50 3.49 12.03
N ASN A 2 -20.36 2.47 12.12
CA ASN A 2 -20.67 1.76 13.38
C ASN A 2 -19.48 0.98 13.90
N THR A 3 -19.25 1.01 15.21
CA THR A 3 -18.26 0.14 15.81
C THR A 3 -18.81 -1.29 15.90
N PRO A 4 -17.93 -2.30 15.75
CA PRO A 4 -18.31 -3.69 16.06
C PRO A 4 -18.68 -3.90 17.53
N GLU A 5 -17.99 -3.19 18.43
CA GLU A 5 -18.30 -3.18 19.88
C GLU A 5 -19.77 -2.89 20.17
N HIS A 6 -20.31 -1.90 19.47
CA HIS A 6 -21.68 -1.44 19.70
C HIS A 6 -22.63 -2.49 19.14
N MET A 7 -22.38 -2.89 17.90
CA MET A 7 -23.22 -3.87 17.22
C MET A 7 -23.33 -5.14 18.07
N THR A 8 -22.19 -5.62 18.55
CA THR A 8 -22.10 -6.78 19.44
C THR A 8 -22.87 -6.55 20.74
N ALA A 9 -22.76 -5.35 21.32
CA ALA A 9 -23.54 -5.01 22.51
C ALA A 9 -25.04 -5.13 22.23
N VAL A 10 -25.48 -4.47 21.16
CA VAL A 10 -26.87 -4.52 20.70
C VAL A 10 -27.40 -5.96 20.51
N VAL A 11 -26.56 -6.84 19.97
CA VAL A 11 -26.93 -8.26 19.82
C VAL A 11 -27.13 -8.91 21.20
N GLN A 12 -26.24 -8.61 22.14
CA GLN A 12 -26.36 -9.13 23.51
C GLN A 12 -27.61 -8.59 24.19
N ARG A 13 -27.87 -7.30 23.96
CA ARG A 13 -29.07 -6.64 24.48
C ARG A 13 -30.36 -7.24 23.90
N TYR A 14 -30.33 -7.61 22.61
CA TYR A 14 -31.45 -8.28 21.94
C TYR A 14 -31.76 -9.61 22.61
N VAL A 15 -30.72 -10.40 22.85
CA VAL A 15 -30.88 -11.71 23.46
C VAL A 15 -31.26 -11.56 24.92
N ALA A 16 -30.71 -10.55 25.59
CA ALA A 16 -31.07 -10.27 26.98
C ALA A 16 -32.56 -9.98 27.09
N ALA A 17 -33.08 -9.17 26.16
CA ALA A 17 -34.48 -8.75 26.20
C ALA A 17 -35.41 -9.93 25.95
N LEU A 18 -35.02 -10.81 25.03
CA LEU A 18 -35.82 -12.00 24.76
C LEU A 18 -35.89 -12.88 26.02
N ASN A 19 -34.73 -13.14 26.65
CA ASN A 19 -34.71 -13.91 27.90
C ASN A 19 -35.52 -13.27 29.02
N ALA A 20 -35.46 -11.94 29.11
CA ALA A 20 -36.18 -11.19 30.14
C ALA A 20 -37.67 -10.95 29.81
N GLY A 21 -38.08 -11.16 28.56
CA GLY A 21 -39.44 -10.85 28.10
C GLY A 21 -39.73 -9.36 27.95
N ASP A 22 -38.70 -8.58 27.61
CA ASP A 22 -38.79 -7.12 27.65
C ASP A 22 -39.08 -6.54 26.26
N LEU A 23 -40.36 -6.32 25.99
CA LEU A 23 -40.82 -5.95 24.65
C LEU A 23 -40.36 -4.56 24.26
N ASP A 24 -40.48 -3.62 25.20
CA ASP A 24 -40.00 -2.26 24.98
C ASP A 24 -38.52 -2.31 24.66
N GLY A 25 -37.78 -3.09 25.44
CA GLY A 25 -36.35 -3.28 25.26
C GLY A 25 -35.97 -3.77 23.87
N ILE A 26 -36.72 -4.74 23.34
CA ILE A 26 -36.48 -5.24 21.99
C ILE A 26 -36.73 -4.18 20.93
N VAL A 27 -37.94 -3.63 20.94
CA VAL A 27 -38.33 -2.64 19.94
C VAL A 27 -37.42 -1.38 19.97
N ALA A 28 -36.90 -1.04 21.15
CA ALA A 28 -35.95 0.07 21.29
C ALA A 28 -34.74 -0.07 20.35
N LEU A 29 -34.25 -1.29 20.21
CA LEU A 29 -33.07 -1.57 19.38
C LEU A 29 -33.26 -1.25 17.89
N PHE A 30 -34.50 -1.14 17.45
CA PHE A 30 -34.80 -0.94 16.03
C PHE A 30 -35.13 0.50 15.73
N ALA A 31 -34.87 0.92 14.49
CA ALA A 31 -35.28 2.24 14.02
C ALA A 31 -36.76 2.15 13.66
N ASP A 32 -37.51 3.25 13.80
CA ASP A 32 -38.96 3.19 13.56
C ASP A 32 -39.35 2.85 12.11
N ASP A 33 -38.41 3.00 11.18
CA ASP A 33 -38.63 2.69 9.76
C ASP A 33 -38.20 1.27 9.40
N ALA A 34 -37.74 0.52 10.41
CA ALA A 34 -37.05 -0.73 10.21
C ALA A 34 -37.94 -1.90 9.80
N THR A 35 -37.29 -2.99 9.41
CA THR A 35 -37.97 -4.18 8.92
C THR A 35 -37.44 -5.47 9.58
N VAL A 36 -38.33 -6.43 9.73
CA VAL A 36 -38.00 -7.73 10.29
C VAL A 36 -38.49 -8.82 9.35
N GLU A 37 -37.62 -9.77 9.00
CA GLU A 37 -38.01 -10.90 8.14
C GLU A 37 -37.62 -12.22 8.79
N GLU A 38 -38.58 -12.83 9.48
CA GLU A 38 -38.35 -14.05 10.25
C GLU A 38 -39.53 -14.97 10.05
N PRO A 39 -39.28 -16.17 9.48
CA PRO A 39 -37.99 -16.49 8.88
C PRO A 39 -37.79 -15.80 7.53
N VAL A 40 -36.56 -15.81 7.06
CA VAL A 40 -36.24 -15.46 5.69
C VAL A 40 -37.18 -16.18 4.71
N GLY A 41 -37.78 -15.41 3.81
CA GLY A 41 -38.72 -15.93 2.83
C GLY A 41 -40.15 -15.53 3.15
N SER A 42 -40.37 -15.01 4.36
CA SER A 42 -41.70 -14.54 4.75
C SER A 42 -41.86 -13.06 4.46
N GLU A 43 -43.10 -12.58 4.55
CA GLU A 43 -43.41 -11.17 4.39
C GLU A 43 -42.65 -10.36 5.42
N PRO A 44 -41.72 -9.51 4.96
CA PRO A 44 -41.04 -8.69 5.94
C PRO A 44 -42.05 -7.74 6.52
N ARG A 45 -42.19 -7.69 7.85
N ARG A 45 -42.16 -7.69 7.85
CA ARG A 45 -42.92 -6.85 8.77
CA ARG A 45 -42.84 -6.85 8.81
C ARG A 45 -42.18 -5.51 8.85
C ARG A 45 -42.15 -5.49 8.77
N SER A 46 -42.92 -4.42 8.66
CA SER A 46 -42.36 -3.09 8.47
C SER A 46 -43.02 -2.03 9.34
N GLY A 47 -42.18 -1.19 9.94
CA GLY A 47 -42.63 -0.16 10.86
C GLY A 47 -42.61 -0.63 12.30
N THR A 48 -42.55 0.32 13.22
CA THR A 48 -42.59 0.03 14.65
C THR A 48 -43.80 -0.81 15.06
N ALA A 49 -44.96 -0.49 14.50
CA ALA A 49 -46.21 -1.18 14.84
C ALA A 49 -46.11 -2.68 14.53
N ALA A 50 -45.64 -2.99 13.32
CA ALA A 50 -45.54 -4.37 12.85
C ALA A 50 -44.44 -5.15 13.59
N ILE A 51 -43.31 -4.50 13.83
CA ILE A 51 -42.22 -5.12 14.58
C ILE A 51 -42.66 -5.34 16.02
N ARG A 52 -43.33 -4.34 16.60
CA ARG A 52 -43.80 -4.48 17.98
C ARG A 52 -44.72 -5.69 18.09
N GLU A 53 -45.68 -5.81 17.18
N GLU A 53 -45.68 -5.77 17.17
CA GLU A 53 -46.62 -6.92 17.21
CA GLU A 53 -46.64 -6.88 17.06
C GLU A 53 -45.95 -8.28 16.94
C GLU A 53 -45.95 -8.24 16.93
N PHE A 54 -44.92 -8.30 16.11
CA PHE A 54 -44.16 -9.56 15.85
C PHE A 54 -43.55 -10.13 17.11
N TYR A 55 -42.92 -9.28 17.92
CA TYR A 55 -42.24 -9.74 19.13
C TYR A 55 -43.21 -10.00 20.31
N ALA A 56 -44.30 -9.24 20.35
CA ALA A 56 -45.36 -9.52 21.33
C ALA A 56 -45.93 -10.93 21.12
N ASN A 57 -46.21 -11.27 19.86
CA ASN A 57 -46.69 -12.61 19.50
C ASN A 57 -45.64 -13.68 19.80
N SER A 58 -44.39 -13.38 19.49
CA SER A 58 -43.30 -14.30 19.83
C SER A 58 -43.22 -14.53 21.34
N LEU A 59 -43.35 -13.45 22.11
CA LEU A 59 -43.20 -13.55 23.56
C LEU A 59 -44.49 -14.00 24.28
N LYS A 60 -45.33 -14.76 23.58
CA LYS A 60 -46.50 -15.34 24.21
C LYS A 60 -46.14 -16.63 24.93
N LEU A 61 -45.04 -17.26 24.52
CA LEU A 61 -44.41 -18.32 25.29
C LEU A 61 -43.07 -17.78 25.80
N PRO A 62 -42.70 -18.07 27.06
CA PRO A 62 -41.40 -17.59 27.54
C PRO A 62 -40.24 -18.32 26.87
N LEU A 63 -39.22 -17.56 26.46
CA LEU A 63 -38.16 -18.10 25.62
C LEU A 63 -36.85 -18.20 26.36
N ALA A 64 -36.15 -19.30 26.15
CA ALA A 64 -34.75 -19.45 26.51
C ALA A 64 -33.92 -19.17 25.26
N VAL A 65 -33.14 -18.09 25.29
CA VAL A 65 -32.33 -17.68 24.14
C VAL A 65 -30.88 -17.56 24.55
N GLU A 66 -29.96 -18.10 23.74
CA GLU A 66 -28.55 -17.83 23.97
C GLU A 66 -27.67 -17.92 22.75
N LEU A 67 -26.70 -17.01 22.72
CA LEU A 67 -25.64 -17.03 21.74
C LEU A 67 -24.89 -18.32 21.90
N THR A 68 -24.64 -19.00 20.79
CA THR A 68 -23.94 -20.26 20.82
C THR A 68 -22.50 -20.08 20.30
N GLN A 69 -22.19 -18.86 19.89
CA GLN A 69 -20.86 -18.53 19.36
C GLN A 69 -20.69 -17.04 19.41
N GLU A 70 -19.44 -16.59 19.22
CA GLU A 70 -19.11 -15.17 19.14
C GLU A 70 -19.96 -14.46 18.09
N VAL A 71 -20.24 -13.18 18.34
CA VAL A 71 -20.90 -12.34 17.37
C VAL A 71 -19.90 -12.01 16.26
N ARG A 72 -20.38 -12.06 15.03
CA ARG A 72 -19.64 -11.52 13.89
C ARG A 72 -20.14 -10.12 13.60
N ALA A 73 -19.23 -9.18 13.42
CA ALA A 73 -19.63 -7.81 13.11
C ALA A 73 -18.58 -7.06 12.30
N VAL A 74 -19.04 -6.39 11.24
N VAL A 74 -19.01 -6.41 11.22
CA VAL A 74 -18.21 -5.53 10.41
CA VAL A 74 -18.13 -5.59 10.40
C VAL A 74 -19.09 -4.63 9.54
C VAL A 74 -18.95 -4.58 9.62
N ALA A 75 -18.55 -3.49 9.14
N ALA A 75 -18.28 -3.56 9.10
CA ALA A 75 -19.16 -2.63 8.13
CA ALA A 75 -18.97 -2.48 8.44
C ALA A 75 -20.68 -2.52 8.25
C ALA A 75 -20.13 -2.05 9.31
N ASN A 76 -21.13 -2.01 9.39
N ASN A 76 -21.34 -2.12 8.76
CA ASN A 76 -22.55 -1.71 9.64
CA ASN A 76 -22.54 -1.74 9.50
C ASN A 76 -23.50 -2.90 9.74
C ASN A 76 -23.51 -2.90 9.71
N GLU A 77 -22.97 -4.10 9.93
CA GLU A 77 -23.59 -5.42 9.95
C GLU A 77 -23.05 -6.35 11.02
N ALA A 78 -23.96 -7.03 11.70
CA ALA A 78 -23.60 -8.13 12.57
C ALA A 78 -24.38 -9.36 12.17
N ALA A 79 -23.83 -10.53 12.49
CA ALA A 79 -24.57 -11.78 12.37
C ALA A 79 -24.20 -12.68 13.53
N PHE A 80 -25.10 -13.56 13.94
CA PHE A 80 -24.87 -14.41 15.11
C PHE A 80 -25.68 -15.70 15.12
N ALA A 81 -25.06 -16.73 15.68
CA ALA A 81 -25.68 -18.03 15.87
C ALA A 81 -26.17 -18.11 17.31
N PHE A 82 -27.36 -18.69 17.47
CA PHE A 82 -28.04 -18.73 18.76
C PHE A 82 -29.11 -19.80 18.73
N THR A 83 -29.66 -20.08 19.91
CA THR A 83 -30.83 -20.93 20.06
C THR A 83 -32.00 -20.19 20.71
N VAL A 84 -33.21 -20.58 20.34
CA VAL A 84 -34.44 -20.03 20.91
C VAL A 84 -35.28 -21.22 21.30
N SER A 85 -35.47 -21.42 22.60
CA SER A 85 -36.16 -22.60 23.12
C SER A 85 -37.43 -22.25 23.89
N PHE A 86 -38.46 -23.05 23.69
CA PHE A 86 -39.73 -22.85 24.38
C PHE A 86 -40.44 -24.18 24.56
N GLU A 87 -41.37 -24.22 25.51
CA GLU A 87 -42.04 -25.47 25.86
C GLU A 87 -43.54 -25.25 26.02
N TYR A 88 -44.33 -26.09 25.35
CA TYR A 88 -45.77 -25.87 25.28
C TYR A 88 -46.53 -27.13 24.88
N GLN A 89 -47.69 -27.33 25.50
CA GLN A 89 -48.56 -28.50 25.26
C GLN A 89 -47.81 -29.79 25.06
N GLY A 90 -46.93 -30.09 26.02
CA GLY A 90 -46.13 -31.29 26.01
C GLY A 90 -44.67 -30.91 25.96
N ARG A 91 -44.26 -30.41 24.81
CA ARG A 91 -42.86 -30.48 24.48
C ARG A 91 -42.15 -29.18 24.25
N LYS A 92 -40.85 -29.36 24.26
CA LYS A 92 -39.89 -28.31 24.18
C LYS A 92 -39.38 -28.31 22.76
N THR A 93 -39.26 -27.11 22.22
CA THR A 93 -38.76 -26.89 20.87
C THR A 93 -37.54 -25.96 20.94
N VAL A 94 -36.44 -26.40 20.32
CA VAL A 94 -35.23 -25.60 20.17
C VAL A 94 -35.05 -25.24 18.70
N VAL A 95 -35.15 -23.96 18.37
CA VAL A 95 -34.88 -23.45 17.04
C VAL A 95 -33.45 -22.90 17.06
N ALA A 96 -32.73 -23.07 15.95
CA ALA A 96 -31.34 -22.63 15.84
C ALA A 96 -31.16 -21.79 14.58
N PRO A 97 -31.50 -20.50 14.67
CA PRO A 97 -31.33 -19.63 13.52
C PRO A 97 -29.94 -19.00 13.43
N ILE A 98 -29.66 -18.42 12.29
CA ILE A 98 -28.63 -17.42 12.16
C ILE A 98 -29.33 -16.10 11.84
N ASP A 99 -29.10 -15.10 12.67
CA ASP A 99 -29.69 -13.78 12.46
C ASP A 99 -28.67 -12.85 11.86
N HIS A 100 -29.18 -11.79 11.25
CA HIS A 100 -28.39 -10.79 10.58
C HIS A 100 -29.02 -9.42 10.75
N PHE A 101 -28.28 -8.51 11.39
CA PHE A 101 -28.67 -7.09 11.51
C PHE A 101 -27.92 -6.19 10.52
N ARG A 102 -28.62 -5.23 9.92
N ARG A 102 -28.62 -5.22 9.93
CA ARG A 102 -28.00 -4.07 9.28
CA ARG A 102 -27.98 -4.08 9.27
C ARG A 102 -28.32 -2.87 10.18
C ARG A 102 -28.34 -2.84 10.10
N PHE A 103 -27.33 -2.02 10.42
CA PHE A 103 -27.50 -0.85 11.30
C PHE A 103 -27.43 0.44 10.49
N ASN A 104 -28.18 1.46 10.90
CA ASN A 104 -28.04 2.79 10.28
C ASN A 104 -26.94 3.61 10.96
N GLY A 105 -26.64 4.78 10.40
CA GLY A 105 -25.66 5.71 10.97
C GLY A 105 -25.84 6.02 12.45
N ALA A 106 -27.09 6.03 12.90
CA ALA A 106 -27.40 6.25 14.32
C ALA A 106 -27.18 4.99 15.16
N GLY A 107 -26.83 3.87 14.51
CA GLY A 107 -26.56 2.63 15.22
C GLY A 107 -27.82 1.91 15.70
N LYS A 108 -28.94 2.13 15.01
CA LYS A 108 -30.16 1.35 15.24
C LYS A 108 -30.42 0.38 14.08
N VAL A 109 -30.99 -0.76 14.42
CA VAL A 109 -31.18 -1.85 13.46
C VAL A 109 -32.24 -1.48 12.43
N VAL A 110 -31.81 -1.24 11.18
N VAL A 110 -31.80 -1.31 11.17
CA VAL A 110 -32.72 -0.82 10.13
CA VAL A 110 -32.68 -0.94 10.07
C VAL A 110 -33.39 -1.96 9.39
C VAL A 110 -33.37 -2.12 9.38
N SER A 111 -32.92 -3.18 9.56
N SER A 111 -32.81 -3.32 9.48
CA SER A 111 -33.25 -4.50 9.03
CA SER A 111 -33.15 -4.62 8.87
C SER A 111 -32.65 -5.65 9.81
C SER A 111 -32.66 -5.79 9.70
N MET A 112 -33.49 -6.63 10.10
N MET A 112 -33.59 -6.67 10.08
CA MET A 112 -33.05 -7.89 10.65
CA MET A 112 -33.26 -7.93 10.70
C MET A 112 -33.71 -9.00 9.87
C MET A 112 -33.76 -9.01 9.78
N ARG A 113 -32.91 -9.96 9.42
CA ARG A 113 -33.36 -11.18 8.77
C ARG A 113 -32.88 -12.45 9.51
N ALA A 114 -33.83 -13.31 9.85
CA ALA A 114 -33.56 -14.52 10.63
C ALA A 114 -33.60 -15.72 9.71
N LEU A 115 -32.46 -16.36 9.49
CA LEU A 115 -32.39 -17.46 8.52
C LEU A 115 -32.37 -18.83 9.20
N PHE A 116 -33.44 -19.59 8.98
CA PHE A 116 -33.58 -20.94 9.52
C PHE A 116 -34.77 -21.66 8.86
N GLY A 117 -34.64 -22.96 8.66
CA GLY A 117 -35.72 -23.78 8.08
C GLY A 117 -36.21 -24.83 9.06
N GLU A 118 -37.14 -25.67 8.59
N GLU A 118 -37.13 -25.68 8.63
CA GLU A 118 -37.65 -26.82 9.36
CA GLU A 118 -37.64 -26.73 9.52
C GLU A 118 -36.52 -27.66 9.97
C GLU A 118 -36.53 -27.70 9.98
N LYS A 119 -35.44 -27.81 9.21
CA LYS A 119 -34.28 -28.62 9.64
C LYS A 119 -33.55 -28.03 10.83
N ASN A 120 -33.74 -26.73 11.06
CA ASN A 120 -33.15 -26.05 12.19
C ASN A 120 -34.11 -25.92 13.37
N ILE A 121 -35.27 -26.60 13.28
CA ILE A 121 -36.27 -26.58 14.34
C ILE A 121 -36.33 -27.93 15.05
N HIS A 122 -35.81 -27.99 16.26
CA HIS A 122 -35.62 -29.26 16.97
C HIS A 122 -36.61 -29.40 18.14
N ALA A 123 -37.44 -30.44 18.09
CA ALA A 123 -38.48 -30.66 19.11
C ALA A 123 -38.72 -32.14 19.35
N MET B 1 -37.69 -22.33 -3.52
CA MET B 1 -37.86 -23.03 -4.83
C MET B 1 -36.69 -24.00 -5.07
N ASN B 2 -35.49 -23.56 -4.69
CA ASN B 2 -34.38 -24.45 -4.36
C ASN B 2 -34.77 -25.28 -3.14
N THR B 3 -34.19 -26.47 -2.98
CA THR B 3 -34.48 -27.28 -1.80
C THR B 3 -33.43 -26.99 -0.73
N PRO B 4 -33.82 -27.10 0.56
CA PRO B 4 -32.84 -26.90 1.63
C PRO B 4 -31.71 -27.94 1.56
N GLU B 5 -32.04 -29.15 1.12
CA GLU B 5 -31.06 -30.22 0.99
C GLU B 5 -29.97 -29.92 -0.04
N HIS B 6 -30.36 -29.35 -1.17
CA HIS B 6 -29.37 -28.97 -2.20
C HIS B 6 -28.51 -27.80 -1.73
N MET B 7 -29.12 -26.81 -1.11
CA MET B 7 -28.31 -25.68 -0.64
C MET B 7 -27.35 -26.16 0.46
N THR B 8 -27.81 -27.08 1.30
CA THR B 8 -27.01 -27.62 2.40
C THR B 8 -25.82 -28.45 1.89
N ALA B 9 -26.07 -29.35 0.94
CA ALA B 9 -24.98 -30.14 0.33
C ALA B 9 -23.96 -29.22 -0.34
N VAL B 10 -24.43 -28.15 -0.98
CA VAL B 10 -23.55 -27.16 -1.58
C VAL B 10 -22.65 -26.45 -0.57
N VAL B 11 -23.17 -26.14 0.63
CA VAL B 11 -22.35 -25.56 1.71
C VAL B 11 -21.27 -26.53 2.14
N GLN B 12 -21.67 -27.77 2.37
CA GLN B 12 -20.73 -28.80 2.74
C GLN B 12 -19.65 -28.99 1.67
N ARG B 13 -20.07 -29.01 0.40
N ARG B 13 -20.07 -28.99 0.40
CA ARG B 13 -19.17 -29.18 -0.74
CA ARG B 13 -19.15 -29.20 -0.72
C ARG B 13 -18.17 -28.04 -0.79
C ARG B 13 -18.19 -28.03 -0.88
N TYR B 14 -18.67 -26.82 -0.54
CA TYR B 14 -17.84 -25.62 -0.47
C TYR B 14 -16.69 -25.74 0.51
N VAL B 15 -17.01 -26.20 1.72
CA VAL B 15 -16.03 -26.51 2.76
C VAL B 15 -15.06 -27.59 2.33
N ALA B 16 -15.58 -28.65 1.70
CA ALA B 16 -14.75 -29.79 1.32
C ALA B 16 -13.68 -29.40 0.29
N ALA B 17 -14.09 -28.64 -0.73
CA ALA B 17 -13.19 -28.20 -1.78
C ALA B 17 -12.14 -27.22 -1.29
N LEU B 18 -12.51 -26.36 -0.34
CA LEU B 18 -11.55 -25.48 0.33
C LEU B 18 -10.50 -26.36 1.01
N ASN B 19 -10.97 -27.27 1.84
CA ASN B 19 -10.07 -28.27 2.42
C ASN B 19 -9.21 -29.02 1.39
N ALA B 20 -9.80 -29.40 0.26
CA ALA B 20 -9.05 -30.17 -0.75
C ALA B 20 -8.27 -29.29 -1.73
N GLY B 21 -8.34 -27.98 -1.57
CA GLY B 21 -7.61 -27.04 -2.41
C GLY B 21 -8.07 -27.07 -3.84
N ASP B 22 -9.38 -27.24 -4.02
CA ASP B 22 -9.96 -27.55 -5.32
C ASP B 22 -10.65 -26.32 -5.92
N LEU B 23 -9.81 -25.46 -6.49
CA LEU B 23 -10.24 -24.20 -7.08
C LEU B 23 -11.44 -24.42 -8.01
N ASP B 24 -11.32 -25.39 -8.91
CA ASP B 24 -12.38 -25.67 -9.87
C ASP B 24 -13.70 -26.08 -9.19
N GLY B 25 -13.62 -26.89 -8.14
CA GLY B 25 -14.82 -27.36 -7.44
C GLY B 25 -15.56 -26.22 -6.78
N ILE B 26 -14.81 -25.24 -6.28
CA ILE B 26 -15.36 -24.06 -5.64
C ILE B 26 -16.07 -23.15 -6.65
N VAL B 27 -15.34 -22.76 -7.69
CA VAL B 27 -15.89 -21.88 -8.73
C VAL B 27 -17.11 -22.49 -9.44
N ALA B 28 -17.11 -23.81 -9.62
CA ALA B 28 -18.26 -24.52 -10.21
C ALA B 28 -19.57 -24.36 -9.40
N LEU B 29 -19.47 -24.04 -8.12
CA LEU B 29 -20.63 -23.77 -7.27
C LEU B 29 -21.34 -22.46 -7.62
N PHE B 30 -20.60 -21.51 -8.19
CA PHE B 30 -21.14 -20.18 -8.48
C PHE B 30 -21.70 -20.08 -9.91
N ALA B 31 -22.75 -19.27 -10.08
CA ALA B 31 -23.22 -18.88 -11.41
C ALA B 31 -22.24 -17.89 -12.04
N ASP B 32 -22.42 -17.64 -13.34
CA ASP B 32 -21.45 -16.83 -14.09
C ASP B 32 -21.49 -15.35 -13.75
N ASP B 33 -22.65 -14.88 -13.28
CA ASP B 33 -22.84 -13.49 -12.93
C ASP B 33 -22.84 -13.31 -11.41
N ALA B 34 -22.28 -14.29 -10.71
CA ALA B 34 -22.25 -14.29 -9.25
C ALA B 34 -21.33 -13.22 -8.67
N THR B 35 -21.51 -12.97 -7.38
CA THR B 35 -20.69 -12.00 -6.65
C THR B 35 -20.21 -12.64 -5.35
N VAL B 36 -18.97 -12.32 -4.97
CA VAL B 36 -18.44 -12.68 -3.67
C VAL B 36 -18.09 -11.39 -2.97
N GLU B 37 -18.52 -11.26 -1.73
CA GLU B 37 -18.20 -10.11 -0.89
C GLU B 37 -17.56 -10.64 0.38
N GLU B 38 -16.23 -10.70 0.40
CA GLU B 38 -15.47 -11.24 1.55
C GLU B 38 -14.23 -10.39 1.80
N PRO B 39 -14.17 -9.68 2.93
CA PRO B 39 -15.22 -9.63 3.97
C PRO B 39 -16.42 -8.78 3.58
N VAL B 40 -17.46 -8.79 4.40
CA VAL B 40 -18.54 -7.81 4.25
C VAL B 40 -17.95 -6.41 4.46
N GLY B 41 -18.41 -5.46 3.65
CA GLY B 41 -17.82 -4.11 3.60
C GLY B 41 -16.92 -3.86 2.41
N SER B 42 -16.25 -4.91 1.90
CA SER B 42 -15.28 -4.77 0.81
C SER B 42 -15.98 -4.77 -0.54
N GLU B 43 -15.25 -4.38 -1.60
N GLU B 43 -15.24 -4.40 -1.60
CA GLU B 43 -15.83 -4.29 -2.94
CA GLU B 43 -15.77 -4.35 -2.97
C GLU B 43 -16.17 -5.68 -3.49
C GLU B 43 -16.18 -5.74 -3.44
N PRO B 44 -17.42 -5.90 -3.90
CA PRO B 44 -17.86 -7.19 -4.45
C PRO B 44 -17.07 -7.63 -5.69
N ARG B 45 -16.69 -8.90 -5.72
CA ARG B 45 -16.00 -9.48 -6.88
C ARG B 45 -17.04 -10.05 -7.78
N SER B 46 -17.05 -9.57 -9.01
CA SER B 46 -18.15 -9.84 -9.91
C SER B 46 -17.70 -10.70 -11.07
N GLY B 47 -18.34 -11.85 -11.21
CA GLY B 47 -18.13 -12.73 -12.36
C GLY B 47 -17.12 -13.83 -12.12
N THR B 48 -17.09 -14.81 -13.02
CA THR B 48 -16.30 -16.03 -12.84
C THR B 48 -14.79 -15.78 -12.67
N ALA B 49 -14.23 -14.91 -13.50
CA ALA B 49 -12.79 -14.62 -13.47
C ALA B 49 -12.35 -13.97 -12.15
N ALA B 50 -13.10 -12.96 -11.69
CA ALA B 50 -12.79 -12.26 -10.45
C ALA B 50 -12.97 -13.18 -9.24
N ILE B 51 -14.04 -13.99 -9.27
CA ILE B 51 -14.31 -14.93 -8.20
C ILE B 51 -13.22 -16.01 -8.17
N ARG B 52 -12.90 -16.53 -9.35
CA ARG B 52 -11.82 -17.50 -9.51
C ARG B 52 -10.48 -16.97 -8.97
N GLU B 53 -10.15 -15.72 -9.28
CA GLU B 53 -8.90 -15.14 -8.79
C GLU B 53 -8.89 -15.02 -7.25
N PHE B 54 -10.06 -14.77 -6.66
CA PHE B 54 -10.17 -14.61 -5.19
C PHE B 54 -9.84 -15.91 -4.48
N TYR B 55 -10.41 -16.99 -4.99
CA TYR B 55 -10.17 -18.33 -4.49
C TYR B 55 -8.78 -18.85 -4.85
N ALA B 56 -8.29 -18.53 -6.04
CA ALA B 56 -6.91 -18.82 -6.39
C ALA B 56 -5.95 -18.20 -5.34
N ASN B 57 -6.16 -16.93 -5.03
CA ASN B 57 -5.34 -16.28 -4.00
C ASN B 57 -5.49 -16.89 -2.61
N SER B 58 -6.72 -17.19 -2.22
CA SER B 58 -6.99 -17.81 -0.91
C SER B 58 -6.29 -19.15 -0.74
N LEU B 59 -6.32 -19.97 -1.79
CA LEU B 59 -5.76 -21.32 -1.74
C LEU B 59 -4.24 -21.34 -1.92
N LYS B 60 -3.61 -20.17 -1.95
CA LYS B 60 -2.14 -20.10 -1.92
C LYS B 60 -1.55 -20.69 -0.64
N LEU B 61 -2.34 -20.68 0.44
CA LEU B 61 -1.99 -21.38 1.68
C LEU B 61 -2.94 -22.55 1.94
N PRO B 62 -2.45 -23.62 2.60
CA PRO B 62 -3.30 -24.74 2.98
C PRO B 62 -4.32 -24.33 4.04
N LEU B 63 -5.58 -24.68 3.82
CA LEU B 63 -6.64 -24.31 4.73
C LEU B 63 -7.25 -25.53 5.38
N ALA B 64 -7.66 -25.38 6.64
CA ALA B 64 -8.45 -26.37 7.33
C ALA B 64 -9.74 -25.67 7.69
N VAL B 65 -10.79 -25.98 6.91
CA VAL B 65 -12.11 -25.37 7.08
C VAL B 65 -13.08 -26.42 7.58
N GLU B 66 -13.86 -26.05 8.60
CA GLU B 66 -14.96 -26.92 9.03
C GLU B 66 -16.16 -26.19 9.59
N LEU B 67 -17.33 -26.80 9.43
CA LEU B 67 -18.57 -26.25 9.92
C LEU B 67 -18.64 -26.56 11.40
N THR B 68 -18.98 -25.57 12.19
CA THR B 68 -18.95 -25.67 13.64
C THR B 68 -20.37 -25.78 14.20
N GLN B 69 -21.33 -25.88 13.29
CA GLN B 69 -22.75 -25.87 13.60
C GLN B 69 -23.49 -26.25 12.33
N GLU B 70 -24.77 -26.50 12.49
CA GLU B 70 -25.65 -26.88 11.41
C GLU B 70 -25.89 -25.76 10.40
N VAL B 71 -26.08 -26.14 9.14
CA VAL B 71 -26.39 -25.19 8.09
C VAL B 71 -27.84 -24.69 8.22
N ARG B 72 -28.05 -23.43 7.91
CA ARG B 72 -29.40 -22.89 7.87
C ARG B 72 -29.77 -22.71 6.40
N ALA B 73 -30.93 -23.22 6.00
CA ALA B 73 -31.37 -23.09 4.60
C ALA B 73 -32.89 -22.92 4.56
N VAL B 74 -33.36 -21.96 3.76
N VAL B 74 -33.33 -21.95 3.74
CA VAL B 74 -34.79 -21.74 3.58
CA VAL B 74 -34.75 -21.70 3.50
C VAL B 74 -35.00 -20.88 2.35
C VAL B 74 -34.88 -20.69 2.37
N ALA B 75 -36.14 -21.03 1.69
N ALA B 75 -36.06 -20.64 1.76
CA ALA B 75 -36.39 -20.38 0.42
CA ALA B 75 -36.33 -19.72 0.66
C ALA B 75 -35.29 -20.72 -0.57
C ALA B 75 -35.09 -19.29 -0.14
N ASN B 76 -34.49 -19.71 -0.92
N ASN B 76 -34.51 -20.23 -0.89
CA ASN B 76 -33.33 -19.90 -1.80
CA ASN B 76 -33.36 -19.94 -1.78
C ASN B 76 -32.06 -19.34 -1.18
C ASN B 76 -32.10 -19.34 -1.17
N GLU B 77 -31.98 -19.36 0.15
CA GLU B 77 -30.82 -18.89 0.87
C GLU B 77 -30.25 -19.90 1.85
N ALA B 78 -28.96 -19.76 2.15
CA ALA B 78 -28.34 -20.54 3.21
C ALA B 78 -27.36 -19.69 3.97
N ALA B 79 -27.12 -20.06 5.22
CA ALA B 79 -26.12 -19.39 6.01
C ALA B 79 -25.41 -20.40 6.88
N PHE B 80 -24.15 -20.12 7.19
CA PHE B 80 -23.38 -21.05 8.01
C PHE B 80 -22.23 -20.43 8.81
N ALA B 81 -22.01 -20.98 10.00
CA ALA B 81 -20.86 -20.67 10.82
C ALA B 81 -19.80 -21.75 10.65
N PHE B 82 -18.55 -21.30 10.56
CA PHE B 82 -17.44 -22.17 10.25
C PHE B 82 -16.15 -21.50 10.68
N THR B 83 -15.06 -22.25 10.61
CA THR B 83 -13.74 -21.68 10.83
C THR B 83 -12.86 -22.01 9.65
N VAL B 84 -11.95 -21.08 9.35
CA VAL B 84 -10.85 -21.33 8.44
C VAL B 84 -9.58 -21.10 9.24
N SER B 85 -8.76 -22.15 9.30
CA SER B 85 -7.47 -22.09 9.96
C SER B 85 -6.33 -22.31 8.98
N PHE B 86 -5.32 -21.45 9.09
CA PHE B 86 -4.08 -21.56 8.35
C PHE B 86 -2.90 -21.22 9.27
N GLU B 87 -1.73 -21.75 8.95
CA GLU B 87 -0.52 -21.44 9.70
C GLU B 87 0.58 -21.02 8.74
N TYR B 88 1.19 -19.88 9.01
CA TYR B 88 2.17 -19.31 8.10
C TYR B 88 3.18 -18.42 8.79
N GLN B 89 4.46 -18.68 8.50
CA GLN B 89 5.59 -17.89 9.02
C GLN B 89 5.55 -17.71 10.54
N GLY B 90 5.30 -18.81 11.25
CA GLY B 90 5.39 -18.85 12.71
C GLY B 90 4.10 -18.55 13.45
N ARG B 91 2.99 -18.44 12.72
CA ARG B 91 1.72 -18.09 13.35
C ARG B 91 0.53 -18.90 12.85
N LYS B 92 -0.23 -19.43 13.81
CA LYS B 92 -1.51 -20.11 13.56
C LYS B 92 -2.64 -19.09 13.62
N THR B 93 -3.50 -19.06 12.61
CA THR B 93 -4.67 -18.19 12.64
C THR B 93 -5.95 -19.00 12.44
N VAL B 94 -6.97 -18.62 13.22
CA VAL B 94 -8.32 -19.17 13.07
C VAL B 94 -9.29 -18.01 12.80
N VAL B 95 -9.88 -18.01 11.60
CA VAL B 95 -10.89 -17.04 11.22
C VAL B 95 -12.25 -17.72 11.29
N ALA B 96 -13.21 -17.06 11.93
CA ALA B 96 -14.52 -17.65 12.24
C ALA B 96 -15.61 -16.74 11.70
N PRO B 97 -15.94 -16.88 10.40
CA PRO B 97 -16.99 -16.05 9.81
C PRO B 97 -18.37 -16.67 9.96
N ILE B 98 -19.36 -15.92 9.51
CA ILE B 98 -20.65 -16.46 9.16
C ILE B 98 -20.87 -16.08 7.69
N ASP B 99 -21.07 -17.09 6.84
CA ASP B 99 -21.28 -16.92 5.40
C ASP B 99 -22.77 -17.00 5.04
N HIS B 100 -23.13 -16.36 3.94
CA HIS B 100 -24.50 -16.35 3.46
C HIS B 100 -24.49 -16.55 1.96
N PHE B 101 -25.27 -17.52 1.48
CA PHE B 101 -25.46 -17.75 0.03
C PHE B 101 -26.88 -17.39 -0.38
N ARG B 102 -27.02 -16.74 -1.54
N ARG B 102 -27.03 -16.78 -1.56
CA ARG B 102 -28.31 -16.67 -2.25
CA ARG B 102 -28.32 -16.69 -2.22
C ARG B 102 -28.16 -17.61 -3.43
C ARG B 102 -28.20 -17.53 -3.48
N PHE B 103 -29.22 -18.35 -3.75
CA PHE B 103 -29.17 -19.33 -4.83
C PHE B 103 -30.15 -18.92 -5.91
N ASN B 104 -29.75 -19.11 -7.16
CA ASN B 104 -30.64 -18.85 -8.28
C ASN B 104 -31.49 -20.08 -8.56
N GLY B 105 -32.39 -19.98 -9.53
CA GLY B 105 -33.32 -21.05 -9.82
C GLY B 105 -32.63 -22.33 -10.27
N ALA B 106 -31.50 -22.19 -10.95
CA ALA B 106 -30.74 -23.34 -11.44
C ALA B 106 -29.87 -24.00 -10.36
N GLY B 107 -29.91 -23.50 -9.13
CA GLY B 107 -29.22 -24.15 -8.02
C GLY B 107 -27.78 -23.73 -7.79
N LYS B 108 -27.34 -22.71 -8.55
CA LYS B 108 -26.01 -22.11 -8.35
C LYS B 108 -26.08 -20.88 -7.43
N VAL B 109 -24.96 -20.60 -6.77
CA VAL B 109 -24.82 -19.46 -5.86
C VAL B 109 -24.65 -18.20 -6.72
N VAL B 110 -25.59 -17.25 -6.61
CA VAL B 110 -25.48 -15.97 -7.31
C VAL B 110 -24.84 -14.89 -6.45
N SER B 111 -24.81 -15.10 -5.14
CA SER B 111 -24.09 -14.19 -4.26
C SER B 111 -23.63 -14.86 -2.98
N MET B 112 -22.39 -14.57 -2.60
CA MET B 112 -21.90 -14.86 -1.26
C MET B 112 -21.39 -13.59 -0.57
N ARG B 113 -21.66 -13.51 0.73
CA ARG B 113 -21.14 -12.46 1.61
C ARG B 113 -20.58 -13.15 2.86
N ALA B 114 -19.30 -12.90 3.15
CA ALA B 114 -18.64 -13.48 4.31
C ALA B 114 -18.54 -12.40 5.39
N LEU B 115 -19.19 -12.61 6.53
CA LEU B 115 -19.24 -11.59 7.60
C LEU B 115 -18.32 -11.97 8.77
N PHE B 116 -17.22 -11.22 8.89
CA PHE B 116 -16.32 -11.32 10.04
C PHE B 116 -15.56 -10.00 10.18
N GLY B 117 -15.26 -9.65 11.43
CA GLY B 117 -14.40 -8.52 11.74
C GLY B 117 -13.10 -9.00 12.34
N GLU B 118 -12.24 -8.04 12.67
CA GLU B 118 -10.98 -8.31 13.37
C GLU B 118 -11.19 -9.14 14.63
N LYS B 119 -12.30 -8.87 15.32
CA LYS B 119 -12.66 -9.63 16.52
C LYS B 119 -12.87 -11.13 16.28
N ASN B 120 -13.15 -11.52 15.03
CA ASN B 120 -13.33 -12.94 14.70
C ASN B 120 -12.12 -13.57 14.03
N ILE B 121 -10.97 -12.93 14.17
CA ILE B 121 -9.72 -13.47 13.67
C ILE B 121 -8.90 -13.72 14.91
N HIS B 122 -8.63 -14.99 15.20
CA HIS B 122 -7.90 -15.40 16.39
C HIS B 122 -6.55 -15.95 15.96
N ALA B 123 -5.47 -15.27 16.35
CA ALA B 123 -4.15 -15.56 15.80
C ALA B 123 -3.05 -15.24 16.81
N MET C 1 45.89 4.31 -32.80
CA MET C 1 45.77 4.75 -31.38
C MET C 1 44.84 5.95 -31.28
N ASN C 2 43.94 5.94 -30.29
CA ASN C 2 43.07 7.05 -29.97
C ASN C 2 43.86 8.22 -29.40
N THR C 3 43.37 9.45 -29.61
CA THR C 3 44.05 10.62 -29.05
C THR C 3 43.59 10.85 -27.61
N PRO C 4 44.49 11.34 -26.74
CA PRO C 4 44.13 11.67 -25.36
C PRO C 4 43.01 12.70 -25.27
N GLU C 5 42.95 13.63 -26.23
CA GLU C 5 41.93 14.67 -26.23
C GLU C 5 40.54 14.08 -26.46
N HIS C 6 40.45 13.09 -27.36
CA HIS C 6 39.17 12.43 -27.65
C HIS C 6 38.71 11.63 -26.44
N MET C 7 39.56 10.75 -25.94
CA MET C 7 39.24 9.98 -24.73
C MET C 7 38.87 10.91 -23.58
N THR C 8 39.60 12.02 -23.44
CA THR C 8 39.30 13.01 -22.40
C THR C 8 37.94 13.68 -22.64
N ALA C 9 37.67 14.04 -23.90
CA ALA C 9 36.36 14.55 -24.29
C ALA C 9 35.24 13.61 -23.83
N VAL C 10 35.37 12.33 -24.16
CA VAL C 10 34.33 11.35 -23.87
C VAL C 10 34.04 11.23 -22.36
N VAL C 11 35.08 11.26 -21.53
CA VAL C 11 34.92 11.21 -20.08
C VAL C 11 34.12 12.40 -19.61
N GLN C 12 34.49 13.58 -20.09
CA GLN C 12 33.78 14.81 -19.78
C GLN C 12 32.33 14.77 -20.24
N ARG C 13 32.11 14.21 -21.43
N ARG C 13 32.10 14.21 -21.42
CA ARG C 13 30.78 14.06 -21.99
CA ARG C 13 30.75 14.09 -21.97
C ARG C 13 29.91 13.13 -21.14
C ARG C 13 29.90 13.10 -21.17
N TYR C 14 30.52 12.09 -20.57
CA TYR C 14 30.02 11.02 -19.69
C TYR C 14 29.43 11.64 -18.42
N VAL C 15 30.23 12.45 -17.75
CA VAL C 15 29.78 13.24 -16.60
C VAL C 15 28.59 14.13 -16.98
N ALA C 16 28.75 14.89 -18.05
CA ALA C 16 27.71 15.82 -18.51
C ALA C 16 26.36 15.13 -18.81
N ALA C 17 26.41 13.98 -19.47
CA ALA C 17 25.19 13.25 -19.82
C ALA C 17 24.49 12.73 -18.56
N LEU C 18 25.27 12.17 -17.64
CA LEU C 18 24.74 11.74 -16.36
C LEU C 18 24.04 12.92 -15.69
N ASN C 19 24.71 14.06 -15.62
CA ASN C 19 24.11 15.29 -15.11
C ASN C 19 22.87 15.70 -15.87
N ALA C 20 22.87 15.46 -17.18
CA ALA C 20 21.69 15.79 -17.99
C ALA C 20 20.68 14.65 -18.01
N GLY C 21 20.91 13.60 -17.22
CA GLY C 21 20.03 12.43 -17.24
C GLY C 21 19.75 11.98 -18.66
N ASP C 22 20.79 12.02 -19.50
CA ASP C 22 20.63 11.77 -20.92
C ASP C 22 21.16 10.36 -21.22
N LEU C 23 20.26 9.39 -21.06
CA LEU C 23 20.54 7.97 -21.31
C LEU C 23 21.10 7.74 -22.71
N ASP C 24 20.45 8.32 -23.72
CA ASP C 24 20.87 8.14 -25.12
C ASP C 24 22.30 8.63 -25.34
N GLY C 25 22.63 9.77 -24.75
CA GLY C 25 23.98 10.35 -24.86
C GLY C 25 25.04 9.51 -24.18
N ILE C 26 24.68 8.90 -23.04
CA ILE C 26 25.56 7.97 -22.34
C ILE C 26 25.83 6.70 -23.17
N VAL C 27 24.76 6.03 -23.58
CA VAL C 27 24.86 4.81 -24.37
C VAL C 27 25.57 5.00 -25.72
N ALA C 28 25.41 6.17 -26.33
CA ALA C 28 26.10 6.48 -27.59
C ALA C 28 27.63 6.45 -27.45
N LEU C 29 28.14 6.49 -26.22
CA LEU C 29 29.60 6.48 -26.00
C LEU C 29 30.20 5.09 -26.14
N PHE C 30 29.39 4.07 -25.88
CA PHE C 30 29.88 2.70 -25.91
C PHE C 30 29.76 2.03 -27.28
N ALA C 31 30.73 1.19 -27.60
CA ALA C 31 30.63 0.31 -28.77
C ALA C 31 29.50 -0.71 -28.58
N ASP C 32 29.03 -1.26 -29.70
CA ASP C 32 27.99 -2.31 -29.73
C ASP C 32 28.24 -3.44 -28.73
N ASP C 33 29.50 -3.84 -28.60
CA ASP C 33 29.89 -5.03 -27.80
C ASP C 33 30.61 -4.67 -26.50
N ALA C 34 30.33 -3.49 -25.97
CA ALA C 34 31.02 -2.99 -24.78
C ALA C 34 30.64 -3.76 -23.52
N THR C 35 31.46 -3.61 -22.48
CA THR C 35 31.15 -4.18 -21.18
C THR C 35 31.23 -3.13 -20.08
N VAL C 36 30.33 -3.25 -19.11
CA VAL C 36 30.35 -2.40 -17.94
C VAL C 36 30.37 -3.26 -16.70
N GLU C 37 31.38 -3.01 -15.87
CA GLU C 37 31.53 -3.69 -14.59
C GLU C 37 31.47 -2.60 -13.53
N GLU C 38 30.30 -2.41 -12.94
CA GLU C 38 30.12 -1.42 -11.89
C GLU C 38 29.21 -2.02 -10.84
N PRO C 39 29.73 -2.24 -9.63
CA PRO C 39 31.12 -1.99 -9.23
C PRO C 39 32.06 -3.10 -9.71
N VAL C 40 33.36 -2.79 -9.73
CA VAL C 40 34.40 -3.82 -9.91
C VAL C 40 34.06 -5.01 -9.03
N GLY C 41 34.13 -6.21 -9.60
CA GLY C 41 33.79 -7.42 -8.89
C GLY C 41 32.40 -7.95 -9.16
N SER C 42 31.52 -7.13 -9.73
CA SER C 42 30.15 -7.58 -10.06
C SER C 42 30.11 -8.19 -11.47
N GLU C 43 28.99 -8.82 -11.82
CA GLU C 43 28.89 -9.44 -13.15
C GLU C 43 28.92 -8.35 -14.22
N PRO C 44 29.84 -8.49 -15.20
CA PRO C 44 29.87 -7.51 -16.26
C PRO C 44 28.60 -7.54 -17.11
N ARG C 45 28.14 -6.36 -17.50
CA ARG C 45 27.00 -6.21 -18.40
C ARG C 45 27.52 -6.15 -19.83
N SER C 46 27.17 -7.17 -20.62
CA SER C 46 27.66 -7.32 -21.99
C SER C 46 26.63 -6.80 -22.98
N GLY C 47 27.02 -5.88 -23.86
CA GLY C 47 26.16 -5.43 -24.96
C GLY C 47 25.31 -4.20 -24.67
N THR C 48 24.77 -3.61 -25.74
CA THR C 48 24.08 -2.31 -25.68
C THR C 48 22.82 -2.29 -24.80
N ALA C 49 21.98 -3.30 -24.91
CA ALA C 49 20.73 -3.37 -24.15
C ALA C 49 20.98 -3.57 -22.64
N ALA C 50 21.93 -4.43 -22.32
CA ALA C 50 22.38 -4.64 -20.95
C ALA C 50 22.92 -3.34 -20.35
N ILE C 51 23.75 -2.63 -21.12
CA ILE C 51 24.35 -1.40 -20.63
C ILE C 51 23.31 -0.29 -20.55
N ARG C 52 22.44 -0.28 -21.55
CA ARG C 52 21.34 0.67 -21.61
C ARG C 52 20.47 0.54 -20.36
N GLU C 53 20.17 -0.71 -20.00
CA GLU C 53 19.36 -0.96 -18.82
C GLU C 53 20.01 -0.44 -17.55
N PHE C 54 21.32 -0.69 -17.41
CA PHE C 54 22.08 -0.24 -16.25
C PHE C 54 22.01 1.26 -16.06
N TYR C 55 22.18 2.00 -17.15
CA TYR C 55 22.07 3.44 -17.05
C TYR C 55 20.61 3.88 -16.90
N ALA C 56 19.68 3.14 -17.51
CA ALA C 56 18.26 3.38 -17.29
C ALA C 56 17.93 3.34 -15.79
N ASN C 57 18.38 2.30 -15.10
CA ASN C 57 18.14 2.19 -13.66
C ASN C 57 18.87 3.26 -12.86
N SER C 58 20.12 3.51 -13.22
CA SER C 58 20.93 4.56 -12.59
C SER C 58 20.21 5.90 -12.63
N LEU C 59 19.66 6.22 -13.80
CA LEU C 59 19.07 7.53 -14.04
C LEU C 59 17.66 7.68 -13.44
N LYS C 60 17.19 6.70 -12.68
CA LYS C 60 15.90 6.85 -12.02
C LYS C 60 15.95 7.87 -10.89
N LEU C 61 17.14 8.15 -10.38
CA LEU C 61 17.39 9.28 -9.48
C LEU C 61 18.21 10.36 -10.21
N PRO C 62 17.93 11.66 -9.89
CA PRO C 62 18.80 12.74 -10.36
C PRO C 62 20.21 12.62 -9.79
N LEU C 63 21.21 12.76 -10.66
CA LEU C 63 22.60 12.69 -10.25
C LEU C 63 23.28 14.04 -10.43
N ALA C 64 24.14 14.37 -9.47
CA ALA C 64 25.10 15.44 -9.61
C ALA C 64 26.46 14.77 -9.71
N VAL C 65 27.02 14.75 -10.91
CA VAL C 65 28.28 14.09 -11.17
C VAL C 65 29.29 15.15 -11.54
N GLU C 66 30.51 15.05 -11.02
CA GLU C 66 31.58 15.95 -11.43
C GLU C 66 32.96 15.36 -11.22
N LEU C 67 33.88 15.75 -12.10
CA LEU C 67 35.27 15.35 -12.03
C LEU C 67 35.94 16.11 -10.89
N THR C 68 36.64 15.39 -10.03
CA THR C 68 37.33 16.03 -8.91
C THR C 68 38.81 16.30 -9.21
N GLN C 69 39.28 15.78 -10.34
CA GLN C 69 40.65 15.95 -10.79
C GLN C 69 40.70 15.87 -12.32
N GLU C 70 41.88 16.13 -12.85
CA GLU C 70 42.16 15.98 -14.29
C GLU C 70 42.01 14.55 -14.78
N VAL C 71 41.57 14.39 -16.03
CA VAL C 71 41.45 13.07 -16.64
C VAL C 71 42.82 12.49 -17.01
N ARG C 72 42.95 11.17 -16.89
CA ARG C 72 44.18 10.47 -17.25
C ARG C 72 43.97 9.67 -18.52
N ALA C 73 44.70 10.01 -19.59
CA ALA C 73 44.53 9.35 -20.87
C ALA C 73 45.89 9.01 -21.47
N VAL C 74 46.01 7.78 -21.98
CA VAL C 74 47.23 7.31 -22.66
C VAL C 74 46.92 5.98 -23.38
N ALA C 75 47.75 5.61 -24.35
CA ALA C 75 47.42 4.47 -25.21
C ALA C 75 45.93 4.59 -25.58
N ASN C 76 45.15 3.53 -25.44
CA ASN C 76 43.72 3.63 -25.77
C ASN C 76 42.85 3.55 -24.51
N GLU C 77 43.33 4.17 -23.44
CA GLU C 77 42.71 4.02 -22.14
C GLU C 77 42.59 5.37 -21.45
N ALA C 78 41.65 5.45 -20.52
CA ALA C 78 41.49 6.64 -19.69
C ALA C 78 41.02 6.24 -18.31
N ALA C 79 41.44 6.99 -17.30
CA ALA C 79 40.91 6.80 -15.96
C ALA C 79 40.57 8.16 -15.34
N PHE C 80 39.60 8.16 -14.44
CA PHE C 80 39.19 9.42 -13.82
C PHE C 80 38.56 9.28 -12.45
N ALA C 81 38.78 10.32 -11.64
CA ALA C 81 38.19 10.43 -10.33
C ALA C 81 37.02 11.41 -10.40
N PHE C 82 35.98 11.10 -9.64
CA PHE C 82 34.75 11.86 -9.70
C PHE C 82 33.90 11.49 -8.50
N THR C 83 32.84 12.24 -8.31
CA THR C 83 31.84 11.95 -7.29
C THR C 83 30.48 11.91 -7.96
N VAL C 84 29.65 10.99 -7.49
CA VAL C 84 28.27 10.86 -7.93
C VAL C 84 27.41 11.03 -6.70
N SER C 85 26.67 12.14 -6.66
CA SER C 85 25.82 12.47 -5.54
C SER C 85 24.34 12.39 -5.89
N PHE C 86 23.60 11.71 -5.02
CA PHE C 86 22.15 11.65 -5.08
C PHE C 86 21.54 11.73 -3.68
N GLU C 87 20.30 12.21 -3.62
CA GLU C 87 19.56 12.37 -2.37
C GLU C 87 18.17 11.77 -2.53
N TYR C 88 17.78 10.90 -1.62
CA TYR C 88 16.51 10.18 -1.72
C TYR C 88 16.04 9.67 -0.35
N GLN C 89 14.77 9.90 -0.07
CA GLN C 89 14.12 9.42 1.15
C GLN C 89 14.89 9.78 2.44
N GLY C 90 15.34 11.04 2.51
CA GLY C 90 15.93 11.61 3.71
C GLY C 90 17.44 11.48 3.86
N ARG C 91 18.11 10.98 2.83
CA ARG C 91 19.56 10.79 2.86
C ARG C 91 20.27 11.26 1.60
N LYS C 92 21.30 12.08 1.79
CA LYS C 92 22.22 12.48 0.72
C LYS C 92 23.39 11.51 0.69
N THR C 93 23.75 11.09 -0.52
CA THR C 93 24.79 10.10 -0.72
C THR C 93 25.77 10.60 -1.77
N VAL C 94 27.06 10.43 -1.48
CA VAL C 94 28.15 10.79 -2.39
C VAL C 94 29.02 9.55 -2.57
N VAL C 95 29.06 9.03 -3.80
CA VAL C 95 29.92 7.91 -4.15
C VAL C 95 31.15 8.49 -4.85
N ALA C 96 32.33 8.06 -4.45
CA ALA C 96 33.58 8.61 -4.97
C ALA C 96 34.37 7.46 -5.58
N PRO C 97 34.08 7.11 -6.84
CA PRO C 97 34.76 6.02 -7.52
C PRO C 97 35.95 6.50 -8.36
N ILE C 98 36.71 5.55 -8.86
CA ILE C 98 37.65 5.78 -9.94
C ILE C 98 37.17 4.84 -11.05
N ASP C 99 36.89 5.42 -12.23
CA ASP C 99 36.49 4.65 -13.43
C ASP C 99 37.63 4.49 -14.42
N HIS C 100 37.64 3.35 -15.10
CA HIS C 100 38.59 3.09 -16.19
C HIS C 100 37.88 2.74 -17.50
N PHE C 101 38.27 3.43 -18.58
CA PHE C 101 37.80 3.12 -19.95
C PHE C 101 38.91 2.47 -20.77
N ARG C 102 38.55 1.49 -21.59
CA ARG C 102 39.39 1.07 -22.73
C ARG C 102 38.63 1.47 -23.98
N PHE C 103 39.30 2.17 -24.89
CA PHE C 103 38.69 2.62 -26.15
C PHE C 103 39.11 1.74 -27.32
N ASN C 104 38.20 1.54 -28.27
CA ASN C 104 38.49 0.78 -29.49
C ASN C 104 39.03 1.67 -30.61
N GLY C 105 39.34 1.06 -31.75
CA GLY C 105 39.89 1.79 -32.91
C GLY C 105 38.97 2.88 -33.44
N ALA C 106 37.67 2.68 -33.28
CA ALA C 106 36.66 3.65 -33.70
C ALA C 106 36.44 4.80 -32.72
N GLY C 107 37.12 4.77 -31.57
CA GLY C 107 36.96 5.83 -30.57
C GLY C 107 35.81 5.63 -29.62
N LYS C 108 35.18 4.45 -29.68
CA LYS C 108 34.12 4.09 -28.73
C LYS C 108 34.70 3.36 -27.52
N VAL C 109 33.97 3.40 -26.41
CA VAL C 109 34.37 2.71 -25.18
C VAL C 109 33.93 1.25 -25.27
N VAL C 110 34.88 0.33 -25.23
CA VAL C 110 34.59 -1.12 -25.29
C VAL C 110 34.50 -1.80 -23.91
N SER C 111 34.99 -1.12 -22.87
N SER C 111 34.98 -1.09 -22.90
CA SER C 111 34.98 -1.71 -21.52
CA SER C 111 35.07 -1.60 -21.54
C SER C 111 35.19 -0.66 -20.44
C SER C 111 35.10 -0.44 -20.57
N MET C 112 34.18 -0.46 -19.61
N MET C 112 34.19 -0.46 -19.59
CA MET C 112 34.29 0.40 -18.46
CA MET C 112 34.31 0.40 -18.44
C MET C 112 34.28 -0.42 -17.17
C MET C 112 34.27 -0.41 -17.16
N ARG C 113 35.07 0.01 -16.18
CA ARG C 113 35.13 -0.63 -14.87
C ARG C 113 35.14 0.47 -13.80
N ALA C 114 34.16 0.41 -12.91
CA ALA C 114 33.99 1.41 -11.88
C ALA C 114 34.48 0.84 -10.57
N LEU C 115 35.61 1.36 -10.08
CA LEU C 115 36.22 0.86 -8.85
C LEU C 115 35.84 1.74 -7.64
N PHE C 116 35.07 1.14 -6.74
CA PHE C 116 34.74 1.75 -5.45
C PHE C 116 34.18 0.68 -4.55
N GLY C 117 34.39 0.85 -3.24
CA GLY C 117 33.83 -0.03 -2.23
C GLY C 117 32.94 0.76 -1.27
N GLU C 118 32.55 0.12 -0.18
CA GLU C 118 31.71 0.78 0.83
C GLU C 118 32.41 1.98 1.49
N LYS C 119 33.73 1.90 1.69
CA LYS C 119 34.50 3.06 2.20
C LYS C 119 34.42 4.31 1.28
N ASN C 120 34.06 4.12 0.01
CA ASN C 120 33.92 5.22 -0.95
C ASN C 120 32.49 5.72 -1.17
N ILE C 121 31.58 5.36 -0.26
CA ILE C 121 30.17 5.79 -0.32
C ILE C 121 29.88 6.61 0.93
N HIS C 122 29.64 7.90 0.75
CA HIS C 122 29.62 8.87 1.85
C HIS C 122 28.24 9.52 2.05
N ALA C 123 27.90 9.81 3.30
CA ALA C 123 26.51 10.07 3.70
C ALA C 123 26.27 11.45 4.31
N GLY C 124 26.85 12.48 3.69
CA GLY C 124 26.88 13.82 4.29
C GLY C 124 25.59 14.63 4.31
N ALA C 125 24.61 14.17 5.10
CA ALA C 125 23.33 14.87 5.32
C ALA C 125 22.11 14.05 4.86
N MET D 1 42.57 1.27 75.67
CA MET D 1 43.54 1.35 76.81
C MET D 1 43.60 0.01 77.54
N ASN D 2 42.46 -0.65 77.67
CA ASN D 2 42.37 -1.94 78.35
C ASN D 2 42.89 -3.11 77.50
N THR D 3 43.60 -4.04 78.14
CA THR D 3 44.06 -5.24 77.46
C THR D 3 42.98 -6.32 77.55
N PRO D 4 42.94 -7.19 76.53
CA PRO D 4 42.10 -8.39 76.57
C PRO D 4 42.35 -9.26 77.80
N GLU D 5 43.61 -9.40 78.21
CA GLU D 5 43.95 -10.31 79.31
C GLU D 5 43.57 -9.72 80.66
N HIS D 6 43.54 -8.39 80.75
CA HIS D 6 42.99 -7.73 81.94
C HIS D 6 41.48 -7.94 82.04
N MET D 7 40.78 -7.72 80.93
CA MET D 7 39.32 -7.86 80.88
C MET D 7 38.91 -9.31 81.11
N THR D 8 39.71 -10.26 80.62
CA THR D 8 39.39 -11.67 80.81
C THR D 8 39.73 -12.11 82.22
N ALA D 9 40.80 -11.57 82.79
CA ALA D 9 41.11 -11.79 84.20
C ALA D 9 39.96 -11.36 85.10
N VAL D 10 39.36 -10.21 84.78
CA VAL D 10 38.30 -9.63 85.61
C VAL D 10 37.01 -10.43 85.52
N VAL D 11 36.77 -11.04 84.36
CA VAL D 11 35.65 -11.94 84.19
C VAL D 11 35.84 -13.14 85.11
N GLN D 12 37.06 -13.67 85.15
CA GLN D 12 37.34 -14.83 86.00
C GLN D 12 37.39 -14.49 87.49
N ARG D 13 37.78 -13.26 87.80
CA ARG D 13 37.69 -12.76 89.18
C ARG D 13 36.23 -12.62 89.61
N TYR D 14 35.38 -12.25 88.66
CA TYR D 14 33.95 -12.08 88.87
C TYR D 14 33.25 -13.43 89.05
N VAL D 15 33.67 -14.42 88.27
CA VAL D 15 33.17 -15.80 88.38
C VAL D 15 33.75 -16.50 89.60
N ALA D 16 35.02 -16.24 89.88
CA ALA D 16 35.65 -16.73 91.10
C ALA D 16 35.02 -16.13 92.36
N ALA D 17 34.85 -14.81 92.38
CA ALA D 17 34.26 -14.15 93.55
C ALA D 17 32.85 -14.68 93.85
N LEU D 18 32.01 -14.72 92.82
CA LEU D 18 30.66 -15.26 92.95
C LEU D 18 30.67 -16.67 93.55
N ASN D 19 31.54 -17.54 93.05
CA ASN D 19 31.66 -18.90 93.58
C ASN D 19 31.99 -18.92 95.07
N ALA D 20 32.77 -17.94 95.52
CA ALA D 20 33.23 -17.87 96.91
C ALA D 20 32.34 -17.00 97.80
N GLY D 21 31.30 -16.40 97.23
CA GLY D 21 30.42 -15.50 97.99
C GLY D 21 31.19 -14.32 98.56
N ASP D 22 32.18 -13.86 97.82
CA ASP D 22 33.07 -12.81 98.26
C ASP D 22 32.50 -11.49 97.77
N LEU D 23 31.76 -10.81 98.64
CA LEU D 23 30.99 -9.64 98.23
C LEU D 23 31.91 -8.46 97.88
N ASP D 24 32.90 -8.22 98.72
CA ASP D 24 33.83 -7.12 98.49
C ASP D 24 34.64 -7.35 97.23
N GLY D 25 34.95 -8.62 96.97
CA GLY D 25 35.68 -9.00 95.77
C GLY D 25 34.91 -8.71 94.51
N ILE D 26 33.59 -8.88 94.56
CA ILE D 26 32.75 -8.54 93.41
C ILE D 26 32.70 -7.02 93.24
N VAL D 27 32.35 -6.31 94.31
CA VAL D 27 32.17 -4.85 94.26
C VAL D 27 33.45 -4.10 93.89
N ALA D 28 34.60 -4.61 94.35
CA ALA D 28 35.92 -4.07 93.98
C ALA D 28 36.16 -3.97 92.47
N LEU D 29 35.47 -4.78 91.67
CA LEU D 29 35.65 -4.77 90.21
C LEU D 29 35.01 -3.59 89.50
N PHE D 30 34.04 -2.95 90.14
CA PHE D 30 33.25 -1.89 89.52
C PHE D 30 33.79 -0.51 89.81
N ALA D 31 33.61 0.42 88.86
CA ALA D 31 33.86 1.85 89.11
C ALA D 31 32.82 2.38 90.11
N ASP D 32 33.10 3.54 90.71
CA ASP D 32 32.18 4.13 91.71
C ASP D 32 30.86 4.64 91.11
N ASP D 33 30.89 5.11 89.86
CA ASP D 33 29.67 5.47 89.13
C ASP D 33 29.25 4.36 88.15
N ALA D 34 29.64 3.12 88.45
CA ALA D 34 29.30 2.01 87.58
C ALA D 34 27.82 1.69 87.69
N THR D 35 27.26 1.06 86.66
CA THR D 35 25.87 0.65 86.66
C THR D 35 25.75 -0.84 86.48
N VAL D 36 24.65 -1.39 86.96
CA VAL D 36 24.37 -2.81 86.86
C VAL D 36 22.91 -2.98 86.48
N GLU D 37 22.67 -3.75 85.42
CA GLU D 37 21.33 -3.92 84.87
C GLU D 37 21.04 -5.38 84.61
N GLU D 38 20.61 -6.08 85.65
CA GLU D 38 20.35 -7.49 85.57
C GLU D 38 18.98 -7.81 86.12
N PRO D 39 18.08 -8.37 85.28
CA PRO D 39 18.23 -8.66 83.85
C PRO D 39 18.06 -7.44 82.95
N VAL D 40 18.60 -7.50 81.74
CA VAL D 40 18.33 -6.48 80.72
C VAL D 40 16.84 -6.19 80.70
N GLY D 41 16.49 -4.90 80.77
CA GLY D 41 15.10 -4.48 80.87
C GLY D 41 14.67 -4.10 82.28
N SER D 42 15.51 -4.42 83.27
CA SER D 42 15.32 -3.90 84.63
C SER D 42 15.92 -2.49 84.70
N GLU D 43 15.35 -1.63 85.53
N GLU D 43 15.36 -1.64 85.57
CA GLU D 43 15.90 -0.30 85.75
CA GLU D 43 15.92 -0.31 85.84
C GLU D 43 17.32 -0.38 86.31
C GLU D 43 17.35 -0.46 86.32
N PRO D 44 18.32 0.12 85.57
CA PRO D 44 19.72 0.01 85.96
C PRO D 44 20.02 0.52 87.36
N ARG D 45 20.87 -0.22 88.04
CA ARG D 45 21.27 0.08 89.39
C ARG D 45 22.53 0.90 89.30
N SER D 46 22.53 2.08 89.91
CA SER D 46 23.61 3.04 89.77
C SER D 46 24.33 3.28 91.10
N GLY D 47 25.65 3.08 91.09
CA GLY D 47 26.49 3.50 92.22
C GLY D 47 26.89 2.38 93.16
N THR D 48 27.91 2.67 93.98
CA THR D 48 28.57 1.67 94.83
C THR D 48 27.62 0.95 95.79
N ALA D 49 26.76 1.72 96.46
CA ALA D 49 25.83 1.17 97.44
C ALA D 49 24.81 0.25 96.76
N ALA D 50 24.17 0.77 95.71
CA ALA D 50 23.16 0.03 94.96
C ALA D 50 23.73 -1.29 94.46
N ILE D 51 24.91 -1.22 93.86
CA ILE D 51 25.58 -2.39 93.31
C ILE D 51 25.86 -3.44 94.38
N ARG D 52 26.35 -3.01 95.53
CA ARG D 52 26.69 -3.93 96.61
C ARG D 52 25.45 -4.67 97.12
N GLU D 53 24.39 -3.92 97.38
CA GLU D 53 23.14 -4.52 97.84
C GLU D 53 22.50 -5.42 96.75
N PHE D 54 22.67 -5.08 95.48
CA PHE D 54 22.27 -6.00 94.41
C PHE D 54 22.98 -7.35 94.55
N TYR D 55 24.30 -7.32 94.71
CA TYR D 55 25.04 -8.56 94.84
C TYR D 55 24.86 -9.24 96.18
N ALA D 56 24.69 -8.44 97.24
CA ALA D 56 24.40 -9.00 98.56
C ALA D 56 23.18 -9.91 98.48
N ASN D 57 22.11 -9.40 97.87
CA ASN D 57 20.87 -10.16 97.76
C ASN D 57 21.10 -11.37 96.84
N SER D 58 21.77 -11.11 95.74
CA SER D 58 22.17 -12.13 94.76
C SER D 58 22.90 -13.34 95.38
N LEU D 59 23.61 -13.12 96.50
CA LEU D 59 24.41 -14.16 97.15
C LEU D 59 23.74 -14.84 98.37
N LYS D 60 22.42 -14.70 98.49
CA LYS D 60 21.73 -15.26 99.65
C LYS D 60 21.81 -16.78 99.70
N LEU D 61 21.89 -17.41 98.54
CA LEU D 61 22.13 -18.84 98.45
C LEU D 61 23.50 -19.06 97.88
N PRO D 62 24.16 -20.18 98.25
CA PRO D 62 25.47 -20.49 97.69
C PRO D 62 25.34 -20.83 96.22
N LEU D 63 26.21 -20.26 95.37
CA LEU D 63 26.12 -20.46 93.93
C LEU D 63 27.29 -21.25 93.36
N ALA D 64 27.01 -21.96 92.28
CA ALA D 64 28.04 -22.61 91.48
C ALA D 64 28.02 -21.92 90.14
N VAL D 65 29.01 -21.07 89.91
CA VAL D 65 29.09 -20.24 88.72
C VAL D 65 30.23 -20.71 87.85
N GLU D 66 29.93 -21.09 86.61
CA GLU D 66 31.00 -21.47 85.70
C GLU D 66 30.81 -20.92 84.29
N LEU D 67 31.92 -20.43 83.73
CA LEU D 67 31.98 -19.98 82.33
C LEU D 67 31.81 -21.18 81.40
N THR D 68 30.85 -21.07 80.47
CA THR D 68 30.50 -22.15 79.53
C THR D 68 31.13 -22.00 78.14
N GLN D 69 31.66 -20.82 77.84
CA GLN D 69 32.50 -20.63 76.66
C GLN D 69 33.65 -19.66 76.95
N GLU D 70 34.57 -19.61 75.99
CA GLU D 70 35.66 -18.65 75.98
C GLU D 70 35.11 -17.24 76.15
N VAL D 71 35.85 -16.39 76.86
CA VAL D 71 35.47 -15.00 76.99
C VAL D 71 35.80 -14.22 75.71
N ARG D 72 34.96 -13.24 75.39
CA ARG D 72 35.15 -12.33 74.26
C ARG D 72 35.49 -10.94 74.79
N ALA D 73 36.61 -10.38 74.33
CA ALA D 73 37.06 -9.06 74.75
C ALA D 73 37.64 -8.27 73.57
N VAL D 74 37.18 -7.03 73.41
CA VAL D 74 37.69 -6.13 72.37
C VAL D 74 37.26 -4.70 72.70
N ALA D 75 38.15 -3.73 72.43
CA ALA D 75 37.89 -2.30 72.65
C ALA D 75 37.18 -1.92 73.96
N ASN D 76 37.78 -2.23 75.10
CA ASN D 76 37.25 -1.85 76.42
C ASN D 76 35.93 -2.53 76.83
N GLU D 77 35.46 -3.49 76.06
CA GLU D 77 34.25 -4.23 76.41
C GLU D 77 34.57 -5.71 76.51
N ALA D 78 33.72 -6.46 77.21
CA ALA D 78 33.79 -7.93 77.17
C ALA D 78 32.45 -8.63 77.37
N ALA D 79 32.32 -9.82 76.77
CA ALA D 79 31.07 -10.59 76.84
C ALA D 79 31.38 -12.02 77.24
N PHE D 80 30.45 -12.67 77.95
CA PHE D 80 30.68 -14.06 78.35
C PHE D 80 29.43 -14.83 78.70
N ALA D 81 29.51 -16.12 78.38
CA ALA D 81 28.45 -17.10 78.56
C ALA D 81 28.81 -18.03 79.70
N PHE D 82 27.80 -18.35 80.51
CA PHE D 82 28.04 -18.98 81.79
C PHE D 82 26.73 -19.44 82.36
N THR D 83 26.81 -20.15 83.49
CA THR D 83 25.64 -20.65 84.17
C THR D 83 25.77 -20.34 85.63
N VAL D 84 24.65 -20.01 86.25
CA VAL D 84 24.57 -19.78 87.67
C VAL D 84 23.72 -20.92 88.22
N SER D 85 24.32 -21.77 89.04
CA SER D 85 23.62 -22.91 89.65
C SER D 85 23.35 -22.70 91.13
N PHE D 86 22.14 -23.06 91.57
CA PHE D 86 21.80 -23.01 92.98
C PHE D 86 20.66 -23.96 93.31
N GLU D 87 20.38 -24.08 94.61
CA GLU D 87 19.39 -25.02 95.11
C GLU D 87 18.58 -24.37 96.21
N TYR D 88 17.27 -24.51 96.12
CA TYR D 88 16.38 -23.99 97.15
C TYR D 88 15.22 -24.95 97.41
N GLN D 89 15.07 -25.34 98.68
CA GLN D 89 14.07 -26.33 99.12
C GLN D 89 14.01 -27.60 98.26
N GLY D 90 15.19 -28.11 97.91
CA GLY D 90 15.31 -29.38 97.19
C GLY D 90 15.11 -29.24 95.69
N ARG D 91 14.98 -28.00 95.22
CA ARG D 91 14.72 -27.73 93.83
C ARG D 91 15.90 -26.98 93.23
N LYS D 92 16.65 -27.66 92.36
CA LYS D 92 17.81 -27.08 91.70
C LYS D 92 17.38 -26.18 90.55
N THR D 93 18.16 -25.13 90.29
CA THR D 93 17.93 -24.25 89.14
C THR D 93 19.29 -23.91 88.52
N VAL D 94 19.35 -23.82 87.19
CA VAL D 94 20.49 -23.20 86.52
C VAL D 94 19.96 -22.15 85.53
N VAL D 95 20.47 -20.92 85.67
CA VAL D 95 20.21 -19.82 84.76
C VAL D 95 21.42 -19.68 83.85
N ALA D 96 21.20 -19.45 82.56
CA ALA D 96 22.28 -19.31 81.61
C ALA D 96 22.20 -17.96 80.90
N PRO D 97 22.84 -16.91 81.47
CA PRO D 97 22.84 -15.63 80.78
C PRO D 97 24.01 -15.39 79.84
N ILE D 98 23.99 -14.24 79.17
CA ILE D 98 25.19 -13.67 78.58
C ILE D 98 25.35 -12.26 79.16
N ASP D 99 26.50 -12.01 79.79
CA ASP D 99 26.81 -10.71 80.36
C ASP D 99 27.72 -9.91 79.45
N HIS D 100 27.62 -8.58 79.58
CA HIS D 100 28.44 -7.65 78.85
C HIS D 100 29.01 -6.62 79.84
N PHE D 101 30.33 -6.47 79.84
CA PHE D 101 30.97 -5.38 80.58
C PHE D 101 31.45 -4.32 79.63
N ARG D 102 31.34 -3.06 80.05
CA ARG D 102 32.19 -2.00 79.52
C ARG D 102 33.14 -1.57 80.64
N PHE D 103 34.40 -1.31 80.27
CA PHE D 103 35.43 -0.90 81.21
C PHE D 103 35.82 0.54 80.97
N ASN D 104 36.19 1.24 82.05
CA ASN D 104 36.78 2.57 81.92
C ASN D 104 38.29 2.48 81.65
N GLY D 105 38.94 3.63 81.51
CA GLY D 105 40.38 3.69 81.27
C GLY D 105 41.19 3.12 82.42
N ALA D 106 40.63 3.16 83.62
CA ALA D 106 41.31 2.64 84.82
C ALA D 106 41.24 1.11 84.93
N GLY D 107 40.49 0.48 84.02
CA GLY D 107 40.45 -0.97 83.97
C GLY D 107 39.30 -1.59 84.75
N LYS D 108 38.50 -0.75 85.40
CA LYS D 108 37.36 -1.25 86.17
C LYS D 108 36.09 -1.21 85.35
N VAL D 109 35.10 -1.99 85.80
CA VAL D 109 33.84 -2.14 85.10
C VAL D 109 32.93 -0.98 85.41
N VAL D 110 32.54 -0.25 84.36
CA VAL D 110 31.67 0.89 84.51
C VAL D 110 30.22 0.53 84.18
N SER D 111 30.00 -0.63 83.55
CA SER D 111 28.66 -1.17 83.42
C SER D 111 28.60 -2.65 83.11
N MET D 112 27.51 -3.27 83.57
N MET D 112 27.52 -3.29 83.58
CA MET D 112 27.21 -4.65 83.28
CA MET D 112 27.23 -4.69 83.31
C MET D 112 25.74 -4.77 82.96
C MET D 112 25.74 -4.84 83.01
N ARG D 113 25.45 -5.45 81.86
CA ARG D 113 24.11 -5.87 81.51
C ARG D 113 24.12 -7.39 81.40
N ALA D 114 23.15 -8.03 82.06
CA ALA D 114 23.05 -9.48 82.11
C ALA D 114 21.83 -9.96 81.33
N LEU D 115 22.02 -10.44 80.11
CA LEU D 115 20.89 -10.74 79.23
C LEU D 115 20.48 -12.21 79.34
N PHE D 116 19.37 -12.45 80.04
CA PHE D 116 18.72 -13.76 80.06
C PHE D 116 17.21 -13.59 80.18
N GLY D 117 16.49 -14.59 79.67
CA GLY D 117 15.04 -14.61 79.68
C GLY D 117 14.54 -15.89 80.32
N GLU D 118 13.24 -16.08 80.26
CA GLU D 118 12.59 -17.25 80.84
C GLU D 118 13.06 -18.55 80.18
N LYS D 119 13.25 -18.54 78.86
CA LYS D 119 13.75 -19.72 78.13
C LYS D 119 15.13 -20.14 78.62
N ASN D 120 15.84 -19.23 79.28
CA ASN D 120 17.22 -19.48 79.72
C ASN D 120 17.35 -19.90 81.19
N ILE D 121 16.22 -20.22 81.82
CA ILE D 121 16.20 -20.70 83.19
C ILE D 121 15.70 -22.13 83.18
N HIS D 122 16.56 -23.04 83.63
CA HIS D 122 16.34 -24.48 83.53
C HIS D 122 16.24 -25.11 84.92
N ALA D 123 15.42 -26.16 85.06
CA ALA D 123 14.87 -26.51 86.38
C ALA D 123 15.22 -27.90 86.96
N GLY D 124 16.45 -28.39 86.73
CA GLY D 124 16.82 -29.74 87.19
C GLY D 124 18.32 -29.99 87.29
N MET E 1 21.37 22.84 19.42
CA MET E 1 22.31 22.07 20.27
C MET E 1 22.10 20.56 20.08
N ASN E 2 21.49 19.93 21.07
CA ASN E 2 21.16 18.51 21.16
C ASN E 2 21.66 17.52 20.11
N THR E 3 22.50 16.60 20.58
CA THR E 3 22.87 15.47 19.77
C THR E 3 21.70 14.50 19.70
N PRO E 4 21.52 13.88 18.54
CA PRO E 4 20.55 12.81 18.42
C PRO E 4 20.65 11.85 19.61
N GLU E 5 21.88 11.63 20.09
CA GLU E 5 22.12 10.71 21.20
C GLU E 5 21.86 11.27 22.61
N HIS E 6 21.90 12.59 22.78
CA HIS E 6 21.54 13.14 24.10
C HIS E 6 20.08 12.83 24.34
N MET E 7 19.29 13.03 23.29
CA MET E 7 17.85 12.86 23.34
C MET E 7 17.45 11.39 23.51
N THR E 8 18.29 10.47 23.05
CA THR E 8 18.00 9.05 23.23
C THR E 8 18.27 8.63 24.69
N ALA E 9 19.35 9.15 25.27
CA ALA E 9 19.69 8.87 26.66
C ALA E 9 18.63 9.39 27.62
N VAL E 10 18.13 10.60 27.35
CA VAL E 10 17.07 11.21 28.15
C VAL E 10 15.82 10.32 28.12
N VAL E 11 15.49 9.84 26.92
CA VAL E 11 14.39 8.93 26.73
C VAL E 11 14.61 7.66 27.56
N GLN E 12 15.79 7.05 27.45
CA GLN E 12 16.09 5.88 28.28
C GLN E 12 16.06 6.19 29.77
N ARG E 13 16.45 7.40 30.14
CA ARG E 13 16.32 7.88 31.53
C ARG E 13 14.86 8.06 31.95
N TYR E 14 14.04 8.58 31.04
CA TYR E 14 12.60 8.74 31.26
C TYR E 14 11.90 7.38 31.47
N VAL E 15 12.28 6.39 30.66
CA VAL E 15 11.71 5.05 30.74
C VAL E 15 12.29 4.31 31.95
N ALA E 16 13.53 4.64 32.29
CA ALA E 16 14.18 4.10 33.47
C ALA E 16 13.57 4.60 34.77
N ALA E 17 13.40 5.92 34.88
CA ALA E 17 12.86 6.51 36.13
C ALA E 17 11.45 6.00 36.43
N LEU E 18 10.61 5.98 35.39
CA LEU E 18 9.27 5.38 35.47
C LEU E 18 9.29 3.95 36.06
N ASN E 19 10.31 3.16 35.73
CA ASN E 19 10.43 1.80 36.28
C ASN E 19 10.83 1.77 37.74
N ALA E 20 11.62 2.76 38.17
CA ALA E 20 12.10 2.85 39.54
C ALA E 20 11.15 3.64 40.44
N GLY E 21 10.11 4.25 39.85
CA GLY E 21 9.22 5.14 40.60
C GLY E 21 9.96 6.38 41.10
N ASP E 22 10.98 6.77 40.34
CA ASP E 22 11.90 7.82 40.69
C ASP E 22 11.31 9.16 40.26
N LEU E 23 10.41 9.69 41.07
CA LEU E 23 9.68 10.92 40.73
C LEU E 23 10.63 12.08 40.46
N ASP E 24 11.53 12.35 41.42
CA ASP E 24 12.52 13.41 41.28
C ASP E 24 13.32 13.29 39.99
N GLY E 25 13.60 12.06 39.58
CA GLY E 25 14.41 11.80 38.39
C GLY E 25 13.71 12.08 37.08
N ILE E 26 12.40 11.87 37.04
CA ILE E 26 11.59 12.21 35.88
C ILE E 26 11.45 13.72 35.78
N VAL E 27 11.14 14.35 36.91
CA VAL E 27 10.92 15.78 36.95
C VAL E 27 12.18 16.51 36.48
N ALA E 28 13.34 16.05 36.96
CA ALA E 28 14.65 16.62 36.59
C ALA E 28 14.91 16.68 35.07
N LEU E 29 14.30 15.78 34.30
CA LEU E 29 14.48 15.77 32.82
C LEU E 29 13.84 16.95 32.10
N PHE E 30 12.89 17.62 32.77
CA PHE E 30 12.05 18.67 32.16
C PHE E 30 12.56 20.08 32.46
N ALA E 31 12.32 21.00 31.52
CA ALA E 31 12.59 22.42 31.73
C ALA E 31 11.57 23.05 32.68
N ASP E 32 11.81 24.30 33.06
CA ASP E 32 10.93 25.04 34.00
C ASP E 32 9.60 25.40 33.36
N ASP E 33 9.65 25.97 32.17
CA ASP E 33 8.44 26.31 31.42
C ASP E 33 7.93 25.09 30.61
N ALA E 34 8.35 23.90 31.00
CA ALA E 34 7.99 22.70 30.26
C ALA E 34 6.51 22.39 30.39
N THR E 35 5.96 21.78 29.33
CA THR E 35 4.58 21.32 29.36
C THR E 35 4.50 19.80 29.12
N VAL E 36 3.52 19.19 29.76
CA VAL E 36 3.20 17.80 29.55
C VAL E 36 1.74 17.72 29.10
N GLU E 37 1.50 16.93 28.06
CA GLU E 37 0.14 16.76 27.55
C GLU E 37 -0.12 15.28 27.25
N GLU E 38 -0.81 14.63 28.19
CA GLU E 38 -1.07 13.21 28.10
C GLU E 38 -2.46 12.90 28.67
N PRO E 39 -3.35 12.33 27.86
CA PRO E 39 -3.16 12.03 26.45
C PRO E 39 -3.19 13.28 25.60
N VAL E 40 -2.55 13.21 24.43
CA VAL E 40 -2.86 14.13 23.35
C VAL E 40 -4.36 14.41 23.43
N GLY E 41 -4.74 15.68 23.56
CA GLY E 41 -6.15 16.06 23.71
C GLY E 41 -6.50 16.72 25.02
N SER E 42 -5.84 16.30 26.11
CA SER E 42 -6.05 16.95 27.41
C SER E 42 -5.50 18.38 27.40
N GLU E 43 -5.81 19.17 28.42
CA GLU E 43 -5.25 20.50 28.56
C GLU E 43 -3.77 20.35 28.90
N PRO E 44 -2.88 21.00 28.14
CA PRO E 44 -1.47 20.93 28.50
C PRO E 44 -1.25 21.35 29.96
N ARG E 45 -0.43 20.59 30.68
CA ARG E 45 -0.03 20.93 32.03
C ARG E 45 1.29 21.68 31.92
N SER E 46 1.41 22.81 32.63
CA SER E 46 2.56 23.69 32.46
C SER E 46 3.32 23.96 33.75
N GLY E 47 4.65 23.95 33.67
CA GLY E 47 5.49 24.28 34.81
C GLY E 47 5.80 23.11 35.72
N THR E 48 6.77 23.32 36.61
CA THR E 48 7.39 22.24 37.39
C THR E 48 6.43 21.52 38.36
N ALA E 49 5.63 22.30 39.07
CA ALA E 49 4.71 21.75 40.07
C ALA E 49 3.60 20.93 39.43
N ALA E 50 3.06 21.44 38.32
CA ALA E 50 2.02 20.74 37.54
C ALA E 50 2.54 19.43 36.98
N ILE E 51 3.81 19.42 36.55
CA ILE E 51 4.43 18.22 36.01
C ILE E 51 4.77 17.19 37.10
N ARG E 52 5.26 17.66 38.26
N ARG E 52 5.25 17.68 38.25
CA ARG E 52 5.58 16.76 39.36
CA ARG E 52 5.58 16.81 39.37
C ARG E 52 4.33 16.02 39.83
C ARG E 52 4.35 16.05 39.83
N GLU E 53 3.26 16.77 40.08
CA GLU E 53 1.99 16.19 40.54
C GLU E 53 1.36 15.23 39.51
N PHE E 54 1.48 15.56 38.23
CA PHE E 54 1.09 14.64 37.18
C PHE E 54 1.80 13.29 37.27
N TYR E 55 3.11 13.31 37.49
CA TYR E 55 3.88 12.08 37.55
C TYR E 55 3.73 11.32 38.88
N ALA E 56 3.61 12.05 39.98
CA ALA E 56 3.29 11.47 41.29
C ALA E 56 2.06 10.54 41.20
N ASN E 57 1.02 11.04 40.54
CA ASN E 57 -0.23 10.30 40.31
C ASN E 57 -0.04 9.12 39.36
N SER E 58 0.60 9.38 38.24
CA SER E 58 0.93 8.33 37.27
C SER E 58 1.72 7.20 37.92
N LEU E 59 2.33 7.47 39.08
CA LEU E 59 3.18 6.51 39.80
C LEU E 59 2.54 5.89 41.06
N LYS E 60 1.24 6.04 41.24
CA LYS E 60 0.57 5.44 42.39
C LYS E 60 0.65 3.91 42.39
N LEU E 61 0.80 3.32 41.21
CA LEU E 61 1.01 1.88 41.08
C LEU E 61 2.38 1.59 40.47
N PRO E 62 2.97 0.44 40.84
CA PRO E 62 4.23 0.05 40.22
C PRO E 62 4.05 -0.20 38.73
N LEU E 63 4.97 0.33 37.92
CA LEU E 63 4.88 0.16 36.47
C LEU E 63 6.06 -0.61 35.88
N ALA E 64 5.77 -1.29 34.78
CA ALA E 64 6.77 -1.96 33.98
C ALA E 64 6.72 -1.25 32.64
N VAL E 65 7.76 -0.49 32.34
CA VAL E 65 7.78 0.39 31.18
C VAL E 65 8.92 -0.05 30.27
N GLU E 66 8.62 -0.32 29.01
CA GLU E 66 9.66 -0.72 28.08
C GLU E 66 9.44 -0.09 26.71
N LEU E 67 10.52 0.45 26.14
CA LEU E 67 10.50 0.83 24.73
C LEU E 67 10.29 -0.40 23.89
N THR E 68 9.47 -0.28 22.86
CA THR E 68 9.12 -1.38 21.98
C THR E 68 9.71 -1.24 20.58
N GLN E 69 10.34 -0.08 20.31
CA GLN E 69 11.16 0.10 19.09
C GLN E 69 12.33 1.02 19.40
N GLU E 70 13.18 1.22 18.41
CA GLU E 70 14.26 2.18 18.49
C GLU E 70 13.67 3.57 18.69
N VAL E 71 14.41 4.43 19.38
CA VAL E 71 14.04 5.84 19.52
C VAL E 71 14.31 6.57 18.21
N ARG E 72 13.41 7.47 17.84
CA ARG E 72 13.62 8.39 16.72
C ARG E 72 14.02 9.75 17.28
N ALA E 73 15.11 10.31 16.76
CA ALA E 73 15.62 11.60 17.21
C ALA E 73 16.20 12.40 16.05
N VAL E 74 15.90 13.70 16.00
CA VAL E 74 16.34 14.59 14.92
C VAL E 74 15.91 16.03 15.22
N ALA E 75 16.76 16.99 14.91
CA ALA E 75 16.49 18.43 15.16
C ALA E 75 15.72 18.75 16.47
N ASN E 76 16.36 18.46 17.61
CA ASN E 76 15.80 18.79 18.94
C ASN E 76 14.41 18.21 19.26
N GLU E 77 14.05 17.13 18.58
CA GLU E 77 12.79 16.43 18.82
C GLU E 77 13.02 14.92 18.81
N ALA E 78 12.22 14.20 19.59
CA ALA E 78 12.33 12.75 19.69
C ALA E 78 10.98 12.09 19.89
N ALA E 79 10.74 10.97 19.20
CA ALA E 79 9.50 10.23 19.34
C ALA E 79 9.80 8.76 19.60
N PHE E 80 9.04 8.11 20.47
CA PHE E 80 9.29 6.71 20.80
C PHE E 80 8.02 5.95 21.16
N ALA E 81 7.96 4.71 20.68
CA ALA E 81 6.89 3.77 21.00
C ALA E 81 7.30 2.90 22.18
N PHE E 82 6.35 2.66 23.07
CA PHE E 82 6.60 1.96 24.31
C PHE E 82 5.31 1.45 24.92
N THR E 83 5.44 0.65 25.96
CA THR E 83 4.30 0.14 26.72
C THR E 83 4.50 0.43 28.18
N VAL E 84 3.38 0.57 28.87
CA VAL E 84 3.32 0.85 30.30
C VAL E 84 2.45 -0.24 30.90
N SER E 85 3.02 -1.05 31.80
CA SER E 85 2.29 -2.20 32.34
C SER E 85 2.04 -2.12 33.83
N PHE E 86 0.80 -2.35 34.22
CA PHE E 86 0.43 -2.34 35.63
C PHE E 86 -0.69 -3.33 35.90
N GLU E 87 -0.93 -3.58 37.19
CA GLU E 87 -1.98 -4.47 37.66
C GLU E 87 -2.71 -3.82 38.83
N TYR E 88 -4.02 -3.97 38.87
CA TYR E 88 -4.81 -3.38 39.94
C TYR E 88 -5.98 -4.31 40.24
N GLN E 89 -6.13 -4.69 41.52
CA GLN E 89 -7.18 -5.62 41.96
C GLN E 89 -7.24 -6.91 41.14
N GLY E 90 -6.06 -7.47 40.87
CA GLY E 90 -5.94 -8.71 40.13
C GLY E 90 -6.18 -8.57 38.64
N ARG E 91 -6.23 -7.34 38.13
CA ARG E 91 -6.49 -7.12 36.72
C ARG E 91 -5.32 -6.35 36.11
N LYS E 92 -4.85 -6.83 34.97
CA LYS E 92 -3.64 -6.32 34.33
C LYS E 92 -3.98 -5.47 33.12
N THR E 93 -3.28 -4.35 32.94
CA THR E 93 -3.46 -3.48 31.77
C THR E 93 -2.12 -3.22 31.08
N VAL E 94 -2.17 -3.11 29.75
CA VAL E 94 -1.02 -2.65 28.94
C VAL E 94 -1.47 -1.43 28.14
N VAL E 95 -0.81 -0.30 28.34
CA VAL E 95 -1.01 0.87 27.49
C VAL E 95 0.14 0.92 26.48
N ALA E 96 -0.14 1.31 25.23
CA ALA E 96 0.90 1.40 24.20
C ALA E 96 0.87 2.77 23.50
N PRO E 97 1.51 3.79 24.10
CA PRO E 97 1.47 5.08 23.44
C PRO E 97 2.66 5.33 22.51
N ILE E 98 2.55 6.38 21.69
CA ILE E 98 3.74 7.00 21.11
C ILE E 98 3.92 8.38 21.73
N ASP E 99 5.07 8.60 22.35
CA ASP E 99 5.40 9.89 22.94
C ASP E 99 6.25 10.71 21.98
N HIS E 100 6.16 12.02 22.14
CA HIS E 100 6.92 12.98 21.36
C HIS E 100 7.59 13.90 22.38
N PHE E 101 8.87 14.20 22.17
CA PHE E 101 9.58 15.24 22.93
C PHE E 101 10.05 16.37 22.01
N ARG E 102 9.99 17.60 22.53
CA ARG E 102 10.80 18.71 22.02
C ARG E 102 11.75 19.20 23.13
N PHE E 103 12.99 19.48 22.74
CA PHE E 103 14.05 19.88 23.66
C PHE E 103 14.48 21.31 23.39
N ASN E 104 14.85 22.02 24.45
CA ASN E 104 15.40 23.38 24.33
C ASN E 104 16.91 23.34 24.06
N GLY E 105 17.54 24.50 24.05
CA GLY E 105 18.99 24.61 23.84
C GLY E 105 19.79 23.96 24.95
N ALA E 106 19.23 23.96 26.16
CA ALA E 106 19.88 23.38 27.33
C ALA E 106 19.81 21.86 27.29
N GLY E 107 18.93 21.34 26.42
CA GLY E 107 18.80 19.91 26.21
C GLY E 107 17.82 19.30 27.19
N LYS E 108 16.93 20.15 27.72
CA LYS E 108 15.87 19.72 28.62
C LYS E 108 14.63 19.58 27.81
N VAL E 109 13.72 18.72 28.29
CA VAL E 109 12.44 18.52 27.65
C VAL E 109 11.55 19.71 27.96
N VAL E 110 11.25 20.50 26.92
CA VAL E 110 10.37 21.64 27.04
C VAL E 110 8.92 21.24 26.78
N SER E 111 8.72 20.06 26.17
CA SER E 111 7.36 19.56 25.93
C SER E 111 7.30 18.04 25.69
N MET E 112 6.25 17.40 26.20
N MET E 112 6.25 17.42 26.24
CA MET E 112 5.99 15.98 26.02
CA MET E 112 5.94 16.00 26.09
C MET E 112 4.52 15.75 25.74
C MET E 112 4.49 15.91 25.64
N ARG E 113 4.25 15.15 24.58
CA ARG E 113 2.89 14.80 24.17
C ARG E 113 2.78 13.30 23.99
N ALA E 114 1.80 12.70 24.67
CA ALA E 114 1.63 11.26 24.67
C ALA E 114 0.38 10.86 23.88
N LEU E 115 0.59 10.44 22.64
CA LEU E 115 -0.52 10.11 21.74
C LEU E 115 -0.93 8.64 21.87
N PHE E 116 -2.06 8.41 22.52
CA PHE E 116 -2.71 7.10 22.57
C PHE E 116 -4.22 7.27 22.73
N GLY E 117 -4.96 6.29 22.23
CA GLY E 117 -6.41 6.21 22.33
C GLY E 117 -6.85 4.87 22.88
N GLU E 118 -8.15 4.64 23.00
CA GLU E 118 -8.67 3.42 23.65
C GLU E 118 -8.21 2.13 22.96
N LYS E 119 -8.06 2.18 21.63
CA LYS E 119 -7.52 1.05 20.86
C LYS E 119 -6.12 0.62 21.33
N ASN E 120 -5.40 1.53 21.99
CA ASN E 120 -4.04 1.24 22.45
C ASN E 120 -3.98 0.96 23.96
N ILE E 121 -5.14 0.70 24.56
CA ILE E 121 -5.21 0.17 25.93
C ILE E 121 -5.67 -1.28 25.83
N HIS E 122 -4.83 -2.18 26.32
CA HIS E 122 -5.04 -3.61 26.14
C HIS E 122 -5.06 -4.30 27.50
N ALA E 123 -5.51 -5.55 27.50
CA ALA E 123 -5.81 -6.29 28.73
C ALA E 123 -4.65 -7.17 29.21
N GLY E 124 -4.93 -7.96 30.25
CA GLY E 124 -3.95 -8.84 30.87
C GLY E 124 -2.89 -9.43 29.97
N MET F 1 -39.45 24.57 -46.79
CA MET F 1 -39.65 25.33 -45.51
C MET F 1 -40.13 24.42 -44.39
N ASN F 2 -41.12 23.56 -44.64
CA ASN F 2 -41.57 22.57 -43.65
C ASN F 2 -40.45 21.64 -43.19
N THR F 3 -40.16 21.65 -41.90
CA THR F 3 -39.13 20.79 -41.35
C THR F 3 -39.62 19.33 -41.26
N PRO F 4 -38.73 18.36 -41.47
CA PRO F 4 -39.08 16.96 -41.18
C PRO F 4 -39.57 16.77 -39.73
N GLU F 5 -39.03 17.57 -38.82
CA GLU F 5 -39.35 17.45 -37.39
C GLU F 5 -40.77 17.91 -37.07
N HIS F 6 -41.25 18.93 -37.77
CA HIS F 6 -42.63 19.34 -37.58
C HIS F 6 -43.56 18.24 -38.11
N MET F 7 -43.30 17.80 -39.34
CA MET F 7 -44.17 16.82 -39.98
C MET F 7 -44.25 15.53 -39.14
N THR F 8 -43.11 15.09 -38.65
CA THR F 8 -43.01 13.94 -37.75
C THR F 8 -43.78 14.15 -36.45
N ALA F 9 -43.64 15.32 -35.85
CA ALA F 9 -44.45 15.68 -34.69
C ALA F 9 -45.95 15.64 -35.01
N VAL F 10 -46.33 16.11 -36.20
CA VAL F 10 -47.75 16.13 -36.58
C VAL F 10 -48.30 14.71 -36.78
N VAL F 11 -47.55 13.84 -37.43
CA VAL F 11 -47.98 12.45 -37.57
C VAL F 11 -48.20 11.84 -36.19
N GLN F 12 -47.24 12.01 -35.29
CA GLN F 12 -47.38 11.48 -33.93
C GLN F 12 -48.62 12.05 -33.22
N ARG F 13 -48.84 13.35 -33.37
CA ARG F 13 -50.02 14.00 -32.82
C ARG F 13 -51.30 13.40 -33.39
N TYR F 14 -51.27 13.09 -34.68
CA TYR F 14 -52.37 12.40 -35.35
C TYR F 14 -52.68 11.10 -34.61
N VAL F 15 -51.65 10.28 -34.40
CA VAL F 15 -51.81 8.99 -33.73
C VAL F 15 -52.26 9.16 -32.28
N ALA F 16 -51.70 10.13 -31.57
CA ALA F 16 -52.06 10.35 -30.16
C ALA F 16 -53.55 10.69 -30.00
N ALA F 17 -54.05 11.56 -30.90
CA ALA F 17 -55.45 11.98 -30.88
C ALA F 17 -56.38 10.81 -31.14
N LEU F 18 -56.06 10.00 -32.15
CA LEU F 18 -56.88 8.84 -32.46
C LEU F 18 -56.96 7.96 -31.21
N ASN F 19 -55.81 7.64 -30.65
CA ASN F 19 -55.75 6.89 -29.39
C ASN F 19 -56.57 7.50 -28.26
N ALA F 20 -56.45 8.81 -28.06
CA ALA F 20 -57.23 9.51 -27.03
C ALA F 20 -58.69 9.79 -27.42
N GLY F 21 -59.06 9.48 -28.66
CA GLY F 21 -60.41 9.78 -29.16
C GLY F 21 -60.71 11.27 -29.20
N ASP F 22 -59.68 12.06 -29.46
CA ASP F 22 -59.73 13.52 -29.40
C ASP F 22 -60.10 14.03 -30.78
N LEU F 23 -61.37 14.31 -30.99
CA LEU F 23 -61.86 14.67 -32.31
C LEU F 23 -61.34 16.03 -32.76
N ASP F 24 -61.35 17.01 -31.86
CA ASP F 24 -60.90 18.36 -32.21
C ASP F 24 -59.42 18.34 -32.54
N GLY F 25 -58.62 17.70 -31.70
CA GLY F 25 -57.20 17.53 -31.94
C GLY F 25 -56.85 16.90 -33.28
N ILE F 26 -57.71 16.03 -33.80
CA ILE F 26 -57.49 15.46 -35.14
C ILE F 26 -57.71 16.49 -36.22
N VAL F 27 -58.92 17.06 -36.25
CA VAL F 27 -59.28 18.01 -37.31
C VAL F 27 -58.40 19.27 -37.26
N ALA F 28 -57.98 19.66 -36.07
CA ALA F 28 -57.07 20.81 -35.92
C ALA F 28 -55.80 20.70 -36.77
N LEU F 29 -55.37 19.48 -37.05
CA LEU F 29 -54.12 19.25 -37.79
C LEU F 29 -54.26 19.58 -39.27
N PHE F 30 -55.48 19.52 -39.77
CA PHE F 30 -55.76 19.78 -41.18
C PHE F 30 -56.01 21.25 -41.42
N ALA F 31 -55.66 21.72 -42.61
CA ALA F 31 -56.04 23.04 -43.08
C ALA F 31 -57.53 22.95 -43.35
N ASP F 32 -58.27 24.06 -43.20
CA ASP F 32 -59.73 23.97 -43.35
C ASP F 32 -60.19 23.46 -44.73
N ASP F 33 -59.34 23.59 -45.75
CA ASP F 33 -59.68 23.27 -47.15
C ASP F 33 -59.16 21.88 -47.57
N ALA F 34 -58.71 21.10 -46.60
CA ALA F 34 -57.99 19.87 -46.85
C ALA F 34 -58.89 18.72 -47.30
N THR F 35 -58.26 17.66 -47.83
CA THR F 35 -58.95 16.47 -48.31
C THR F 35 -58.50 15.19 -47.59
N VAL F 36 -59.44 14.26 -47.44
CA VAL F 36 -59.19 12.97 -46.83
C VAL F 36 -59.66 11.86 -47.79
N GLU F 37 -58.76 10.93 -48.12
CA GLU F 37 -59.09 9.79 -48.98
C GLU F 37 -58.73 8.45 -48.31
N GLU F 38 -59.71 7.90 -47.59
CA GLU F 38 -59.53 6.68 -46.81
C GLU F 38 -60.72 5.76 -47.07
N PRO F 39 -60.50 4.66 -47.81
CA PRO F 39 -59.19 4.32 -48.37
C PRO F 39 -58.96 4.99 -49.72
N VAL F 40 -57.72 4.94 -50.20
CA VAL F 40 -57.38 5.26 -51.59
C VAL F 40 -58.35 4.55 -52.54
N GLY F 41 -58.91 5.30 -53.48
CA GLY F 41 -59.90 4.77 -54.41
C GLY F 41 -61.31 5.21 -54.07
N SER F 42 -61.55 5.56 -52.81
CA SER F 42 -62.86 6.12 -52.43
C SER F 42 -62.91 7.59 -52.83
N GLU F 43 -64.12 8.13 -52.88
CA GLU F 43 -64.31 9.55 -53.21
C GLU F 43 -63.70 10.39 -52.12
N PRO F 44 -62.85 11.35 -52.49
CA PRO F 44 -62.17 12.11 -51.45
C PRO F 44 -63.17 12.97 -50.69
N ARG F 45 -63.10 12.94 -49.37
CA ARG F 45 -63.90 13.82 -48.54
C ARG F 45 -63.12 15.11 -48.37
N SER F 46 -63.84 16.23 -48.39
CA SER F 46 -63.22 17.56 -48.49
C SER F 46 -63.94 18.60 -47.64
N GLY F 47 -63.14 19.48 -47.02
CA GLY F 47 -63.67 20.50 -46.14
C GLY F 47 -63.62 20.07 -44.69
N THR F 48 -63.52 21.07 -43.82
CA THR F 48 -63.59 20.85 -42.38
C THR F 48 -64.79 19.98 -41.97
N ALA F 49 -65.98 20.30 -42.47
CA ALA F 49 -67.19 19.53 -42.14
C ALA F 49 -67.09 18.07 -42.55
N ALA F 50 -66.64 17.82 -43.79
CA ALA F 50 -66.52 16.46 -44.31
C ALA F 50 -65.41 15.66 -43.60
N ILE F 51 -64.34 16.34 -43.22
CA ILE F 51 -63.26 15.69 -42.49
C ILE F 51 -63.69 15.38 -41.05
N ARG F 52 -64.40 16.33 -40.43
CA ARG F 52 -64.83 16.15 -39.04
C ARG F 52 -65.73 14.93 -38.92
N GLU F 53 -66.70 14.86 -39.82
CA GLU F 53 -67.64 13.74 -39.90
C GLU F 53 -66.92 12.39 -40.11
N PHE F 54 -65.95 12.36 -41.00
CA PHE F 54 -65.20 11.12 -41.27
C PHE F 54 -64.53 10.61 -40.01
N TYR F 55 -63.91 11.52 -39.26
CA TYR F 55 -63.24 11.14 -38.02
C TYR F 55 -64.25 10.89 -36.89
N ALA F 56 -65.38 11.61 -36.91
CA ALA F 56 -66.47 11.32 -35.98
C ALA F 56 -66.94 9.87 -36.18
N ASN F 57 -67.16 9.48 -37.44
CA ASN F 57 -67.62 8.12 -37.73
C ASN F 57 -66.62 7.02 -37.43
N SER F 58 -65.34 7.26 -37.72
CA SER F 58 -64.28 6.36 -37.30
C SER F 58 -64.26 6.22 -35.76
N LEU F 59 -64.40 7.34 -35.05
CA LEU F 59 -64.26 7.32 -33.58
C LEU F 59 -65.42 6.66 -32.80
N LYS F 60 -66.42 6.13 -33.51
CA LYS F 60 -67.59 5.51 -32.85
C LYS F 60 -67.25 4.17 -32.24
N LEU F 61 -66.16 3.58 -32.69
CA LEU F 61 -65.52 2.48 -31.99
C LEU F 61 -64.16 2.99 -31.55
N PRO F 62 -63.81 2.80 -30.27
CA PRO F 62 -62.50 3.22 -29.77
C PRO F 62 -61.35 2.55 -30.51
N LEU F 63 -60.34 3.34 -30.91
CA LEU F 63 -59.26 2.84 -31.74
C LEU F 63 -57.97 2.70 -30.97
N ALA F 64 -57.27 1.58 -31.21
CA ALA F 64 -55.89 1.39 -30.75
C ALA F 64 -54.92 1.59 -31.92
N VAL F 65 -54.20 2.71 -31.92
CA VAL F 65 -53.28 3.03 -33.01
C VAL F 65 -51.81 3.03 -32.55
N GLU F 66 -50.94 2.47 -33.38
CA GLU F 66 -49.49 2.59 -33.15
C GLU F 66 -48.67 2.60 -34.44
N LEU F 67 -47.76 3.58 -34.53
CA LEU F 67 -46.77 3.59 -35.58
C LEU F 67 -45.96 2.29 -35.47
N THR F 68 -45.73 1.63 -36.58
CA THR F 68 -45.04 0.34 -36.56
C THR F 68 -43.63 0.44 -37.11
N GLN F 69 -43.29 1.65 -37.56
CA GLN F 69 -41.96 1.96 -38.05
C GLN F 69 -41.80 3.44 -37.92
N GLU F 70 -40.57 3.92 -38.16
CA GLU F 70 -40.24 5.34 -38.20
C GLU F 70 -41.05 6.05 -39.28
N VAL F 71 -41.38 7.31 -39.00
CA VAL F 71 -41.97 8.21 -39.97
C VAL F 71 -40.94 8.64 -41.01
N ARG F 72 -41.43 8.74 -42.24
CA ARG F 72 -40.69 9.23 -43.38
C ARG F 72 -41.17 10.64 -43.73
N ALA F 73 -40.22 11.53 -44.01
CA ALA F 73 -40.52 12.95 -44.17
C ALA F 73 -39.43 13.66 -44.94
N VAL F 74 -39.86 14.30 -46.02
CA VAL F 74 -39.02 15.10 -46.90
C VAL F 74 -39.97 16.00 -47.68
N ALA F 75 -39.48 17.17 -48.10
CA ALA F 75 -40.20 18.05 -49.05
C ALA F 75 -41.73 18.17 -48.92
N ASN F 76 -42.21 18.66 -47.78
CA ASN F 76 -43.65 18.94 -47.53
C ASN F 76 -44.59 17.72 -47.56
N GLU F 77 -44.01 16.52 -47.41
CA GLU F 77 -44.80 15.29 -47.40
C GLU F 77 -44.26 14.32 -46.37
N ALA F 78 -45.15 13.62 -45.68
CA ALA F 78 -44.78 12.54 -44.78
C ALA F 78 -45.49 11.26 -45.18
N ALA F 79 -44.95 10.15 -44.72
CA ALA F 79 -45.58 8.86 -44.92
C ALA F 79 -45.27 8.04 -43.70
N PHE F 80 -46.22 7.21 -43.30
CA PHE F 80 -46.02 6.35 -42.15
C PHE F 80 -46.82 5.08 -42.21
N ALA F 81 -46.25 4.07 -41.58
CA ALA F 81 -46.83 2.75 -41.48
C ALA F 81 -47.23 2.53 -40.03
N PHE F 82 -48.45 2.05 -39.85
CA PHE F 82 -49.07 1.93 -38.54
C PHE F 82 -50.19 0.87 -38.55
N THR F 83 -50.71 0.56 -37.37
CA THR F 83 -51.92 -0.26 -37.23
C THR F 83 -53.04 0.49 -36.52
N VAL F 84 -54.28 0.17 -36.89
CA VAL F 84 -55.49 0.62 -36.21
C VAL F 84 -56.28 -0.62 -35.88
N SER F 85 -56.53 -0.81 -34.59
CA SER F 85 -57.26 -1.97 -34.14
C SER F 85 -58.54 -1.52 -33.46
N PHE F 86 -59.57 -2.36 -33.57
CA PHE F 86 -60.84 -2.11 -32.91
C PHE F 86 -61.55 -3.43 -32.74
N GLU F 87 -62.48 -3.46 -31.79
CA GLU F 87 -63.13 -4.70 -31.41
C GLU F 87 -64.64 -4.47 -31.31
N TYR F 88 -65.41 -5.28 -32.02
CA TYR F 88 -66.85 -5.06 -32.07
C TYR F 88 -67.66 -6.27 -32.51
N GLN F 89 -68.76 -6.51 -31.78
CA GLN F 89 -69.65 -7.64 -32.03
C GLN F 89 -68.87 -8.95 -32.12
N GLY F 90 -67.95 -9.13 -31.18
CA GLY F 90 -67.10 -10.32 -31.07
C GLY F 90 -65.65 -10.04 -31.43
N ARG F 91 -65.43 -9.78 -32.72
CA ARG F 91 -64.11 -9.81 -33.35
C ARG F 91 -63.28 -8.54 -33.14
N LYS F 92 -61.96 -8.71 -32.95
CA LYS F 92 -61.03 -7.60 -33.02
C LYS F 92 -60.49 -7.53 -34.45
N THR F 93 -60.46 -6.32 -34.99
CA THR F 93 -59.96 -6.08 -36.34
C THR F 93 -58.72 -5.19 -36.30
N VAL F 94 -57.66 -5.63 -36.99
CA VAL F 94 -56.42 -4.87 -37.15
C VAL F 94 -56.25 -4.53 -38.64
N VAL F 95 -56.30 -3.23 -38.94
CA VAL F 95 -56.04 -2.71 -40.28
C VAL F 95 -54.60 -2.21 -40.28
N ALA F 96 -53.91 -2.33 -41.42
CA ALA F 96 -52.53 -1.85 -41.50
C ALA F 96 -52.31 -1.04 -42.77
N PRO F 97 -52.65 0.26 -42.73
CA PRO F 97 -52.44 1.14 -43.85
C PRO F 97 -51.03 1.71 -43.91
N ILE F 98 -50.78 2.38 -45.02
CA ILE F 98 -49.70 3.33 -45.13
C ILE F 98 -50.39 4.62 -45.51
N ASP F 99 -50.19 5.63 -44.68
CA ASP F 99 -50.78 6.94 -44.87
C ASP F 99 -49.76 7.91 -45.42
N HIS F 100 -50.24 8.80 -46.27
CA HIS F 100 -49.42 9.84 -46.87
C HIS F 100 -50.04 11.20 -46.55
N PHE F 101 -49.31 12.07 -45.84
CA PHE F 101 -49.65 13.50 -45.69
C PHE F 101 -48.88 14.38 -46.66
N ARG F 102 -49.56 15.37 -47.24
CA ARG F 102 -48.89 16.54 -47.81
C ARG F 102 -49.23 17.74 -46.94
N PHE F 103 -48.24 18.58 -46.64
CA PHE F 103 -48.39 19.74 -45.75
C PHE F 103 -48.29 21.06 -46.53
N ASN F 104 -49.08 22.06 -46.16
CA ASN F 104 -48.91 23.41 -46.75
C ASN F 104 -47.84 24.23 -46.02
N GLY F 105 -47.61 25.45 -46.50
CA GLY F 105 -46.58 26.34 -45.95
C GLY F 105 -46.82 26.77 -44.51
N ALA F 106 -48.08 26.75 -44.09
CA ALA F 106 -48.44 27.01 -42.69
C ALA F 106 -48.25 25.76 -41.84
N GLY F 107 -47.90 24.65 -42.48
CA GLY F 107 -47.61 23.42 -41.77
C GLY F 107 -48.85 22.68 -41.33
N LYS F 108 -49.96 22.90 -42.06
CA LYS F 108 -51.20 22.14 -41.86
C LYS F 108 -51.28 21.05 -42.93
N VAL F 109 -51.92 19.91 -42.62
CA VAL F 109 -52.11 18.86 -43.62
C VAL F 109 -53.15 19.33 -44.62
N VAL F 110 -52.78 19.42 -45.89
CA VAL F 110 -53.73 19.78 -46.96
C VAL F 110 -54.31 18.56 -47.64
N SER F 111 -53.65 17.41 -47.52
CA SER F 111 -54.21 16.16 -48.01
C SER F 111 -53.68 14.96 -47.24
N MET F 112 -54.56 14.00 -46.98
N MET F 112 -54.55 13.97 -47.06
CA MET F 112 -54.19 12.69 -46.50
CA MET F 112 -54.17 12.67 -46.49
C MET F 112 -54.83 11.73 -47.48
C MET F 112 -54.81 11.58 -47.33
N ARG F 113 -54.25 10.55 -47.64
N ARG F 113 -53.98 10.69 -47.86
CA ARG F 113 -54.50 9.44 -48.53
CA ARG F 113 -54.46 9.48 -48.51
C ARG F 113 -54.06 8.15 -47.89
C ARG F 113 -54.09 8.28 -47.65
N ALA F 114 -55.05 7.38 -47.44
CA ALA F 114 -54.82 6.18 -46.63
C ALA F 114 -54.82 4.98 -47.54
N LEU F 115 -53.67 4.35 -47.68
CA LEU F 115 -53.53 3.26 -48.66
C LEU F 115 -53.57 1.89 -47.98
N PHE F 116 -54.63 1.13 -48.24
CA PHE F 116 -54.83 -0.23 -47.70
C PHE F 116 -55.96 -0.97 -48.42
N GLY F 117 -55.79 -2.28 -48.61
CA GLY F 117 -56.84 -3.14 -49.17
C GLY F 117 -57.28 -4.20 -48.17
N GLU F 118 -58.15 -5.11 -48.61
CA GLU F 118 -58.68 -6.14 -47.70
C GLU F 118 -57.57 -7.09 -47.19
N LYS F 119 -56.52 -7.30 -47.99
CA LYS F 119 -55.37 -8.09 -47.55
C LYS F 119 -54.62 -7.45 -46.37
N ASN F 120 -54.79 -6.14 -46.20
CA ASN F 120 -54.23 -5.43 -45.03
C ASN F 120 -55.16 -5.39 -43.83
N ILE F 121 -56.34 -6.01 -43.96
CA ILE F 121 -57.35 -6.04 -42.91
C ILE F 121 -57.37 -7.42 -42.24
N HIS F 122 -56.95 -7.46 -40.98
CA HIS F 122 -56.65 -8.71 -40.27
C HIS F 122 -57.57 -8.93 -39.04
N ALA F 123 -57.76 -10.20 -38.67
CA ALA F 123 -58.49 -10.55 -37.45
C ALA F 123 -57.60 -10.32 -36.21
N GLY F 124 -58.15 -10.58 -35.01
CA GLY F 124 -57.50 -10.16 -33.76
C GLY F 124 -56.26 -10.94 -33.36
N MET G 1 -15.00 15.69 16.56
CA MET G 1 -13.80 14.86 16.30
C MET G 1 -13.92 14.05 15.02
N ASN G 2 -12.78 13.66 14.49
CA ASN G 2 -12.67 12.53 13.58
C ASN G 2 -12.70 11.29 14.45
N THR G 3 -13.25 10.20 13.96
CA THR G 3 -13.25 8.98 14.75
C THR G 3 -11.86 8.35 14.65
N PRO G 4 -11.47 7.50 15.63
CA PRO G 4 -10.17 6.86 15.57
C PRO G 4 -10.12 5.69 14.58
N GLU G 5 -11.27 5.36 14.00
CA GLU G 5 -11.33 4.39 12.91
C GLU G 5 -11.09 5.05 11.55
N HIS G 6 -11.63 6.25 11.35
CA HIS G 6 -11.35 7.02 10.14
C HIS G 6 -9.85 7.30 10.04
N MET G 7 -9.29 7.83 11.13
CA MET G 7 -7.88 8.19 11.17
C MET G 7 -6.98 6.97 11.02
N THR G 8 -7.39 5.83 11.58
CA THR G 8 -6.62 4.61 11.46
C THR G 8 -6.66 4.09 10.02
N ALA G 9 -7.84 4.09 9.41
CA ALA G 9 -8.00 3.69 8.01
C ALA G 9 -7.22 4.60 7.04
N VAL G 10 -7.09 5.88 7.39
CA VAL G 10 -6.29 6.82 6.61
C VAL G 10 -4.80 6.47 6.66
N VAL G 11 -4.30 6.15 7.85
CA VAL G 11 -2.90 5.77 8.00
C VAL G 11 -2.64 4.56 7.10
N GLN G 12 -3.56 3.60 7.17
CA GLN G 12 -3.52 2.42 6.30
C GLN G 12 -3.54 2.77 4.81
N ARG G 13 -4.41 3.70 4.41
CA ARG G 13 -4.48 4.10 2.99
C ARG G 13 -3.21 4.80 2.58
N TYR G 14 -2.62 5.54 3.52
CA TYR G 14 -1.34 6.17 3.30
C TYR G 14 -0.26 5.14 2.97
N VAL G 15 -0.14 4.13 3.83
CA VAL G 15 0.87 3.09 3.69
C VAL G 15 0.67 2.27 2.42
N ALA G 16 -0.57 1.88 2.14
CA ALA G 16 -0.87 1.11 0.94
C ALA G 16 -0.58 1.95 -0.32
N ALA G 17 -1.02 3.20 -0.31
CA ALA G 17 -0.79 4.12 -1.43
C ALA G 17 0.71 4.30 -1.72
N LEU G 18 1.50 4.41 -0.66
CA LEU G 18 2.96 4.48 -0.79
C LEU G 18 3.47 3.21 -1.49
N ASN G 19 3.15 2.05 -0.92
CA ASN G 19 3.51 0.74 -1.51
C ASN G 19 3.17 0.57 -2.99
N ALA G 20 1.97 0.99 -3.35
CA ALA G 20 1.48 0.82 -4.72
C ALA G 20 1.93 1.95 -5.64
N GLY G 21 2.70 2.90 -5.11
CA GLY G 21 3.11 4.08 -5.88
C GLY G 21 1.94 4.82 -6.50
N ASP G 22 0.83 4.89 -5.78
CA ASP G 22 -0.37 5.60 -6.22
C ASP G 22 -0.29 7.04 -5.74
N LEU G 23 0.12 7.94 -6.64
CA LEU G 23 0.37 9.32 -6.26
C LEU G 23 -0.92 10.04 -5.93
N ASP G 24 -1.94 9.85 -6.77
CA ASP G 24 -3.28 10.44 -6.57
C ASP G 24 -3.89 10.00 -5.25
N GLY G 25 -3.65 8.73 -4.90
CA GLY G 25 -4.12 8.16 -3.64
C GLY G 25 -3.54 8.81 -2.40
N ILE G 26 -2.30 9.28 -2.49
CA ILE G 26 -1.67 9.95 -1.35
C ILE G 26 -2.17 11.40 -1.24
N VAL G 27 -2.10 12.13 -2.35
CA VAL G 27 -2.48 13.54 -2.40
C VAL G 27 -3.93 13.79 -1.96
N ALA G 28 -4.83 12.89 -2.35
CA ALA G 28 -6.24 12.99 -1.99
C ALA G 28 -6.49 12.86 -0.48
N LEU G 29 -5.54 12.30 0.25
CA LEU G 29 -5.65 12.19 1.71
C LEU G 29 -5.43 13.53 2.42
N PHE G 30 -4.88 14.50 1.70
CA PHE G 30 -4.55 15.81 2.28
C PHE G 30 -5.53 16.93 1.93
N ALA G 31 -5.78 17.77 2.93
CA ALA G 31 -6.49 19.03 2.74
C ALA G 31 -5.66 20.00 1.90
N ASP G 32 -6.30 21.10 1.49
CA ASP G 32 -5.66 22.10 0.63
C ASP G 32 -4.53 22.83 1.37
N ASP G 33 -4.84 23.38 2.55
CA ASP G 33 -3.84 24.14 3.31
C ASP G 33 -2.95 23.23 4.17
N ALA G 34 -2.82 21.97 3.76
CA ALA G 34 -2.01 21.00 4.46
C ALA G 34 -0.53 21.29 4.27
N THR G 35 0.26 20.80 5.21
CA THR G 35 1.70 20.90 5.15
C THR G 35 2.35 19.55 5.44
N VAL G 36 3.53 19.36 4.85
CA VAL G 36 4.32 18.16 5.03
C VAL G 36 5.71 18.56 5.50
N GLU G 37 6.04 18.25 6.76
CA GLU G 37 7.41 18.41 7.25
C GLU G 37 8.12 17.05 7.33
N GLU G 38 8.90 16.76 6.31
CA GLU G 38 9.65 15.51 6.23
C GLU G 38 11.01 15.78 5.60
N PRO G 39 12.10 15.60 6.37
CA PRO G 39 12.07 15.14 7.75
C PRO G 39 11.77 16.29 8.70
N VAL G 40 11.49 15.98 9.96
CA VAL G 40 11.38 16.98 11.02
C VAL G 40 12.68 17.77 11.12
N GLY G 41 12.59 19.07 10.85
CA GLY G 41 13.76 19.97 10.85
C GLY G 41 14.02 20.62 9.50
N SER G 42 13.36 20.14 8.45
CA SER G 42 13.45 20.77 7.14
C SER G 42 12.23 21.65 6.91
N GLU G 43 12.25 22.44 5.84
CA GLU G 43 11.20 23.42 5.60
C GLU G 43 9.97 22.74 4.99
N PRO G 44 8.78 22.98 5.58
CA PRO G 44 7.54 22.37 5.09
C PRO G 44 7.21 22.69 3.63
N ARG G 45 6.49 21.77 2.98
CA ARG G 45 5.93 21.99 1.65
C ARG G 45 4.43 22.26 1.79
N SER G 46 3.99 23.48 1.51
CA SER G 46 2.58 23.86 1.72
C SER G 46 1.75 23.77 0.45
N GLY G 47 0.53 23.24 0.59
CA GLY G 47 -0.44 23.27 -0.49
C GLY G 47 -0.33 22.09 -1.45
N THR G 48 -1.50 21.62 -1.90
CA THR G 48 -1.64 20.45 -2.76
C THR G 48 -0.50 20.26 -3.76
N ALA G 49 -0.22 21.30 -4.54
CA ALA G 49 0.82 21.27 -5.58
C ALA G 49 2.21 20.95 -5.01
N ALA G 50 2.57 21.55 -3.88
CA ALA G 50 3.84 21.28 -3.23
C ALA G 50 3.88 19.85 -2.67
N ILE G 51 2.76 19.44 -2.07
CA ILE G 51 2.63 18.11 -1.48
C ILE G 51 2.74 17.07 -2.59
N ARG G 52 2.12 17.38 -3.72
CA ARG G 52 2.14 16.51 -4.89
C ARG G 52 3.55 16.16 -5.39
N GLU G 53 4.36 17.15 -5.77
CA GLU G 53 5.69 16.83 -6.32
C GLU G 53 6.66 16.36 -5.24
N PHE G 54 6.36 16.64 -3.97
CA PHE G 54 7.08 16.00 -2.88
C PHE G 54 6.90 14.49 -2.97
N TYR G 55 5.64 14.05 -2.98
CA TYR G 55 5.35 12.63 -3.10
C TYR G 55 5.76 12.07 -4.46
N ALA G 56 5.61 12.86 -5.51
CA ALA G 56 6.14 12.47 -6.83
C ALA G 56 7.63 12.12 -6.72
N ASN G 57 8.39 12.98 -6.04
CA ASN G 57 9.83 12.78 -5.84
C ASN G 57 10.17 11.66 -4.86
N SER G 58 9.27 11.39 -3.91
N SER G 58 9.27 11.37 -3.92
CA SER G 58 9.42 10.27 -2.99
CA SER G 58 9.47 10.26 -2.99
C SER G 58 9.29 8.93 -3.71
C SER G 58 9.28 8.92 -3.70
N LEU G 59 8.56 8.93 -4.82
CA LEU G 59 8.18 7.71 -5.52
C LEU G 59 9.02 7.38 -6.74
N LYS G 60 10.15 8.05 -6.93
CA LYS G 60 11.01 7.76 -8.07
C LYS G 60 11.46 6.30 -8.13
N LEU G 61 11.56 5.65 -6.98
CA LEU G 61 11.88 4.21 -6.92
C LEU G 61 10.77 3.44 -6.24
N PRO G 62 10.66 2.12 -6.53
CA PRO G 62 9.63 1.33 -5.85
C PRO G 62 9.90 1.26 -4.35
N LEU G 63 8.87 1.54 -3.55
CA LEU G 63 8.96 1.50 -2.10
C LEU G 63 8.23 0.28 -1.52
N ALA G 64 8.83 -0.30 -0.47
CA ALA G 64 8.16 -1.26 0.38
C ALA G 64 7.90 -0.51 1.68
N VAL G 65 6.62 -0.30 1.97
CA VAL G 65 6.22 0.48 3.12
C VAL G 65 5.28 -0.37 3.96
N GLU G 66 5.51 -0.39 5.27
CA GLU G 66 4.70 -1.18 6.17
C GLU G 66 4.70 -0.64 7.59
N LEU G 67 3.51 -0.54 8.17
CA LEU G 67 3.34 -0.36 9.61
C LEU G 67 4.03 -1.48 10.37
N THR G 68 4.71 -1.11 11.45
CA THR G 68 5.45 -2.08 12.26
C THR G 68 4.84 -2.24 13.65
N GLN G 69 3.74 -1.52 13.89
CA GLN G 69 3.02 -1.50 15.16
C GLN G 69 1.63 -0.88 14.94
N GLU G 70 0.75 -1.05 15.92
CA GLU G 70 -0.59 -0.46 15.85
C GLU G 70 -0.55 1.06 15.77
N VAL G 71 -1.49 1.61 15.00
CA VAL G 71 -1.70 3.04 14.92
C VAL G 71 -2.18 3.57 16.26
N ARG G 72 -1.53 4.63 16.72
CA ARG G 72 -2.03 5.39 17.86
C ARG G 72 -2.90 6.51 17.32
N ALA G 73 -4.12 6.61 17.83
CA ALA G 73 -5.11 7.56 17.30
C ALA G 73 -5.96 8.17 18.40
N VAL G 74 -5.87 9.50 18.56
CA VAL G 74 -6.78 10.24 19.43
C VAL G 74 -6.99 11.68 18.98
N ALA G 75 -8.18 12.20 19.26
CA ALA G 75 -8.50 13.63 19.19
C ALA G 75 -7.93 14.36 17.97
N ASN G 76 -8.30 13.88 16.79
CA ASN G 76 -7.91 14.48 15.50
C ASN G 76 -6.44 14.31 15.13
N GLU G 77 -5.73 13.44 15.83
CA GLU G 77 -4.31 13.21 15.54
C GLU G 77 -3.99 11.73 15.52
N ALA G 78 -3.04 11.38 14.67
CA ALA G 78 -2.59 10.00 14.55
C ALA G 78 -1.09 9.95 14.51
N ALA G 79 -0.52 8.92 15.14
CA ALA G 79 0.91 8.64 15.02
C ALA G 79 1.08 7.17 14.62
N PHE G 80 2.10 6.89 13.80
CA PHE G 80 2.39 5.51 13.39
C PHE G 80 3.87 5.23 13.14
N ALA G 81 4.29 4.01 13.50
CA ALA G 81 5.66 3.55 13.32
C ALA G 81 5.67 2.68 12.09
N PHE G 82 6.59 2.95 11.18
CA PHE G 82 6.68 2.21 9.91
C PHE G 82 8.10 2.15 9.37
N THR G 83 8.32 1.30 8.36
CA THR G 83 9.58 1.25 7.64
C THR G 83 9.33 1.52 6.15
N VAL G 84 10.29 2.20 5.52
CA VAL G 84 10.30 2.45 4.08
C VAL G 84 11.56 1.81 3.50
N SER G 85 11.39 0.91 2.53
CA SER G 85 12.51 0.17 1.94
C SER G 85 12.61 0.46 0.48
N PHE G 86 13.85 0.56 0.01
CA PHE G 86 14.12 0.63 -1.40
C PHE G 86 15.55 0.15 -1.62
N GLU G 87 15.89 -0.03 -2.89
CA GLU G 87 17.19 -0.51 -3.29
C GLU G 87 17.65 0.31 -4.48
N TYR G 88 18.90 0.74 -4.45
CA TYR G 88 19.47 1.53 -5.54
C TYR G 88 20.88 1.07 -5.80
N GLN G 89 21.14 0.70 -7.06
CA GLN G 89 22.48 0.31 -7.50
C GLN G 89 23.09 -0.79 -6.65
N GLY G 90 22.24 -1.77 -6.29
CA GLY G 90 22.64 -2.92 -5.52
C GLY G 90 22.57 -2.72 -4.01
N ARG G 91 22.26 -1.51 -3.56
CA ARG G 91 22.26 -1.23 -2.12
C ARG G 91 20.83 -1.10 -1.61
N LYS G 92 20.50 -1.79 -0.53
CA LYS G 92 19.17 -1.67 0.08
C LYS G 92 19.21 -0.74 1.27
N THR G 93 18.23 0.15 1.34
CA THR G 93 18.07 1.06 2.46
C THR G 93 16.75 0.74 3.14
N VAL G 94 16.75 0.86 4.46
CA VAL G 94 15.54 0.77 5.28
C VAL G 94 15.55 1.98 6.20
N VAL G 95 14.52 2.80 6.13
CA VAL G 95 14.37 3.95 7.01
C VAL G 95 13.16 3.65 7.87
N ALA G 96 13.28 3.86 9.18
CA ALA G 96 12.19 3.59 10.14
C ALA G 96 11.72 4.86 10.88
N PRO G 97 10.77 5.60 10.26
CA PRO G 97 10.29 6.80 10.91
C PRO G 97 9.04 6.58 11.75
N ILE G 98 8.73 7.60 12.55
CA ILE G 98 7.42 7.74 13.17
C ILE G 98 6.82 9.01 12.60
N ASP G 99 5.64 8.91 12.00
CA ASP G 99 4.93 10.05 11.43
C ASP G 99 3.85 10.53 12.39
N HIS G 100 3.54 11.82 12.33
CA HIS G 100 2.42 12.37 13.08
C HIS G 100 1.48 13.03 12.08
N PHE G 101 0.18 12.73 12.20
CA PHE G 101 -0.86 13.31 11.35
C PHE G 101 -1.75 14.21 12.19
N ARG G 102 -2.16 15.35 11.64
CA ARG G 102 -3.29 16.12 12.19
C ARG G 102 -4.39 16.22 11.14
N PHE G 103 -5.63 16.14 11.62
CA PHE G 103 -6.81 16.07 10.79
C PHE G 103 -7.72 17.26 10.99
N ASN G 104 -8.22 17.83 9.89
CA ASN G 104 -9.21 18.90 9.98
C ASN G 104 -10.60 18.33 10.29
N GLY G 105 -11.58 19.21 10.43
CA GLY G 105 -12.96 18.80 10.65
C GLY G 105 -13.50 17.91 9.54
N ALA G 106 -13.12 18.20 8.30
CA ALA G 106 -13.61 17.49 7.12
C ALA G 106 -13.04 16.07 6.96
N GLY G 107 -12.10 15.68 7.81
CA GLY G 107 -11.55 14.33 7.77
C GLY G 107 -10.25 14.21 6.98
N LYS G 108 -9.82 15.31 6.39
CA LYS G 108 -8.61 15.33 5.57
C LYS G 108 -7.38 15.55 6.46
N VAL G 109 -6.20 15.31 5.89
CA VAL G 109 -4.96 15.57 6.62
C VAL G 109 -4.47 16.98 6.32
N VAL G 110 -4.20 17.74 7.38
CA VAL G 110 -3.70 19.13 7.25
C VAL G 110 -2.27 19.31 7.75
N SER G 111 -1.72 18.30 8.41
CA SER G 111 -0.36 18.40 8.92
C SER G 111 0.28 17.04 9.08
N MET G 112 1.30 16.77 8.25
N MET G 112 1.32 16.79 8.27
CA MET G 112 2.11 15.58 8.43
CA MET G 112 2.12 15.59 8.39
C MET G 112 3.51 16.02 8.75
C MET G 112 3.54 16.01 8.72
N ARG G 113 4.13 15.39 9.74
CA ARG G 113 5.48 15.50 10.28
C ARG G 113 6.06 14.10 10.39
N ALA G 114 7.23 13.91 9.77
CA ALA G 114 7.92 12.62 9.76
C ALA G 114 9.20 12.73 10.58
N LEU G 115 9.24 12.03 11.71
CA LEU G 115 10.38 12.13 12.64
C LEU G 115 11.32 10.94 12.47
N PHE G 116 12.41 11.16 11.73
CA PHE G 116 13.50 10.19 11.62
C PHE G 116 14.84 10.92 11.47
N GLY G 117 15.88 10.37 12.09
CA GLY G 117 17.26 10.85 11.96
C GLY G 117 18.15 9.77 11.37
N GLU G 118 19.46 9.98 11.45
CA GLU G 118 20.45 9.07 10.86
C GLU G 118 20.56 7.72 11.56
N LYS G 119 20.22 7.64 12.84
CA LYS G 119 20.22 6.35 13.53
C LYS G 119 19.03 5.46 13.13
N ASN G 120 18.08 6.03 12.40
CA ASN G 120 16.92 5.30 11.92
C ASN G 120 17.02 4.91 10.44
N ILE G 121 18.13 5.24 9.80
CA ILE G 121 18.36 4.90 8.39
C ILE G 121 19.40 3.78 8.38
N HIS G 122 19.08 2.67 7.72
CA HIS G 122 19.92 1.48 7.80
C HIS G 122 20.24 1.03 6.37
N ALA G 123 21.52 1.11 5.99
CA ALA G 123 21.90 0.96 4.58
C ALA G 123 23.08 0.01 4.38
N GLY G 124 22.96 -0.89 3.38
CA GLY G 124 24.10 -1.75 3.01
C GLY G 124 23.84 -2.70 1.85
N MET H 1 18.12 -0.98 -48.56
CA MET H 1 17.02 -0.37 -47.75
C MET H 1 16.37 0.77 -48.54
N ASN H 2 15.05 0.90 -48.41
CA ASN H 2 14.27 1.84 -49.22
C ASN H 2 14.57 3.31 -48.92
N THR H 3 14.64 4.12 -49.97
CA THR H 3 14.86 5.55 -49.81
C THR H 3 13.53 6.23 -49.52
N PRO H 4 13.55 7.40 -48.86
CA PRO H 4 12.28 8.06 -48.60
C PRO H 4 11.71 8.71 -49.86
N GLU H 5 12.47 8.73 -50.94
CA GLU H 5 11.97 9.21 -52.22
C GLU H 5 11.21 8.09 -52.96
N HIS H 6 11.69 6.85 -52.86
CA HIS H 6 10.98 5.71 -53.46
C HIS H 6 9.66 5.48 -52.73
N MET H 7 9.71 5.52 -51.41
CA MET H 7 8.52 5.38 -50.59
C MET H 7 7.51 6.50 -50.85
N THR H 8 7.99 7.74 -51.01
CA THR H 8 7.09 8.86 -51.24
C THR H 8 6.45 8.76 -52.63
N ALA H 9 7.26 8.42 -53.63
CA ALA H 9 6.78 8.25 -55.00
C ALA H 9 5.73 7.14 -55.10
N VAL H 10 5.90 6.07 -54.31
CA VAL H 10 4.94 4.97 -54.29
C VAL H 10 3.59 5.42 -53.69
N VAL H 11 3.64 6.23 -52.64
CA VAL H 11 2.42 6.74 -52.00
C VAL H 11 1.66 7.67 -52.94
N GLN H 12 2.42 8.54 -53.62
CA GLN H 12 1.86 9.40 -54.65
C GLN H 12 1.22 8.60 -55.80
N ARG H 13 1.82 7.48 -56.18
CA ARG H 13 1.26 6.66 -57.26
C ARG H 13 0.01 5.93 -56.82
N TYR H 14 0.06 5.42 -55.59
CA TYR H 14 -1.10 4.83 -54.96
C TYR H 14 -2.30 5.78 -55.02
N VAL H 15 -2.08 7.05 -54.69
CA VAL H 15 -3.14 8.05 -54.67
C VAL H 15 -3.62 8.39 -56.09
N ALA H 16 -2.68 8.53 -57.02
CA ALA H 16 -3.00 8.80 -58.42
C ALA H 16 -3.76 7.63 -59.05
N ALA H 17 -3.32 6.40 -58.77
CA ALA H 17 -3.99 5.21 -59.27
C ALA H 17 -5.44 5.14 -58.80
N LEU H 18 -5.70 5.54 -57.56
CA LEU H 18 -7.05 5.52 -57.01
C LEU H 18 -7.95 6.51 -57.76
N ASN H 19 -7.47 7.72 -57.98
CA ASN H 19 -8.19 8.73 -58.76
C ASN H 19 -8.43 8.31 -60.20
N ALA H 20 -7.41 7.71 -60.80
CA ALA H 20 -7.52 7.22 -62.16
C ALA H 20 -8.46 6.02 -62.24
N GLY H 21 -8.61 5.28 -61.14
CA GLY H 21 -9.36 4.02 -61.16
C GLY H 21 -8.55 2.89 -61.77
N ASP H 22 -7.23 3.07 -61.80
CA ASP H 22 -6.33 2.13 -62.45
C ASP H 22 -5.99 1.02 -61.45
N LEU H 23 -6.73 -0.08 -61.54
CA LEU H 23 -6.59 -1.22 -60.61
C LEU H 23 -5.23 -1.90 -60.73
N ASP H 24 -4.81 -2.21 -61.95
CA ASP H 24 -3.47 -2.76 -62.20
C ASP H 24 -2.38 -1.89 -61.57
N GLY H 25 -2.56 -0.58 -61.68
CA GLY H 25 -1.63 0.37 -61.06
C GLY H 25 -1.53 0.23 -59.56
N ILE H 26 -2.68 0.10 -58.89
CA ILE H 26 -2.72 -0.06 -57.43
C ILE H 26 -2.01 -1.34 -57.01
N VAL H 27 -2.40 -2.42 -57.67
CA VAL H 27 -1.92 -3.78 -57.40
C VAL H 27 -0.39 -3.95 -57.58
N ALA H 28 0.16 -3.34 -58.62
CA ALA H 28 1.59 -3.46 -58.92
C ALA H 28 2.49 -2.98 -57.79
N LEU H 29 1.93 -2.12 -56.93
CA LEU H 29 2.68 -1.56 -55.81
C LEU H 29 2.88 -2.53 -54.67
N PHE H 30 2.07 -3.59 -54.63
CA PHE H 30 2.16 -4.57 -53.55
C PHE H 30 3.05 -5.78 -53.91
N ALA H 31 3.70 -6.33 -52.88
CA ALA H 31 4.47 -7.56 -53.01
C ALA H 31 3.52 -8.75 -52.99
N ASP H 32 4.04 -9.93 -53.28
CA ASP H 32 3.25 -11.16 -53.28
C ASP H 32 2.55 -11.42 -51.96
N ASP H 33 3.32 -11.49 -50.87
CA ASP H 33 2.76 -11.80 -49.55
C ASP H 33 2.19 -10.57 -48.85
N ALA H 34 1.81 -9.55 -49.62
CA ALA H 34 1.29 -8.32 -49.07
C ALA H 34 0.00 -8.57 -48.33
N THR H 35 -0.20 -7.84 -47.24
CA THR H 35 -1.49 -7.83 -46.57
C THR H 35 -2.10 -6.44 -46.66
N VAL H 36 -3.42 -6.40 -46.65
CA VAL H 36 -4.17 -5.16 -46.57
C VAL H 36 -5.15 -5.23 -45.42
N GLU H 37 -5.00 -4.34 -44.44
CA GLU H 37 -5.97 -4.20 -43.37
C GLU H 37 -6.72 -2.86 -43.47
N GLU H 38 -7.90 -2.89 -44.06
CA GLU H 38 -8.73 -1.70 -44.20
C GLU H 38 -10.21 -2.02 -43.97
N PRO H 39 -10.82 -1.41 -42.93
CA PRO H 39 -10.19 -0.54 -41.95
C PRO H 39 -9.32 -1.31 -40.96
N VAL H 40 -8.52 -0.59 -40.19
CA VAL H 40 -7.83 -1.16 -39.02
C VAL H 40 -8.86 -1.77 -38.08
N GLY H 41 -8.53 -2.95 -37.56
CA GLY H 41 -9.45 -3.71 -36.71
C GLY H 41 -10.37 -4.64 -37.49
N SER H 42 -10.30 -4.63 -38.81
CA SER H 42 -11.06 -5.56 -39.65
C SER H 42 -10.15 -6.70 -40.08
N GLU H 43 -10.74 -7.70 -40.74
CA GLU H 43 -10.01 -8.92 -41.12
C GLU H 43 -9.09 -8.64 -42.30
N PRO H 44 -7.77 -8.78 -42.11
CA PRO H 44 -6.85 -8.43 -43.20
C PRO H 44 -6.90 -9.38 -44.39
N ARG H 45 -6.84 -8.83 -45.60
N ARG H 45 -6.89 -8.81 -45.60
CA ARG H 45 -6.80 -9.67 -46.79
CA ARG H 45 -6.75 -9.56 -46.84
C ARG H 45 -5.34 -9.98 -47.13
C ARG H 45 -5.34 -10.12 -46.93
N SER H 46 -5.13 -11.10 -47.79
CA SER H 46 -3.79 -11.70 -47.94
C SER H 46 -3.50 -12.08 -49.38
N GLY H 47 -2.41 -11.56 -49.91
CA GLY H 47 -1.94 -11.93 -51.24
C GLY H 47 -2.65 -11.20 -52.37
N THR H 48 -2.09 -11.39 -53.56
CA THR H 48 -2.41 -10.62 -54.76
C THR H 48 -3.89 -10.63 -55.16
N ALA H 49 -4.43 -11.83 -55.37
CA ALA H 49 -5.79 -12.00 -55.88
C ALA H 49 -6.88 -11.43 -54.96
N ALA H 50 -6.62 -11.44 -53.66
CA ALA H 50 -7.56 -10.89 -52.68
C ALA H 50 -7.37 -9.38 -52.53
N ILE H 51 -6.15 -8.89 -52.64
CA ILE H 51 -5.88 -7.47 -52.53
C ILE H 51 -6.42 -6.80 -53.80
N ARG H 52 -6.25 -7.48 -54.92
CA ARG H 52 -6.89 -7.10 -56.18
C ARG H 52 -8.42 -6.99 -56.06
N GLU H 53 -9.06 -7.97 -55.45
CA GLU H 53 -10.51 -7.96 -55.29
C GLU H 53 -10.95 -6.84 -54.36
N PHE H 54 -10.23 -6.67 -53.24
CA PHE H 54 -10.48 -5.57 -52.32
C PHE H 54 -10.53 -4.23 -53.05
N TYR H 55 -9.54 -3.96 -53.90
CA TYR H 55 -9.44 -2.68 -54.61
C TYR H 55 -10.46 -2.58 -55.75
N ALA H 56 -10.68 -3.69 -56.45
CA ALA H 56 -11.75 -3.77 -57.46
C ALA H 56 -13.09 -3.33 -56.87
N ASN H 57 -13.43 -3.86 -55.70
CA ASN H 57 -14.67 -3.48 -55.03
C ASN H 57 -14.59 -2.08 -54.44
N SER H 58 -13.36 -1.62 -54.20
CA SER H 58 -13.12 -0.27 -53.69
C SER H 58 -13.47 0.79 -54.74
N LEU H 59 -13.30 0.43 -56.01
CA LEU H 59 -13.42 1.38 -57.12
C LEU H 59 -14.76 1.33 -57.86
N LYS H 60 -15.79 0.72 -57.28
CA LYS H 60 -17.10 0.64 -57.94
C LYS H 60 -17.67 2.02 -58.33
N LEU H 61 -17.35 3.06 -57.56
CA LEU H 61 -17.72 4.43 -57.90
C LEU H 61 -16.50 5.31 -58.17
N PRO H 62 -16.68 6.43 -58.90
CA PRO H 62 -15.56 7.37 -59.05
C PRO H 62 -15.09 7.89 -57.70
N LEU H 63 -13.78 7.86 -57.48
CA LEU H 63 -13.20 8.35 -56.24
C LEU H 63 -12.37 9.60 -56.51
N ALA H 64 -12.57 10.63 -55.71
CA ALA H 64 -11.63 11.75 -55.63
C ALA H 64 -10.74 11.52 -54.41
N VAL H 65 -9.44 11.31 -54.65
CA VAL H 65 -8.50 11.01 -53.59
C VAL H 65 -7.33 12.00 -53.62
N GLU H 66 -6.91 12.47 -52.45
CA GLU H 66 -5.78 13.38 -52.38
C GLU H 66 -5.03 13.36 -51.06
N LEU H 67 -3.70 13.38 -51.15
CA LEU H 67 -2.83 13.65 -50.00
C LEU H 67 -3.23 14.99 -49.45
N THR H 68 -3.37 15.09 -48.13
CA THR H 68 -3.70 16.37 -47.51
C THR H 68 -2.54 16.94 -46.68
N GLN H 69 -1.43 16.20 -46.62
CA GLN H 69 -0.19 16.68 -46.01
C GLN H 69 0.98 15.98 -46.66
N GLU H 70 2.20 16.41 -46.34
CA GLU H 70 3.38 15.74 -46.88
C GLU H 70 3.45 14.32 -46.32
N VAL H 71 4.08 13.44 -47.08
CA VAL H 71 4.24 12.06 -46.68
C VAL H 71 5.31 11.94 -45.61
N ARG H 72 5.00 11.22 -44.55
CA ARG H 72 6.02 10.81 -43.59
C ARG H 72 6.63 9.50 -44.09
N ALA H 73 7.94 9.49 -44.26
CA ALA H 73 8.65 8.30 -44.72
C ALA H 73 10.01 8.16 -44.02
N VAL H 74 10.17 7.09 -43.27
CA VAL H 74 11.46 6.68 -42.72
C VAL H 74 11.57 5.16 -42.70
N ALA H 75 12.76 4.66 -43.03
CA ALA H 75 13.14 3.25 -42.82
C ALA H 75 12.09 2.20 -43.22
N ASN H 76 11.87 2.03 -44.52
CA ASN H 76 11.00 0.98 -45.07
C ASN H 76 9.51 1.09 -44.73
N GLU H 77 9.11 2.19 -44.09
CA GLU H 77 7.72 2.43 -43.71
C GLU H 77 7.31 3.84 -44.11
N ALA H 78 6.04 4.02 -44.47
CA ALA H 78 5.52 5.36 -44.75
C ALA H 78 4.13 5.54 -44.16
N ALA H 79 3.77 6.80 -43.90
CA ALA H 79 2.43 7.16 -43.46
C ALA H 79 1.96 8.41 -44.19
N PHE H 80 0.65 8.54 -44.38
CA PHE H 80 0.09 9.73 -45.05
C PHE H 80 -1.36 10.02 -44.68
N ALA H 81 -1.67 11.29 -44.50
CA ALA H 81 -3.03 11.77 -44.27
C ALA H 81 -3.67 12.14 -45.59
N PHE H 82 -4.80 11.49 -45.91
CA PHE H 82 -5.51 11.77 -47.17
C PHE H 82 -7.03 11.87 -46.99
N THR H 83 -7.73 12.12 -48.09
CA THR H 83 -9.19 12.01 -48.12
C THR H 83 -9.60 11.24 -49.36
N VAL H 84 -10.66 10.44 -49.22
CA VAL H 84 -11.33 9.78 -50.34
C VAL H 84 -12.75 10.31 -50.48
N SER H 85 -13.08 10.85 -51.65
CA SER H 85 -14.39 11.43 -51.87
C SER H 85 -15.18 10.67 -52.91
N PHE H 86 -16.48 10.57 -52.67
CA PHE H 86 -17.38 10.00 -53.64
C PHE H 86 -18.80 10.45 -53.36
N GLU H 87 -19.67 10.14 -54.32
CA GLU H 87 -21.05 10.53 -54.27
C GLU H 87 -21.90 9.37 -54.73
N TYR H 88 -22.94 9.06 -53.95
CA TYR H 88 -23.84 7.97 -54.30
C TYR H 88 -25.28 8.37 -54.04
N GLN H 89 -26.10 8.31 -55.07
CA GLN H 89 -27.52 8.69 -55.00
C GLN H 89 -27.73 10.12 -54.46
N GLY H 90 -26.91 11.04 -54.98
CA GLY H 90 -26.99 12.45 -54.62
C GLY H 90 -26.25 12.84 -53.35
N ARG H 91 -25.81 11.85 -52.57
CA ARG H 91 -25.14 12.10 -51.30
C ARG H 91 -23.63 11.99 -51.47
N LYS H 92 -22.92 12.95 -50.89
CA LYS H 92 -21.48 13.04 -51.03
C LYS H 92 -20.91 12.57 -49.72
N THR H 93 -19.92 11.70 -49.77
CA THR H 93 -19.22 11.26 -48.57
C THR H 93 -17.73 11.59 -48.69
N VAL H 94 -17.17 12.04 -47.57
CA VAL H 94 -15.76 12.39 -47.47
C VAL H 94 -15.19 11.58 -46.32
N VAL H 95 -14.23 10.71 -46.62
CA VAL H 95 -13.55 9.91 -45.59
C VAL H 95 -12.12 10.38 -45.52
N ALA H 96 -11.57 10.45 -44.31
CA ALA H 96 -10.23 10.97 -44.10
C ALA H 96 -9.41 10.05 -43.20
N PRO H 97 -8.74 9.03 -43.80
CA PRO H 97 -7.86 8.16 -43.03
C PRO H 97 -6.40 8.59 -43.02
N ILE H 98 -5.65 7.89 -42.18
CA ILE H 98 -4.21 7.87 -42.24
C ILE H 98 -3.86 6.42 -42.57
N ASP H 99 -3.11 6.20 -43.64
CA ASP H 99 -2.59 4.86 -43.95
C ASP H 99 -1.15 4.71 -43.46
N HIS H 100 -0.74 3.48 -43.20
CA HIS H 100 0.65 3.13 -42.85
C HIS H 100 1.11 2.09 -43.88
N PHE H 101 2.20 2.35 -44.61
CA PHE H 101 2.78 1.33 -45.49
C PHE H 101 4.01 0.73 -44.84
N ARG H 102 4.34 -0.48 -45.27
N ARG H 102 4.31 -0.52 -45.17
CA ARG H 102 5.52 -1.21 -44.82
CA ARG H 102 5.58 -1.15 -44.82
C ARG H 102 6.11 -1.81 -46.09
C ARG H 102 6.10 -1.75 -46.11
N PHE H 103 7.37 -1.45 -46.39
CA PHE H 103 8.03 -1.89 -47.61
C PHE H 103 9.00 -3.03 -47.36
N ASN H 104 9.25 -3.79 -48.42
CA ASN H 104 10.31 -4.79 -48.43
C ASN H 104 11.54 -4.23 -49.16
N GLY H 105 12.62 -5.01 -49.18
CA GLY H 105 13.84 -4.62 -49.87
C GLY H 105 13.68 -4.51 -51.38
N ALA H 106 12.73 -5.28 -51.92
CA ALA H 106 12.42 -5.23 -53.35
C ALA H 106 11.76 -3.90 -53.76
N GLY H 107 11.32 -3.12 -52.78
CA GLY H 107 10.75 -1.80 -53.02
C GLY H 107 9.23 -1.78 -53.15
N LYS H 108 8.60 -2.92 -52.85
CA LYS H 108 7.15 -3.06 -52.98
C LYS H 108 6.48 -3.16 -51.63
N VAL H 109 5.17 -2.89 -51.60
CA VAL H 109 4.41 -2.85 -50.36
C VAL H 109 4.02 -4.26 -49.92
N VAL H 110 4.39 -4.62 -48.70
CA VAL H 110 4.06 -5.94 -48.14
C VAL H 110 3.01 -5.83 -47.05
N SER H 111 2.61 -4.61 -46.71
CA SER H 111 1.66 -4.42 -45.63
C SER H 111 1.09 -3.00 -45.63
N MET H 112 -0.21 -2.89 -45.89
N MET H 112 -0.21 -2.88 -45.84
CA MET H 112 -0.93 -1.62 -45.74
CA MET H 112 -0.87 -1.60 -45.68
C MET H 112 -1.98 -1.73 -44.64
C MET H 112 -2.02 -1.69 -44.70
N ARG H 113 -2.11 -0.68 -43.84
CA ARG H 113 -3.14 -0.59 -42.82
C ARG H 113 -3.72 0.81 -42.92
N ALA H 114 -5.06 0.89 -42.81
CA ALA H 114 -5.80 2.15 -42.99
C ALA H 114 -6.57 2.48 -41.72
N LEU H 115 -6.21 3.60 -41.09
CA LEU H 115 -6.76 3.93 -39.79
C LEU H 115 -7.74 5.11 -39.90
N PHE H 116 -9.03 4.77 -39.83
CA PHE H 116 -10.09 5.78 -39.83
C PHE H 116 -11.32 5.23 -39.12
N GLY H 117 -12.08 6.13 -38.50
CA GLY H 117 -13.32 5.79 -37.81
C GLY H 117 -14.46 6.72 -38.21
N GLU H 118 -15.55 6.61 -37.46
CA GLU H 118 -16.80 7.35 -37.76
C GLU H 118 -16.66 8.86 -37.62
N LYS H 119 -15.83 9.31 -36.68
CA LYS H 119 -15.59 10.74 -36.51
C LYS H 119 -14.88 11.34 -37.74
N ASN H 120 -14.21 10.48 -38.51
CA ASN H 120 -13.48 10.88 -39.72
C ASN H 120 -14.27 10.83 -41.05
N ILE H 121 -15.53 10.39 -41.00
CA ILE H 121 -16.37 10.23 -42.19
C ILE H 121 -17.48 11.28 -42.19
N HIS H 122 -17.57 12.12 -43.23
CA HIS H 122 -18.72 13.04 -43.35
C HIS H 122 -19.55 12.75 -44.59
N ALA H 123 -20.87 12.79 -44.43
CA ALA H 123 -21.80 12.56 -45.54
C ALA H 123 -23.04 13.46 -45.44
N GLY H 124 -23.62 13.85 -46.57
CA GLY H 124 -24.93 14.53 -46.54
C GLY H 124 -25.46 15.39 -47.68
N ALA H 125 -24.63 15.75 -48.67
CA ALA H 125 -24.91 16.91 -49.53
C ALA H 125 -25.53 16.58 -50.89
N MET I 1 7.10 -4.97 73.86
CA MET I 1 6.22 -6.13 73.57
C MET I 1 6.69 -6.92 72.35
N ASN I 2 8.01 -7.13 72.27
CA ASN I 2 8.59 -8.15 71.39
C ASN I 2 8.58 -9.46 72.15
N THR I 3 8.02 -10.51 71.55
CA THR I 3 8.01 -11.82 72.19
C THR I 3 9.44 -12.39 72.14
N PRO I 4 9.81 -13.20 73.13
CA PRO I 4 11.12 -13.85 73.09
C PRO I 4 11.16 -14.99 72.05
N GLU I 5 9.98 -15.40 71.58
CA GLU I 5 9.87 -16.33 70.46
C GLU I 5 10.20 -15.61 69.15
N HIS I 6 9.69 -14.38 68.99
CA HIS I 6 9.92 -13.62 67.75
C HIS I 6 11.40 -13.27 67.59
N MET I 7 12.03 -12.86 68.68
CA MET I 7 13.43 -12.50 68.65
C MET I 7 14.32 -13.70 68.38
N THR I 8 13.95 -14.85 68.94
CA THR I 8 14.71 -16.08 68.72
C THR I 8 14.58 -16.53 67.26
N ALA I 9 13.38 -16.44 66.72
CA ALA I 9 13.14 -16.75 65.31
C ALA I 9 13.91 -15.82 64.37
N VAL I 10 14.16 -14.58 64.80
CA VAL I 10 14.95 -13.63 64.03
C VAL I 10 16.44 -13.99 64.09
N VAL I 11 16.98 -14.23 65.29
CA VAL I 11 18.38 -14.69 65.42
C VAL I 11 18.58 -15.94 64.56
N GLN I 12 17.69 -16.90 64.70
CA GLN I 12 17.75 -18.11 63.89
C GLN I 12 17.67 -17.84 62.38
N ARG I 13 16.89 -16.83 61.96
CA ARG I 13 16.83 -16.47 60.53
C ARG I 13 18.13 -15.84 60.04
N TYR I 14 18.63 -14.92 60.84
CA TYR I 14 19.91 -14.30 60.62
C TYR I 14 21.01 -15.32 60.27
N VAL I 15 21.11 -16.38 61.07
CA VAL I 15 22.16 -17.39 60.89
C VAL I 15 21.92 -18.19 59.62
N ALA I 16 20.68 -18.58 59.39
CA ALA I 16 20.32 -19.34 58.19
C ALA I 16 20.58 -18.51 56.94
N ALA I 17 20.24 -17.22 56.99
CA ALA I 17 20.46 -16.33 55.85
C ALA I 17 21.96 -16.22 55.56
N LEU I 18 22.75 -15.95 56.60
CA LEU I 18 24.21 -15.93 56.50
C LEU I 18 24.75 -17.23 55.86
N ASN I 19 24.32 -18.38 56.33
CA ASN I 19 24.70 -19.68 55.71
C ASN I 19 24.31 -19.82 54.25
N ALA I 20 23.10 -19.36 53.92
CA ALA I 20 22.57 -19.51 52.57
C ALA I 20 23.12 -18.46 51.61
N GLY I 21 23.88 -17.49 52.13
CA GLY I 21 24.34 -16.36 51.31
C GLY I 21 23.19 -15.54 50.72
N ASP I 22 22.09 -15.48 51.45
CA ASP I 22 20.87 -14.81 50.99
C ASP I 22 20.88 -13.39 51.57
N LEU I 23 21.33 -12.43 50.77
CA LEU I 23 21.57 -11.06 51.27
C LEU I 23 20.27 -10.33 51.61
N ASP I 24 19.24 -10.50 50.79
CA ASP I 24 17.95 -9.85 51.07
C ASP I 24 17.38 -10.35 52.39
N GLY I 25 17.49 -11.66 52.61
CA GLY I 25 17.08 -12.31 53.85
C GLY I 25 17.65 -11.69 55.11
N ILE I 26 18.94 -11.34 55.08
CA ILE I 26 19.59 -10.69 56.23
C ILE I 26 19.01 -9.28 56.38
N VAL I 27 19.21 -8.46 55.36
CA VAL I 27 18.82 -7.04 55.40
C VAL I 27 17.34 -6.82 55.75
N ALA I 28 16.48 -7.72 55.28
CA ALA I 28 15.04 -7.66 55.58
C ALA I 28 14.73 -7.67 57.07
N LEU I 29 15.58 -8.33 57.87
CA LEU I 29 15.43 -8.35 59.34
C LEU I 29 15.68 -7.00 60.00
N PHE I 30 16.33 -6.09 59.27
CA PHE I 30 16.73 -4.81 59.83
C PHE I 30 15.77 -3.66 59.55
N ALA I 31 15.72 -2.73 60.51
CA ALA I 31 14.99 -1.47 60.37
C ALA I 31 15.75 -0.54 59.43
N ASP I 32 15.10 0.55 59.03
CA ASP I 32 15.69 1.49 58.07
C ASP I 32 16.75 2.36 58.72
N ASP I 33 16.56 2.66 60.00
CA ASP I 33 17.50 3.47 60.78
C ASP I 33 18.46 2.59 61.61
N ALA I 34 18.45 1.28 61.36
CA ALA I 34 19.30 0.35 62.10
C ALA I 34 20.79 0.64 61.92
N THR I 35 21.57 0.28 62.94
CA THR I 35 23.02 0.34 62.87
C THR I 35 23.61 -1.05 63.05
N VAL I 36 24.82 -1.23 62.55
CA VAL I 36 25.59 -2.44 62.79
C VAL I 36 26.96 -2.01 63.32
N GLU I 37 27.54 -2.82 64.19
CA GLU I 37 28.85 -2.55 64.73
C GLU I 37 29.63 -3.84 64.89
N GLU I 38 30.31 -4.20 63.81
CA GLU I 38 31.09 -5.43 63.78
C GLU I 38 32.49 -5.07 63.27
N PRO I 39 33.52 -5.26 64.11
CA PRO I 39 33.40 -5.68 65.51
C PRO I 39 33.05 -4.48 66.40
N VAL I 40 32.81 -4.75 67.68
CA VAL I 40 32.64 -3.69 68.67
C VAL I 40 33.88 -2.81 68.69
N GLY I 41 33.70 -1.50 68.45
CA GLY I 41 34.80 -0.56 68.36
C GLY I 41 34.94 0.05 66.98
N SER I 42 34.56 -0.70 65.95
CA SER I 42 34.52 -0.19 64.58
C SER I 42 33.48 0.91 64.46
N GLU I 43 33.58 1.71 63.41
CA GLU I 43 32.62 2.80 63.20
C GLU I 43 31.28 2.17 62.85
N PRO I 44 30.21 2.56 63.57
CA PRO I 44 28.92 1.93 63.29
C PRO I 44 28.47 2.25 61.86
N ARG I 45 27.94 1.25 61.18
CA ARG I 45 27.40 1.45 59.84
C ARG I 45 25.91 1.66 59.97
N SER I 46 25.40 2.76 59.40
CA SER I 46 24.04 3.22 59.67
C SER I 46 23.14 3.17 58.44
N GLY I 47 21.96 2.58 58.59
CA GLY I 47 20.94 2.63 57.56
C GLY I 47 21.01 1.53 56.51
N THR I 48 19.85 1.22 55.94
CA THR I 48 19.69 0.14 54.95
C THR I 48 20.79 0.09 53.90
N ALA I 49 21.15 1.25 53.38
CA ALA I 49 22.16 1.38 52.34
C ALA I 49 23.50 0.87 52.83
N ALA I 50 23.99 1.42 53.94
CA ALA I 50 25.27 1.01 54.51
C ALA I 50 25.24 -0.42 55.05
N ILE I 51 24.07 -0.90 55.46
CA ILE I 51 23.97 -2.23 56.03
C ILE I 51 23.95 -3.32 54.95
N ARG I 52 23.25 -3.08 53.85
CA ARG I 52 23.35 -3.96 52.69
C ARG I 52 24.81 -4.03 52.24
N GLU I 53 25.45 -2.86 52.16
CA GLU I 53 26.89 -2.78 51.86
C GLU I 53 27.68 -3.72 52.74
N PHE I 54 27.54 -3.57 54.06
CA PHE I 54 28.27 -4.40 55.02
C PHE I 54 28.08 -5.87 54.73
N TYR I 55 26.82 -6.30 54.67
CA TYR I 55 26.54 -7.73 54.50
C TYR I 55 26.92 -8.22 53.10
N ALA I 56 26.84 -7.35 52.10
CA ALA I 56 27.27 -7.70 50.74
C ALA I 56 28.76 -8.11 50.73
N ASN I 57 29.59 -7.27 51.34
CA ASN I 57 31.03 -7.53 51.48
C ASN I 57 31.33 -8.72 52.40
N SER I 58 30.48 -8.95 53.40
CA SER I 58 30.70 -10.06 54.33
C SER I 58 30.45 -11.43 53.66
N LEU I 59 29.71 -11.46 52.56
CA LEU I 59 29.35 -12.71 51.89
C LEU I 59 30.17 -13.04 50.64
N LYS I 60 31.29 -12.34 50.41
CA LYS I 60 32.18 -12.66 49.29
C LYS I 60 32.64 -14.11 49.31
N LEU I 61 32.83 -14.68 50.50
CA LEU I 61 33.14 -16.10 50.61
C LEU I 61 32.00 -16.88 51.26
N PRO I 62 31.86 -18.17 50.90
CA PRO I 62 30.84 -18.99 51.57
C PRO I 62 31.13 -19.10 53.06
N LEU I 63 30.11 -18.84 53.87
CA LEU I 63 30.24 -18.91 55.32
C LEU I 63 29.51 -20.13 55.86
N ALA I 64 30.14 -20.83 56.80
CA ALA I 64 29.45 -21.74 57.67
C ALA I 64 29.21 -20.96 58.97
N VAL I 65 27.94 -20.73 59.29
CA VAL I 65 27.56 -20.05 60.51
C VAL I 65 26.64 -20.96 61.34
N GLU I 66 26.87 -20.99 62.65
CA GLU I 66 26.07 -21.82 63.54
C GLU I 66 26.06 -21.33 64.98
N LEU I 67 24.92 -21.52 65.63
CA LEU I 67 24.77 -21.29 67.05
C LEU I 67 25.51 -22.36 67.82
N THR I 68 26.19 -21.96 68.88
CA THR I 68 26.89 -22.90 69.74
C THR I 68 26.23 -22.99 71.10
N GLN I 69 25.13 -22.24 71.27
CA GLN I 69 24.37 -22.22 72.53
C GLN I 69 22.97 -21.65 72.33
N GLU I 70 22.08 -21.98 73.27
CA GLU I 70 20.74 -21.38 73.34
C GLU I 70 20.78 -19.86 73.22
N VAL I 71 19.79 -19.29 72.55
CA VAL I 71 19.68 -17.84 72.43
C VAL I 71 19.17 -17.23 73.74
N ARG I 72 19.75 -16.11 74.14
CA ARG I 72 19.25 -15.33 75.27
C ARG I 72 18.38 -14.21 74.72
N ALA I 73 17.17 -14.09 75.27
CA ALA I 73 16.17 -13.17 74.76
C ALA I 73 15.31 -12.65 75.90
N VAL I 74 15.41 -11.34 76.15
CA VAL I 74 14.54 -10.68 77.10
C VAL I 74 14.27 -9.23 76.65
N ALA I 75 13.05 -8.77 76.90
CA ALA I 75 12.70 -7.35 76.83
C ALA I 75 13.34 -6.61 75.67
N ASN I 76 12.86 -6.88 74.46
CA ASN I 76 13.28 -6.15 73.25
C ASN I 76 14.74 -6.39 72.81
N GLU I 77 15.46 -7.26 73.52
CA GLU I 77 16.88 -7.55 73.23
C GLU I 77 17.17 -9.04 73.18
N ALA I 78 18.28 -9.41 72.56
CA ALA I 78 18.67 -10.81 72.42
C ALA I 78 20.17 -10.94 72.26
N ALA I 79 20.72 -12.05 72.73
CA ALA I 79 22.15 -12.30 72.66
C ALA I 79 22.41 -13.73 72.19
N PHE I 80 23.42 -13.92 71.36
CA PHE I 80 23.75 -15.27 70.87
C PHE I 80 25.26 -15.50 70.65
N ALA I 81 25.71 -16.69 71.04
CA ALA I 81 27.09 -17.11 70.85
C ALA I 81 27.14 -18.02 69.64
N PHE I 82 28.02 -17.71 68.71
CA PHE I 82 28.11 -18.47 67.48
C PHE I 82 29.53 -18.57 66.95
N THR I 83 29.68 -19.22 65.80
CA THR I 83 30.93 -19.26 65.08
C THR I 83 30.70 -19.05 63.60
N VAL I 84 31.53 -18.22 62.98
CA VAL I 84 31.57 -18.08 61.54
C VAL I 84 32.87 -18.65 60.98
N SER I 85 32.76 -19.51 59.99
CA SER I 85 33.91 -20.16 59.39
C SER I 85 33.95 -19.89 57.90
N PHE I 86 35.16 -19.79 57.37
CA PHE I 86 35.37 -19.71 55.93
C PHE I 86 36.77 -20.19 55.64
N GLU I 87 37.07 -20.33 54.35
CA GLU I 87 38.37 -20.76 53.90
C GLU I 87 38.83 -19.86 52.77
N TYR I 88 40.07 -19.41 52.82
CA TYR I 88 40.64 -18.62 51.73
C TYR I 88 42.06 -19.08 51.42
N GLN I 89 42.30 -19.50 50.18
CA GLN I 89 43.59 -20.00 49.74
C GLN I 89 44.13 -21.12 50.66
N GLY I 90 43.26 -22.08 50.99
CA GLY I 90 43.65 -23.26 51.75
C GLY I 90 43.67 -23.10 53.26
N ARG I 91 43.60 -21.87 53.75
CA ARG I 91 43.62 -21.59 55.18
C ARG I 91 42.22 -21.31 55.62
N LYS I 92 41.77 -21.94 56.70
N LYS I 92 41.77 -21.97 56.68
CA LYS I 92 40.51 -22.02 57.42
CA LYS I 92 40.55 -22.02 57.44
C LYS I 92 40.51 -21.19 58.70
C LYS I 92 40.67 -21.00 58.54
N THR I 93 39.62 -20.20 58.72
CA THR I 93 39.48 -19.30 59.85
C THR I 93 38.13 -19.57 60.47
N VAL I 94 38.12 -19.56 61.79
CA VAL I 94 36.94 -19.79 62.58
C VAL I 94 36.86 -18.57 63.51
N VAL I 95 35.77 -17.82 63.43
CA VAL I 95 35.56 -16.67 64.31
C VAL I 95 34.42 -17.00 65.27
N ALA I 96 34.62 -16.80 66.57
CA ALA I 96 33.61 -17.12 67.58
C ALA I 96 33.19 -15.88 68.39
N PRO I 97 32.23 -15.10 67.87
CA PRO I 97 31.81 -13.90 68.55
C PRO I 97 30.56 -14.09 69.39
N ILE I 98 30.20 -13.00 70.05
CA ILE I 98 28.91 -12.86 70.68
C ILE I 98 28.25 -11.61 70.11
N ASP I 99 27.08 -11.81 69.49
CA ASP I 99 26.26 -10.72 68.97
C ASP I 99 25.17 -10.30 69.96
N HIS I 100 24.86 -9.00 69.97
CA HIS I 100 23.78 -8.47 70.79
C HIS I 100 22.80 -7.74 69.88
N PHE I 101 21.53 -8.17 69.90
CA PHE I 101 20.45 -7.57 69.09
C PHE I 101 19.53 -6.72 69.95
N ARG I 102 19.20 -5.53 69.47
CA ARG I 102 18.10 -4.74 70.08
C ARG I 102 17.03 -4.50 69.03
N PHE I 103 15.77 -4.74 69.40
CA PHE I 103 14.62 -4.70 68.47
C PHE I 103 13.72 -3.50 68.76
N ASN I 104 13.07 -2.98 67.72
CA ASN I 104 12.12 -1.86 67.90
C ASN I 104 10.68 -2.34 68.07
N GLY I 105 9.73 -1.40 68.06
CA GLY I 105 8.32 -1.72 68.20
C GLY I 105 7.80 -2.69 67.16
N ALA I 106 8.21 -2.48 65.91
CA ALA I 106 7.71 -3.25 64.78
C ALA I 106 8.38 -4.63 64.65
N GLY I 107 9.31 -4.94 65.54
CA GLY I 107 9.97 -6.26 65.56
C GLY I 107 11.11 -6.40 64.58
N LYS I 108 11.80 -5.29 64.31
CA LYS I 108 12.96 -5.27 63.42
C LYS I 108 14.16 -4.93 64.26
N VAL I 109 15.31 -5.49 63.92
CA VAL I 109 16.55 -5.15 64.62
C VAL I 109 16.82 -3.66 64.40
N VAL I 110 17.02 -2.91 65.49
CA VAL I 110 17.42 -1.50 65.39
C VAL I 110 18.92 -1.37 65.57
N SER I 111 19.54 -2.43 66.07
CA SER I 111 20.91 -2.36 66.49
C SER I 111 21.48 -3.76 66.53
N MET I 112 22.61 -3.95 65.84
N MET I 112 22.64 -3.93 65.90
CA MET I 112 23.45 -5.15 66.02
CA MET I 112 23.43 -5.13 66.05
C MET I 112 24.82 -4.68 66.42
C MET I 112 24.84 -4.71 66.39
N ARG I 113 25.45 -5.37 67.36
CA ARG I 113 26.80 -5.29 67.90
C ARG I 113 27.39 -6.68 68.00
N ALA I 114 28.58 -6.84 67.43
CA ALA I 114 29.25 -8.12 67.33
C ALA I 114 30.57 -8.02 68.07
N LEU I 115 30.66 -8.71 69.21
CA LEU I 115 31.80 -8.55 70.10
C LEU I 115 32.71 -9.78 70.01
N PHE I 116 33.88 -9.57 69.41
CA PHE I 116 34.94 -10.58 69.28
C PHE I 116 36.30 -9.89 69.12
N GLY I 117 37.37 -10.59 69.50
CA GLY I 117 38.75 -10.11 69.34
C GLY I 117 39.62 -11.15 68.65
N GLU I 118 40.93 -10.89 68.56
CA GLU I 118 41.89 -11.86 67.98
C GLU I 118 41.98 -13.15 68.80
N LYS I 119 41.56 -13.07 70.05
N LYS I 119 41.56 -13.08 70.05
CA LYS I 119 41.52 -14.19 70.98
CA LYS I 119 41.53 -14.24 70.95
C LYS I 119 40.41 -15.17 70.60
C LYS I 119 40.45 -15.21 70.51
N ASN I 120 39.38 -14.66 69.93
CA ASN I 120 38.23 -15.47 69.49
C ASN I 120 38.31 -15.88 68.03
N ILE I 121 39.50 -15.80 67.46
CA ILE I 121 39.72 -16.06 66.05
C ILE I 121 40.86 -17.05 65.97
N HIS I 122 40.63 -18.19 65.33
CA HIS I 122 41.72 -19.10 65.07
C HIS I 122 41.84 -19.37 63.58
N ALA I 123 43.08 -19.26 63.08
CA ALA I 123 43.39 -19.48 61.66
C ALA I 123 44.54 -20.46 61.48
N GLY I 124 44.47 -21.25 60.43
CA GLY I 124 45.57 -22.15 60.03
C GLY I 124 45.18 -23.07 58.89
N MET J 1 38.59 -13.57 0.23
CA MET J 1 39.30 -12.56 -0.62
C MET J 1 39.91 -11.47 0.25
N ASN J 2 40.58 -10.50 -0.39
CA ASN J 2 41.28 -9.41 0.30
C ASN J 2 40.32 -8.43 0.96
N THR J 3 40.72 -7.94 2.13
CA THR J 3 40.00 -6.85 2.78
C THR J 3 40.40 -5.54 2.11
N PRO J 4 39.45 -4.60 1.97
CA PRO J 4 39.76 -3.22 1.54
C PRO J 4 40.76 -2.54 2.46
N GLU J 5 40.69 -2.87 3.74
CA GLU J 5 41.62 -2.39 4.76
C GLU J 5 43.08 -2.69 4.42
N HIS J 6 43.35 -3.95 4.12
CA HIS J 6 44.70 -4.39 3.75
C HIS J 6 45.16 -3.75 2.43
N MET J 7 44.31 -3.78 1.41
CA MET J 7 44.67 -3.21 0.09
C MET J 7 45.04 -1.73 0.23
N THR J 8 44.27 -1.02 1.06
CA THR J 8 44.49 0.40 1.38
C THR J 8 45.82 0.61 2.10
N ALA J 9 46.05 -0.22 3.12
CA ALA J 9 47.32 -0.23 3.83
C ALA J 9 48.46 -0.35 2.84
N VAL J 10 48.39 -1.38 1.99
CA VAL J 10 49.40 -1.67 0.96
C VAL J 10 49.63 -0.47 0.04
N VAL J 11 48.56 0.22 -0.36
CA VAL J 11 48.70 1.43 -1.16
C VAL J 11 49.50 2.49 -0.38
N GLN J 12 49.24 2.60 0.92
CA GLN J 12 49.91 3.60 1.76
C GLN J 12 51.40 3.30 2.04
N ARG J 13 51.75 2.03 2.14
CA ARG J 13 53.14 1.63 2.30
C ARG J 13 53.96 1.88 1.04
N TYR J 14 53.37 1.55 -0.11
CA TYR J 14 53.95 1.85 -1.42
C TYR J 14 54.36 3.32 -1.44
N VAL J 15 53.40 4.19 -1.12
CA VAL J 15 53.65 5.62 -1.08
C VAL J 15 54.73 5.94 -0.05
N ALA J 16 54.61 5.34 1.13
CA ALA J 16 55.57 5.53 2.21
C ALA J 16 57.00 5.24 1.77
N ALA J 17 57.16 4.13 1.06
CA ALA J 17 58.49 3.65 0.65
C ALA J 17 59.06 4.48 -0.51
N LEU J 18 58.18 4.97 -1.37
CA LEU J 18 58.58 5.85 -2.46
C LEU J 18 59.16 7.13 -1.86
N ASN J 19 58.42 7.71 -0.92
CA ASN J 19 58.88 8.88 -0.21
C ASN J 19 60.17 8.64 0.57
N ALA J 20 60.30 7.46 1.17
CA ALA J 20 61.49 7.14 1.96
C ALA J 20 62.65 6.59 1.10
N GLY J 21 62.38 6.34 -0.18
CA GLY J 21 63.40 5.80 -1.07
C GLY J 21 63.73 4.38 -0.72
N ASP J 22 62.74 3.66 -0.22
CA ASP J 22 62.92 2.32 0.32
C ASP J 22 62.68 1.33 -0.78
N LEU J 23 63.76 0.94 -1.45
CA LEU J 23 63.69 0.06 -2.59
C LEU J 23 63.21 -1.33 -2.17
N ASP J 24 63.82 -1.87 -1.13
CA ASP J 24 63.41 -3.19 -0.61
C ASP J 24 61.93 -3.16 -0.21
N GLY J 25 61.53 -2.08 0.43
CA GLY J 25 60.15 -1.94 0.90
C GLY J 25 59.13 -1.91 -0.23
N ILE J 26 59.49 -1.34 -1.37
CA ILE J 26 58.59 -1.29 -2.52
C ILE J 26 58.43 -2.68 -3.11
N VAL J 27 59.55 -3.35 -3.31
CA VAL J 27 59.57 -4.64 -3.96
C VAL J 27 58.82 -5.68 -3.11
N ALA J 28 59.03 -5.65 -1.80
CA ALA J 28 58.30 -6.51 -0.88
C ALA J 28 56.78 -6.57 -1.13
N LEU J 29 56.18 -5.46 -1.56
CA LEU J 29 54.73 -5.42 -1.76
C LEU J 29 54.24 -6.28 -2.93
N PHE J 30 55.14 -6.62 -3.86
CA PHE J 30 54.79 -7.36 -5.05
C PHE J 30 55.04 -8.85 -4.90
N ALA J 31 54.31 -9.65 -5.66
CA ALA J 31 54.49 -11.10 -5.72
C ALA J 31 55.64 -11.43 -6.65
N ASP J 32 56.30 -12.56 -6.40
CA ASP J 32 57.50 -12.95 -7.16
C ASP J 32 57.38 -12.72 -8.66
N ASP J 33 56.21 -13.05 -9.24
CA ASP J 33 56.02 -12.92 -10.68
C ASP J 33 54.99 -11.83 -11.04
N ALA J 34 55.02 -10.76 -10.27
CA ALA J 34 54.19 -9.58 -10.51
C ALA J 34 54.65 -8.83 -11.76
N THR J 35 53.75 -8.01 -12.29
CA THR J 35 54.03 -7.16 -13.45
C THR J 35 53.81 -5.68 -13.10
N VAL J 36 54.64 -4.81 -13.70
CA VAL J 36 54.44 -3.37 -13.63
C VAL J 36 54.34 -2.80 -15.05
N GLU J 37 53.36 -1.93 -15.28
CA GLU J 37 53.22 -1.20 -16.55
C GLU J 37 53.05 0.30 -16.29
N GLU J 38 54.15 1.04 -16.41
CA GLU J 38 54.18 2.48 -16.14
C GLU J 38 55.10 3.12 -17.19
N PRO J 39 54.53 4.00 -18.05
CA PRO J 39 53.10 4.25 -18.13
C PRO J 39 52.33 3.12 -18.80
N VAL J 40 51.02 3.14 -18.64
CA VAL J 40 50.12 2.27 -19.39
C VAL J 40 50.39 2.42 -20.90
N GLY J 41 50.44 1.28 -21.59
CA GLY J 41 50.77 1.20 -23.01
C GLY J 41 52.23 0.85 -23.27
N SER J 42 53.08 1.00 -22.25
CA SER J 42 54.50 0.63 -22.36
C SER J 42 54.70 -0.85 -22.08
N GLU J 43 55.85 -1.37 -22.49
N GLU J 43 55.85 -1.37 -22.48
N GLU J 43 55.85 -1.38 -22.50
CA GLU J 43 56.21 -2.78 -22.27
CA GLU J 43 56.21 -2.77 -22.28
CA GLU J 43 56.21 -2.78 -22.27
C GLU J 43 56.21 -3.09 -20.78
C GLU J 43 56.25 -3.13 -20.80
C GLU J 43 56.20 -3.08 -20.77
N PRO J 44 55.24 -3.91 -20.31
CA PRO J 44 55.12 -4.18 -18.89
C PRO J 44 56.30 -4.97 -18.36
N ARG J 45 56.97 -4.45 -17.35
CA ARG J 45 58.13 -5.11 -16.79
C ARG J 45 57.66 -6.27 -15.92
N SER J 46 58.35 -7.40 -16.03
CA SER J 46 57.86 -8.63 -15.40
C SER J 46 58.92 -9.29 -14.52
N GLY J 47 58.57 -9.47 -13.25
CA GLY J 47 59.41 -10.20 -12.31
C GLY J 47 60.14 -9.29 -11.34
N THR J 48 60.39 -9.82 -10.15
CA THR J 48 61.20 -9.17 -9.11
C THR J 48 62.41 -8.42 -9.65
N ALA J 49 63.26 -9.10 -10.43
CA ALA J 49 64.43 -8.45 -11.04
C ALA J 49 64.01 -7.25 -11.88
N ALA J 50 63.04 -7.45 -12.77
CA ALA J 50 62.54 -6.37 -13.63
C ALA J 50 61.87 -5.26 -12.83
N ILE J 51 61.12 -5.65 -11.80
CA ILE J 51 60.41 -4.70 -10.96
C ILE J 51 61.42 -3.95 -10.07
N ARG J 52 62.39 -4.68 -9.53
CA ARG J 52 63.43 -4.04 -8.73
C ARG J 52 64.18 -2.99 -9.57
N GLU J 53 64.57 -3.37 -10.78
CA GLU J 53 65.27 -2.44 -11.70
C GLU J 53 64.40 -1.23 -12.05
N PHE J 54 63.11 -1.42 -12.24
CA PHE J 54 62.23 -0.29 -12.57
C PHE J 54 62.26 0.76 -11.45
N TYR J 55 62.06 0.30 -10.21
CA TYR J 55 62.02 1.20 -9.06
C TYR J 55 63.39 1.79 -8.70
N ALA J 56 64.45 1.00 -8.83
CA ALA J 56 65.82 1.51 -8.69
C ALA J 56 66.03 2.73 -9.60
N ASN J 57 65.66 2.58 -10.87
CA ASN J 57 65.79 3.68 -11.82
C ASN J 57 64.90 4.86 -11.47
N SER J 58 63.68 4.60 -11.01
CA SER J 58 62.80 5.69 -10.58
C SER J 58 63.34 6.41 -9.33
N LEU J 59 63.94 5.66 -8.41
CA LEU J 59 64.47 6.25 -7.17
C LEU J 59 65.80 7.01 -7.35
N LYS J 60 66.37 6.97 -8.55
CA LYS J 60 67.60 7.70 -8.84
C LYS J 60 67.46 9.20 -8.64
N LEU J 61 66.24 9.73 -8.79
CA LEU J 61 65.94 11.05 -8.27
C LEU J 61 65.07 10.88 -7.03
N PRO J 62 65.31 11.69 -5.97
CA PRO J 62 64.39 11.62 -4.84
C PRO J 62 62.99 12.06 -5.21
N LEU J 63 61.98 11.31 -4.76
CA LEU J 63 60.59 11.54 -5.15
C LEU J 63 59.74 12.06 -4.01
N ALA J 64 58.94 13.08 -4.28
CA ALA J 64 57.91 13.56 -3.36
C ALA J 64 56.55 13.05 -3.84
N VAL J 65 55.97 12.09 -3.11
CA VAL J 65 54.73 11.42 -3.52
C VAL J 65 53.64 11.60 -2.48
N GLU J 66 52.42 11.88 -2.92
CA GLU J 66 51.28 11.97 -1.98
C GLU J 66 49.94 11.59 -2.60
N LEU J 67 49.16 10.83 -1.83
CA LEU J 67 47.79 10.53 -2.20
C LEU J 67 47.04 11.85 -2.23
N THR J 68 46.26 12.07 -3.28
CA THR J 68 45.50 13.31 -3.41
C THR J 68 44.00 13.13 -3.08
N GLN J 69 43.57 11.89 -3.01
CA GLN J 69 42.21 11.53 -2.61
C GLN J 69 42.24 10.18 -1.93
N GLU J 70 41.11 9.77 -1.39
CA GLU J 70 40.91 8.46 -0.77
C GLU J 70 41.26 7.33 -1.73
N VAL J 71 41.67 6.21 -1.15
CA VAL J 71 41.88 4.97 -1.88
C VAL J 71 40.54 4.30 -2.13
N ARG J 72 40.37 3.85 -3.37
CA ARG J 72 39.21 3.08 -3.78
C ARG J 72 39.62 1.63 -3.90
N ALA J 73 38.80 0.74 -3.34
CA ALA J 73 39.20 -0.65 -3.10
C ALA J 73 37.98 -1.56 -2.96
N VAL J 74 37.91 -2.60 -3.79
N VAL J 74 37.94 -2.58 -3.81
CA VAL J 74 36.87 -3.60 -3.70
CA VAL J 74 36.93 -3.62 -3.77
C VAL J 74 37.38 -4.93 -4.24
C VAL J 74 37.42 -4.84 -4.55
N ALA J 75 36.59 -5.98 -4.10
N ALA J 75 36.80 -5.99 -4.28
CA ALA J 75 37.02 -7.28 -4.57
CA ALA J 75 37.08 -7.24 -4.97
C ALA J 75 38.51 -7.44 -4.27
C ALA J 75 38.51 -7.39 -5.50
N ASN J 76 39.31 -7.60 -5.31
N ASN J 76 39.49 -7.31 -4.61
CA ASN J 76 40.75 -7.78 -5.12
CA ASN J 76 40.87 -7.72 -4.89
C ASN J 76 41.58 -6.78 -5.88
C ASN J 76 41.61 -6.77 -5.83
N GLU J 77 41.11 -5.53 -5.91
CA GLU J 77 41.74 -4.50 -6.69
C GLU J 77 41.65 -3.19 -5.92
N ALA J 78 42.72 -2.40 -5.96
CA ALA J 78 42.62 -1.03 -5.50
C ALA J 78 43.01 -0.11 -6.64
N ALA J 79 42.65 1.16 -6.51
CA ALA J 79 43.09 2.18 -7.43
C ALA J 79 43.16 3.48 -6.66
N PHE J 80 44.07 4.37 -7.06
CA PHE J 80 44.31 5.61 -6.32
C PHE J 80 44.90 6.73 -7.15
N ALA J 81 44.57 7.95 -6.73
CA ALA J 81 45.04 9.17 -7.36
C ALA J 81 46.08 9.81 -6.45
N PHE J 82 47.15 10.29 -7.07
CA PHE J 82 48.31 10.78 -6.36
C PHE J 82 49.16 11.62 -7.29
N THR J 83 50.22 12.22 -6.72
CA THR J 83 51.21 12.95 -7.47
C THR J 83 52.62 12.44 -7.14
N VAL J 84 53.53 12.60 -8.09
CA VAL J 84 54.93 12.30 -7.91
C VAL J 84 55.70 13.50 -8.43
N SER J 85 56.50 14.09 -7.57
CA SER J 85 57.27 15.27 -7.94
C SER J 85 58.77 15.06 -7.76
N PHE J 86 59.54 15.69 -8.63
CA PHE J 86 60.99 15.59 -8.59
C PHE J 86 61.56 16.83 -9.24
N GLU J 87 62.82 17.11 -8.92
CA GLU J 87 63.47 18.33 -9.38
C GLU J 87 64.88 18.02 -9.88
N TYR J 88 65.17 18.36 -11.14
CA TYR J 88 66.46 18.05 -11.76
C TYR J 88 66.80 19.01 -12.88
N GLN J 89 68.05 19.48 -12.89
CA GLN J 89 68.59 20.31 -13.96
C GLN J 89 67.71 21.52 -14.30
N GLY J 90 67.29 22.24 -13.24
CA GLY J 90 66.61 23.53 -13.35
C GLY J 90 65.09 23.46 -13.48
N ARG J 91 64.47 22.47 -12.83
CA ARG J 91 63.05 22.21 -13.08
C ARG J 91 62.42 21.20 -12.12
N LYS J 92 61.26 21.57 -11.55
CA LYS J 92 60.46 20.64 -10.75
C LYS J 92 59.32 20.15 -11.64
N THR J 93 59.23 18.82 -11.75
CA THR J 93 58.16 18.16 -12.49
C THR J 93 57.18 17.55 -11.49
N VAL J 94 55.88 17.69 -11.76
CA VAL J 94 54.84 17.03 -10.97
C VAL J 94 54.01 16.16 -11.89
N VAL J 95 54.06 14.85 -11.68
CA VAL J 95 53.26 13.91 -12.43
C VAL J 95 52.04 13.55 -11.58
N ALA J 96 50.87 13.45 -12.21
CA ALA J 96 49.64 13.08 -11.52
C ALA J 96 49.00 11.83 -12.15
N PRO J 97 49.47 10.63 -11.74
CA PRO J 97 48.89 9.42 -12.31
C PRO J 97 47.66 8.90 -11.55
N ILE J 98 47.05 7.86 -12.12
CA ILE J 98 46.11 7.01 -11.42
C ILE J 98 46.62 5.58 -11.53
N ASP J 99 46.90 4.98 -10.38
CA ASP J 99 47.46 3.63 -10.35
C ASP J 99 46.36 2.62 -10.05
N HIS J 100 46.53 1.43 -10.60
CA HIS J 100 45.64 0.33 -10.31
C HIS J 100 46.45 -0.88 -9.83
N PHE J 101 46.11 -1.39 -8.64
CA PHE J 101 46.67 -2.63 -8.09
C PHE J 101 45.68 -3.81 -8.22
N ARG J 102 46.13 -4.94 -8.76
N ARG J 102 46.14 -4.95 -8.74
CA ARG J 102 45.48 -6.24 -8.55
CA ARG J 102 45.44 -6.23 -8.55
C ARG J 102 46.22 -7.02 -7.47
C ARG J 102 46.21 -7.08 -7.53
N PHE J 103 45.49 -7.70 -6.59
CA PHE J 103 46.12 -8.55 -5.54
C PHE J 103 45.83 -10.05 -5.68
N ASN J 104 46.81 -10.89 -5.33
CA ASN J 104 46.57 -12.33 -5.23
C ASN J 104 46.03 -12.67 -3.84
N GLY J 105 45.76 -13.95 -3.61
CA GLY J 105 45.19 -14.41 -2.36
C GLY J 105 46.09 -14.36 -1.14
N ALA J 106 47.39 -14.11 -1.35
CA ALA J 106 48.32 -13.84 -0.25
C ALA J 106 48.35 -12.35 0.09
N GLY J 107 47.63 -11.53 -0.67
CA GLY J 107 47.58 -10.09 -0.43
C GLY J 107 48.83 -9.33 -0.81
N LYS J 108 49.51 -9.79 -1.85
CA LYS J 108 50.60 -9.05 -2.46
C LYS J 108 50.10 -8.61 -3.84
N VAL J 109 50.63 -7.50 -4.33
CA VAL J 109 50.24 -6.94 -5.61
C VAL J 109 50.81 -7.76 -6.77
N VAL J 110 49.95 -8.49 -7.49
CA VAL J 110 50.40 -9.21 -8.69
C VAL J 110 50.40 -8.34 -9.95
N SER J 111 49.86 -7.14 -9.86
CA SER J 111 49.70 -6.29 -11.02
C SER J 111 49.58 -4.83 -10.62
N MET J 112 50.39 -3.97 -11.23
N MET J 112 50.40 -3.98 -11.24
CA MET J 112 50.25 -2.53 -11.11
CA MET J 112 50.26 -2.55 -11.13
C MET J 112 50.33 -1.92 -12.50
C MET J 112 50.25 -2.02 -12.56
N ARG J 113 49.34 -1.09 -12.83
CA ARG J 113 49.27 -0.40 -14.10
C ARG J 113 49.13 1.07 -13.73
N ALA J 114 50.07 1.88 -14.20
CA ALA J 114 50.12 3.29 -13.85
C ALA J 114 49.60 4.08 -15.04
N LEU J 115 48.45 4.73 -14.88
CA LEU J 115 47.78 5.35 -16.03
C LEU J 115 47.95 6.87 -16.02
N PHE J 116 48.72 7.38 -16.97
CA PHE J 116 48.96 8.83 -17.08
C PHE J 116 49.57 9.19 -18.42
N GLY J 117 49.35 10.42 -18.85
CA GLY J 117 49.86 10.94 -20.13
C GLY J 117 50.65 12.23 -19.95
N GLU J 118 51.07 12.83 -21.06
CA GLU J 118 51.82 14.10 -21.04
C GLU J 118 50.98 15.26 -20.48
N LYS J 119 49.67 15.23 -20.70
CA LYS J 119 48.77 16.23 -20.10
C LYS J 119 48.71 16.09 -18.57
N ASN J 120 49.16 14.95 -18.05
CA ASN J 120 49.27 14.74 -16.58
C ASN J 120 50.67 15.01 -16.01
N ILE J 121 51.61 15.46 -16.85
CA ILE J 121 52.96 15.81 -16.41
C ILE J 121 53.12 17.33 -16.43
N HIS J 122 53.24 17.92 -15.23
CA HIS J 122 53.23 19.38 -15.08
C HIS J 122 54.64 19.87 -14.73
N ALA J 123 55.26 20.60 -15.65
CA ALA J 123 56.70 20.93 -15.55
C ALA J 123 56.96 22.43 -15.61
N MET K 1 -59.44 -2.13 -63.67
CA MET K 1 -58.62 -1.99 -62.43
C MET K 1 -57.67 -3.18 -62.29
N ASN K 2 -56.48 -2.87 -61.81
CA ASN K 2 -55.46 -3.86 -61.49
C ASN K 2 -55.84 -4.70 -60.28
N THR K 3 -55.40 -5.96 -60.25
CA THR K 3 -55.61 -6.79 -59.09
C THR K 3 -54.61 -6.39 -58.00
N PRO K 4 -55.01 -6.47 -56.73
CA PRO K 4 -54.03 -6.27 -55.67
C PRO K 4 -52.90 -7.30 -55.72
N GLU K 5 -53.22 -8.52 -56.18
CA GLU K 5 -52.23 -9.58 -56.26
C GLU K 5 -51.12 -9.23 -57.26
N HIS K 6 -51.50 -8.70 -58.42
CA HIS K 6 -50.51 -8.31 -59.44
C HIS K 6 -49.63 -7.16 -58.96
N MET K 7 -50.24 -6.18 -58.32
CA MET K 7 -49.45 -5.08 -57.83
C MET K 7 -48.50 -5.58 -56.75
N THR K 8 -49.02 -6.40 -55.85
CA THR K 8 -48.20 -6.97 -54.78
C THR K 8 -47.07 -7.80 -55.35
N ALA K 9 -47.38 -8.62 -56.35
CA ALA K 9 -46.34 -9.39 -57.04
C ALA K 9 -45.27 -8.45 -57.62
N VAL K 10 -45.67 -7.36 -58.24
CA VAL K 10 -44.70 -6.44 -58.84
C VAL K 10 -43.75 -5.78 -57.81
N VAL K 11 -44.26 -5.45 -56.63
CA VAL K 11 -43.46 -4.82 -55.58
C VAL K 11 -42.41 -5.82 -55.11
N GLN K 12 -42.88 -7.04 -54.90
CA GLN K 12 -41.99 -8.13 -54.57
C GLN K 12 -40.92 -8.36 -55.64
N ARG K 13 -41.31 -8.34 -56.92
N ARG K 13 -41.31 -8.33 -56.92
CA ARG K 13 -40.36 -8.59 -58.02
CA ARG K 13 -40.37 -8.59 -58.01
C ARG K 13 -39.36 -7.45 -58.10
C ARG K 13 -39.36 -7.46 -58.10
N TYR K 14 -39.84 -6.24 -57.81
CA TYR K 14 -38.99 -5.06 -57.68
C TYR K 14 -37.84 -5.23 -56.69
N VAL K 15 -38.17 -5.51 -55.43
CA VAL K 15 -37.16 -5.83 -54.41
C VAL K 15 -36.21 -6.92 -54.92
N ALA K 16 -36.78 -7.93 -55.56
CA ALA K 16 -36.00 -9.09 -56.01
C ALA K 16 -35.00 -8.68 -57.09
N ALA K 17 -35.45 -7.83 -58.01
CA ALA K 17 -34.61 -7.36 -59.12
C ALA K 17 -33.46 -6.53 -58.58
N LEU K 18 -33.72 -5.77 -57.52
CA LEU K 18 -32.70 -4.94 -56.91
C LEU K 18 -31.64 -5.86 -56.28
N ASN K 19 -32.07 -6.80 -55.46
CA ASN K 19 -31.17 -7.80 -54.90
C ASN K 19 -30.37 -8.58 -55.97
N ALA K 20 -30.97 -8.83 -57.13
CA ALA K 20 -30.27 -9.56 -58.19
C ALA K 20 -29.50 -8.62 -59.12
N GLY K 21 -29.55 -7.32 -58.87
CA GLY K 21 -28.81 -6.35 -59.70
C GLY K 21 -29.26 -6.43 -61.15
N ASP K 22 -30.56 -6.65 -61.35
CA ASP K 22 -31.13 -6.96 -62.66
C ASP K 22 -31.78 -5.71 -63.27
N LEU K 23 -30.96 -4.88 -63.91
CA LEU K 23 -31.42 -3.62 -64.53
C LEU K 23 -32.65 -3.86 -65.41
N ASP K 24 -32.56 -4.80 -66.35
CA ASP K 24 -33.65 -5.02 -67.31
C ASP K 24 -34.97 -5.40 -66.61
N GLY K 25 -34.87 -6.16 -65.53
CA GLY K 25 -36.04 -6.61 -64.78
C GLY K 25 -36.76 -5.48 -64.06
N ILE K 26 -36.00 -4.55 -63.49
CA ILE K 26 -36.56 -3.37 -62.86
C ILE K 26 -37.27 -2.50 -63.90
N VAL K 27 -36.52 -2.14 -64.93
CA VAL K 27 -37.01 -1.29 -66.01
C VAL K 27 -38.25 -1.87 -66.69
N ALA K 28 -38.30 -3.19 -66.82
CA ALA K 28 -39.42 -3.87 -67.50
C ALA K 28 -40.74 -3.73 -66.74
N LEU K 29 -40.66 -3.35 -65.47
CA LEU K 29 -41.86 -3.16 -64.65
C LEU K 29 -42.57 -1.87 -65.02
N PHE K 30 -41.81 -0.92 -65.56
CA PHE K 30 -42.31 0.43 -65.83
C PHE K 30 -42.90 0.60 -67.23
N ALA K 31 -44.00 1.36 -67.31
CA ALA K 31 -44.52 1.82 -68.60
C ALA K 31 -43.53 2.80 -69.21
N ASP K 32 -43.72 3.09 -70.48
CA ASP K 32 -42.70 3.81 -71.24
C ASP K 32 -42.70 5.31 -71.02
N ASP K 33 -43.86 5.86 -70.70
CA ASP K 33 -43.98 7.26 -70.31
C ASP K 33 -44.00 7.42 -68.77
N ALA K 34 -43.41 6.46 -68.06
CA ALA K 34 -43.44 6.45 -66.59
C ALA K 34 -42.49 7.48 -65.97
N THR K 35 -42.66 7.69 -64.65
CA THR K 35 -41.86 8.65 -63.91
C THR K 35 -41.35 8.10 -62.57
N VAL K 36 -40.16 8.55 -62.19
CA VAL K 36 -39.58 8.18 -60.91
C VAL K 36 -39.18 9.42 -60.17
N GLU K 37 -39.66 9.53 -58.94
CA GLU K 37 -39.24 10.59 -58.03
C GLU K 37 -38.59 9.96 -56.82
N GLU K 38 -37.25 9.97 -56.79
CA GLU K 38 -36.49 9.37 -55.70
C GLU K 38 -35.28 10.24 -55.43
N PRO K 39 -35.27 10.97 -54.30
CA PRO K 39 -36.33 11.05 -53.28
C PRO K 39 -37.48 11.96 -53.69
N VAL K 40 -38.59 11.89 -52.95
CA VAL K 40 -39.68 12.84 -53.09
C VAL K 40 -39.11 14.25 -52.91
N GLY K 41 -39.52 15.16 -53.80
CA GLY K 41 -38.97 16.52 -53.82
C GLY K 41 -37.92 16.75 -54.89
N SER K 42 -37.23 15.69 -55.32
CA SER K 42 -36.24 15.84 -56.40
C SER K 42 -36.96 16.01 -57.73
N GLU K 43 -36.21 16.27 -58.80
N GLU K 43 -36.19 16.26 -58.78
CA GLU K 43 -36.81 16.44 -60.12
CA GLU K 43 -36.74 16.35 -60.14
C GLU K 43 -37.15 15.07 -60.74
C GLU K 43 -37.18 14.95 -60.58
N PRO K 44 -38.44 14.82 -61.04
CA PRO K 44 -38.92 13.56 -61.60
C PRO K 44 -38.13 13.11 -62.83
N ARG K 45 -37.79 11.82 -62.87
CA ARG K 45 -37.10 11.24 -64.03
C ARG K 45 -38.15 10.67 -64.95
N SER K 46 -38.22 11.22 -66.16
CA SER K 46 -39.33 10.98 -67.06
C SER K 46 -38.88 10.09 -68.22
N GLY K 47 -39.57 8.96 -68.39
CA GLY K 47 -39.35 8.09 -69.54
C GLY K 47 -38.30 7.01 -69.33
N THR K 48 -38.37 5.99 -70.18
CA THR K 48 -37.60 4.75 -70.04
C THR K 48 -36.10 4.98 -69.96
N ALA K 49 -35.57 5.81 -70.86
CA ALA K 49 -34.14 6.10 -70.89
C ALA K 49 -33.68 6.66 -69.54
N ALA K 50 -34.40 7.66 -69.04
CA ALA K 50 -34.06 8.32 -67.77
C ALA K 50 -34.20 7.41 -66.55
N ILE K 51 -35.21 6.54 -66.58
CA ILE K 51 -35.45 5.61 -65.50
C ILE K 51 -34.36 4.52 -65.53
N ARG K 52 -34.00 4.11 -66.76
CA ARG K 52 -32.87 3.21 -66.97
C ARG K 52 -31.58 3.76 -66.36
N GLU K 53 -31.26 5.01 -66.67
CA GLU K 53 -30.04 5.63 -66.14
C GLU K 53 -30.04 5.57 -64.61
N PHE K 54 -31.18 5.92 -64.02
CA PHE K 54 -31.28 6.03 -62.57
C PHE K 54 -31.07 4.68 -61.88
N TYR K 55 -31.65 3.63 -62.42
CA TYR K 55 -31.36 2.30 -61.88
C TYR K 55 -29.96 1.82 -62.23
N ALA K 56 -29.47 2.17 -63.42
CA ALA K 56 -28.08 1.89 -63.78
C ALA K 56 -27.10 2.37 -62.69
N ASN K 57 -27.27 3.62 -62.25
CA ASN K 57 -26.38 4.20 -61.26
C ASN K 57 -26.57 3.60 -59.87
N SER K 58 -27.83 3.40 -59.49
CA SER K 58 -28.20 2.76 -58.25
C SER K 58 -27.50 1.41 -58.07
N LEU K 59 -27.47 0.62 -59.14
CA LEU K 59 -26.87 -0.71 -59.11
C LEU K 59 -25.35 -0.72 -59.29
N LYS K 60 -24.70 0.44 -59.31
CA LYS K 60 -23.23 0.47 -59.30
C LYS K 60 -22.68 -0.07 -57.96
N LEU K 61 -23.53 -0.07 -56.92
CA LEU K 61 -23.22 -0.77 -55.66
C LEU K 61 -24.15 -1.99 -55.46
N PRO K 62 -23.63 -3.07 -54.84
CA PRO K 62 -24.51 -4.18 -54.45
C PRO K 62 -25.49 -3.75 -53.37
N LEU K 63 -26.76 -4.08 -53.52
CA LEU K 63 -27.76 -3.70 -52.53
C LEU K 63 -28.39 -4.94 -51.92
N ALA K 64 -28.67 -4.86 -50.63
CA ALA K 64 -29.50 -5.85 -49.97
C ALA K 64 -30.79 -5.14 -49.60
N VAL K 65 -31.86 -5.48 -50.30
CA VAL K 65 -33.14 -4.83 -50.12
C VAL K 65 -34.13 -5.84 -49.58
N GLU K 66 -34.95 -5.39 -48.63
CA GLU K 66 -36.00 -6.24 -48.13
C GLU K 66 -37.25 -5.50 -47.64
N LEU K 67 -38.41 -6.10 -47.92
CA LEU K 67 -39.69 -5.57 -47.48
C LEU K 67 -39.80 -5.82 -46.01
N THR K 68 -40.04 -4.76 -45.23
CA THR K 68 -40.06 -4.89 -43.79
C THR K 68 -41.48 -5.13 -43.26
N GLN K 69 -42.45 -5.12 -44.18
CA GLN K 69 -43.86 -5.18 -43.81
C GLN K 69 -44.66 -5.62 -45.03
N GLU K 70 -45.91 -5.95 -44.78
CA GLU K 70 -46.86 -6.20 -45.84
C GLU K 70 -47.01 -5.05 -46.83
N VAL K 71 -47.15 -5.43 -48.10
CA VAL K 71 -47.45 -4.50 -49.18
C VAL K 71 -48.91 -4.05 -49.09
N ARG K 72 -49.12 -2.75 -49.21
CA ARG K 72 -50.45 -2.19 -49.26
C ARG K 72 -50.85 -2.02 -50.72
N ALA K 73 -51.98 -2.59 -51.10
CA ALA K 73 -52.43 -2.48 -52.49
C ALA K 73 -53.93 -2.30 -52.56
N VAL K 74 -54.38 -1.28 -53.31
N VAL K 74 -54.37 -1.28 -53.31
CA VAL K 74 -55.80 -1.05 -53.56
CA VAL K 74 -55.77 -1.03 -53.58
C VAL K 74 -55.97 -0.14 -54.77
C VAL K 74 -55.92 -0.03 -54.73
N ALA K 75 -57.14 -0.19 -55.40
N ALA K 75 -57.12 0.08 -55.27
CA ALA K 75 -57.36 0.47 -56.68
CA ALA K 75 -57.42 0.99 -56.40
C ALA K 75 -56.26 0.10 -57.68
C ALA K 75 -56.19 1.44 -57.23
N ASN K 76 -55.54 1.10 -58.19
N ASN K 76 -55.64 0.53 -58.02
CA ASN K 76 -54.38 0.84 -59.03
CA ASN K 76 -54.53 0.84 -58.94
C ASN K 76 -53.09 1.30 -58.36
C ASN K 76 -53.22 1.40 -58.34
N GLU K 77 -53.08 1.32 -57.02
CA GLU K 77 -51.93 1.78 -56.28
C GLU K 77 -51.38 0.79 -55.26
N ALA K 78 -50.10 0.98 -54.94
CA ALA K 78 -49.44 0.17 -53.94
C ALA K 78 -48.45 1.04 -53.20
N ALA K 79 -48.34 0.84 -51.90
CA ALA K 79 -47.34 1.50 -51.12
C ALA K 79 -46.61 0.44 -50.34
N PHE K 80 -45.30 0.62 -50.13
CA PHE K 80 -44.54 -0.34 -49.35
C PHE K 80 -43.40 0.25 -48.50
N ALA K 81 -43.16 -0.37 -47.34
CA ALA K 81 -41.98 -0.14 -46.50
C ALA K 81 -40.89 -1.20 -46.76
N PHE K 82 -39.66 -0.73 -46.83
CA PHE K 82 -38.53 -1.58 -47.13
C PHE K 82 -37.25 -0.90 -46.66
N THR K 83 -36.15 -1.63 -46.72
CA THR K 83 -34.84 -1.06 -46.41
C THR K 83 -33.90 -1.42 -47.55
N VAL K 84 -32.98 -0.50 -47.83
CA VAL K 84 -31.96 -0.68 -48.84
C VAL K 84 -30.64 -0.55 -48.13
N SER K 85 -29.85 -1.62 -48.16
CA SER K 85 -28.57 -1.63 -47.49
C SER K 85 -27.43 -1.78 -48.47
N PHE K 86 -26.37 -1.02 -48.23
CA PHE K 86 -25.13 -1.10 -48.99
C PHE K 86 -23.96 -0.73 -48.08
N GLU K 87 -22.76 -1.16 -48.47
CA GLU K 87 -21.53 -0.85 -47.73
C GLU K 87 -20.43 -0.45 -48.70
N TYR K 88 -19.87 0.73 -48.48
CA TYR K 88 -18.88 1.25 -49.38
C TYR K 88 -17.87 2.12 -48.63
N GLN K 89 -16.59 1.92 -48.97
CA GLN K 89 -15.48 2.66 -48.39
C GLN K 89 -15.52 2.66 -46.87
N GLY K 90 -15.80 1.48 -46.31
CA GLY K 90 -15.76 1.27 -44.86
C GLY K 90 -16.93 1.85 -44.09
N ARG K 91 -18.10 1.92 -44.70
CA ARG K 91 -19.29 2.44 -44.02
C ARG K 91 -20.55 1.70 -44.47
N LYS K 92 -21.32 1.20 -43.49
CA LYS K 92 -22.59 0.55 -43.77
C LYS K 92 -23.75 1.53 -43.67
N THR K 93 -24.57 1.57 -44.71
CA THR K 93 -25.75 2.41 -44.73
C THR K 93 -27.01 1.55 -44.92
N VAL K 94 -28.06 1.91 -44.19
CA VAL K 94 -29.39 1.38 -44.40
C VAL K 94 -30.38 2.54 -44.57
N VAL K 95 -30.97 2.62 -45.75
CA VAL K 95 -31.98 3.62 -46.09
C VAL K 95 -33.35 2.95 -45.99
N ALA K 96 -34.31 3.62 -45.38
CA ALA K 96 -35.61 3.00 -45.13
C ALA K 96 -36.68 3.93 -45.65
N PRO K 97 -37.03 3.81 -46.94
CA PRO K 97 -38.06 4.64 -47.53
C PRO K 97 -39.43 4.02 -47.36
N ILE K 98 -40.45 4.76 -47.74
CA ILE K 98 -41.73 4.18 -48.13
C ILE K 98 -41.89 4.60 -49.57
N ASP K 99 -42.15 3.63 -50.44
CA ASP K 99 -42.39 3.86 -51.87
C ASP K 99 -43.88 3.74 -52.19
N HIS K 100 -44.27 4.41 -53.27
CA HIS K 100 -45.64 4.39 -53.76
C HIS K 100 -45.64 4.17 -55.25
N PHE K 101 -46.32 3.10 -55.71
CA PHE K 101 -46.51 2.85 -57.16
C PHE K 101 -47.92 3.23 -57.58
N ARG K 102 -48.04 3.86 -58.74
CA ARG K 102 -49.33 3.87 -59.43
C ARG K 102 -49.21 3.07 -60.71
N PHE K 103 -50.22 2.25 -61.00
CA PHE K 103 -50.23 1.35 -62.14
C PHE K 103 -51.19 1.82 -63.22
N ASN K 104 -50.80 1.63 -64.49
CA ASN K 104 -51.68 1.91 -65.62
C ASN K 104 -52.62 0.74 -65.89
N GLY K 105 -53.41 0.85 -66.96
CA GLY K 105 -54.34 -0.21 -67.34
C GLY K 105 -53.70 -1.54 -67.70
N ALA K 106 -52.47 -1.50 -68.18
CA ALA K 106 -51.76 -2.70 -68.63
C ALA K 106 -51.03 -3.49 -67.53
N GLY K 107 -51.02 -2.96 -66.30
CA GLY K 107 -50.33 -3.64 -65.22
C GLY K 107 -48.92 -3.15 -64.97
N LYS K 108 -48.51 -2.11 -65.69
CA LYS K 108 -47.18 -1.52 -65.52
C LYS K 108 -47.21 -0.28 -64.63
N VAL K 109 -46.07 0.05 -64.01
CA VAL K 109 -45.96 1.22 -63.15
C VAL K 109 -45.79 2.48 -64.02
N VAL K 110 -46.68 3.45 -63.83
CA VAL K 110 -46.63 4.77 -64.50
C VAL K 110 -45.96 5.85 -63.64
N SER K 111 -45.99 5.71 -62.32
CA SER K 111 -45.17 6.55 -61.47
C SER K 111 -44.70 5.86 -60.21
N MET K 112 -43.53 6.28 -59.75
N MET K 112 -43.53 6.26 -59.74
CA MET K 112 -42.94 5.76 -58.53
CA MET K 112 -43.04 5.85 -58.45
C MET K 112 -42.38 6.95 -57.76
C MET K 112 -42.48 7.05 -57.74
N ARG K 113 -42.80 7.09 -56.51
N ARG K 113 -42.82 7.17 -56.46
CA ARG K 113 -42.25 8.09 -55.62
CA ARG K 113 -42.24 8.18 -55.61
C ARG K 113 -41.67 7.43 -54.39
C ARG K 113 -41.71 7.54 -54.34
N ALA K 114 -40.45 7.79 -54.05
CA ALA K 114 -39.74 7.20 -52.94
C ALA K 114 -39.67 8.24 -51.87
N LEU K 115 -40.33 8.01 -50.74
CA LEU K 115 -40.40 8.99 -49.67
C LEU K 115 -39.42 8.65 -48.53
N PHE K 116 -38.40 9.49 -48.40
CA PHE K 116 -37.44 9.38 -47.28
C PHE K 116 -36.60 10.63 -47.15
N GLY K 117 -36.11 10.86 -45.93
CA GLY K 117 -35.22 11.97 -45.63
C GLY K 117 -33.94 11.49 -44.98
N GLU K 118 -33.15 12.43 -44.47
CA GLU K 118 -31.91 12.09 -43.79
C GLU K 118 -32.17 11.32 -42.49
N LYS K 119 -33.28 11.60 -41.80
N LYS K 119 -33.29 11.61 -41.82
CA LYS K 119 -33.66 10.82 -40.62
CA LYS K 119 -33.72 10.86 -40.64
C LYS K 119 -33.91 9.34 -40.93
C LYS K 119 -33.93 9.36 -40.93
N ASN K 120 -34.16 9.01 -42.19
CA ASN K 120 -34.38 7.61 -42.63
C ASN K 120 -33.17 6.93 -43.27
N ILE K 121 -32.01 7.55 -43.13
CA ILE K 121 -30.76 7.05 -43.70
C ILE K 121 -29.83 6.83 -42.53
N HIS K 122 -29.58 5.56 -42.22
CA HIS K 122 -28.89 5.13 -41.02
C HIS K 122 -27.55 4.51 -41.39
N ALA K 123 -26.48 5.22 -41.10
CA ALA K 123 -25.15 4.80 -41.52
C ALA K 123 -24.23 4.77 -40.31
N MET L 1 -12.97 -2.94 -25.72
CA MET L 1 -13.18 -1.95 -26.82
C MET L 1 -13.08 -0.53 -26.27
N ASN L 2 -11.94 0.11 -26.55
CA ASN L 2 -11.73 1.53 -26.27
C ASN L 2 -12.68 2.42 -27.05
N THR L 3 -13.10 3.49 -26.40
CA THR L 3 -13.94 4.52 -26.99
C THR L 3 -13.11 5.53 -27.79
N PRO L 4 -13.68 6.09 -28.87
CA PRO L 4 -12.98 7.14 -29.60
C PRO L 4 -12.84 8.46 -28.83
N GLU L 5 -13.83 8.82 -28.02
CA GLU L 5 -13.69 10.03 -27.19
C GLU L 5 -12.63 9.85 -26.10
N HIS L 6 -12.36 8.60 -25.70
CA HIS L 6 -11.26 8.34 -24.78
C HIS L 6 -9.91 8.46 -25.50
N MET L 7 -9.73 7.74 -26.60
CA MET L 7 -8.48 7.77 -27.36
C MET L 7 -8.15 9.18 -27.90
N THR L 8 -9.18 9.97 -28.22
CA THR L 8 -8.93 11.35 -28.66
C THR L 8 -8.58 12.24 -27.48
N ALA L 9 -9.30 12.11 -26.40
CA ALA L 9 -9.00 12.86 -25.17
C ALA L 9 -7.54 12.65 -24.75
N VAL L 10 -7.09 11.40 -24.83
CA VAL L 10 -5.71 11.02 -24.49
C VAL L 10 -4.72 11.69 -25.44
N VAL L 11 -5.01 11.64 -26.73
CA VAL L 11 -4.18 12.30 -27.75
C VAL L 11 -4.04 13.80 -27.51
N GLN L 12 -5.06 14.42 -26.92
CA GLN L 12 -5.05 15.85 -26.62
C GLN L 12 -4.42 16.16 -25.26
N ARG L 13 -4.52 15.22 -24.32
CA ARG L 13 -3.76 15.33 -23.08
C ARG L 13 -2.27 15.13 -23.36
N TYR L 14 -1.96 14.31 -24.35
CA TYR L 14 -0.59 14.07 -24.80
C TYR L 14 0.02 15.30 -25.49
N VAL L 15 -0.72 15.90 -26.42
CA VAL L 15 -0.30 17.14 -27.09
C VAL L 15 -0.25 18.30 -26.09
N ALA L 16 -1.23 18.36 -25.20
CA ALA L 16 -1.25 19.36 -24.15
C ALA L 16 -0.09 19.19 -23.17
N ALA L 17 0.12 17.97 -22.68
CA ALA L 17 1.17 17.71 -21.69
C ALA L 17 2.54 18.13 -22.18
N LEU L 18 2.84 17.80 -23.43
CA LEU L 18 4.07 18.22 -24.09
C LEU L 18 4.23 19.74 -24.03
N ASN L 19 3.16 20.47 -24.36
CA ASN L 19 3.19 21.94 -24.36
C ASN L 19 3.50 22.55 -22.99
N ALA L 20 3.13 21.86 -21.92
CA ALA L 20 3.33 22.37 -20.56
C ALA L 20 4.60 21.87 -19.90
N GLY L 21 5.32 20.94 -20.55
CA GLY L 21 6.50 20.32 -19.96
C GLY L 21 6.17 19.53 -18.70
N ASP L 22 4.96 18.99 -18.67
CA ASP L 22 4.47 18.21 -17.53
C ASP L 22 4.87 16.76 -17.78
N LEU L 23 6.05 16.41 -17.28
CA LEU L 23 6.64 15.08 -17.50
C LEU L 23 5.77 13.96 -16.94
N ASP L 24 5.26 14.17 -15.73
CA ASP L 24 4.41 13.17 -15.08
C ASP L 24 3.13 12.92 -15.87
N GLY L 25 2.65 13.95 -16.57
CA GLY L 25 1.41 13.87 -17.33
C GLY L 25 1.50 12.96 -18.55
N ILE L 26 2.66 12.97 -19.20
CA ILE L 26 2.86 12.14 -20.38
C ILE L 26 2.96 10.70 -19.93
N VAL L 27 3.88 10.47 -18.99
CA VAL L 27 4.20 9.15 -18.51
C VAL L 27 2.94 8.45 -18.02
N ALA L 28 2.08 9.20 -17.32
CA ALA L 28 0.79 8.69 -16.83
C ALA L 28 -0.12 8.01 -17.87
N LEU L 29 -0.06 8.41 -19.14
CA LEU L 29 -0.93 7.85 -20.19
C LEU L 29 -0.53 6.44 -20.65
N PHE L 30 0.72 6.08 -20.41
CA PHE L 30 1.26 4.79 -20.84
C PHE L 30 1.09 3.75 -19.75
N ALA L 31 0.89 2.50 -20.17
CA ALA L 31 0.96 1.35 -19.24
C ALA L 31 2.41 1.06 -18.90
N ASP L 32 2.65 0.29 -17.85
CA ASP L 32 4.03 0.03 -17.41
C ASP L 32 4.85 -0.86 -18.34
N ASP L 33 4.19 -1.67 -19.18
CA ASP L 33 4.89 -2.44 -20.21
C ASP L 33 4.76 -1.78 -21.58
N ALA L 34 4.41 -0.49 -21.58
CA ALA L 34 4.34 0.25 -22.82
C ALA L 34 5.72 0.31 -23.45
N THR L 35 5.74 0.38 -24.77
CA THR L 35 6.93 0.67 -25.53
C THR L 35 6.71 1.98 -26.28
N VAL L 36 7.78 2.72 -26.50
CA VAL L 36 7.75 3.90 -27.37
C VAL L 36 8.83 3.73 -28.42
N GLU L 37 8.56 4.18 -29.64
CA GLU L 37 9.52 4.05 -30.72
C GLU L 37 9.48 5.30 -31.60
N GLU L 38 10.41 6.22 -31.33
CA GLU L 38 10.45 7.52 -31.98
C GLU L 38 11.90 7.96 -32.19
N PRO L 39 12.33 8.10 -33.46
CA PRO L 39 11.54 7.83 -34.65
C PRO L 39 11.38 6.33 -34.91
N VAL L 40 10.33 6.00 -35.65
CA VAL L 40 10.15 4.68 -36.24
C VAL L 40 11.45 4.17 -36.86
N GLY L 41 11.74 2.89 -36.62
CA GLY L 41 12.96 2.25 -37.11
C GLY L 41 14.09 2.25 -36.09
N SER L 42 13.93 3.02 -35.01
CA SER L 42 14.91 3.02 -33.92
C SER L 42 14.55 1.91 -32.91
N GLU L 43 15.41 1.67 -31.93
CA GLU L 43 15.17 0.59 -30.97
C GLU L 43 14.07 0.97 -29.97
N PRO L 44 12.94 0.24 -29.97
CA PRO L 44 11.84 0.57 -29.05
C PRO L 44 12.31 0.70 -27.60
N ARG L 45 11.83 1.73 -26.92
CA ARG L 45 12.20 1.99 -25.54
C ARG L 45 11.13 1.39 -24.62
N SER L 46 11.46 0.27 -23.98
CA SER L 46 10.47 -0.52 -23.25
C SER L 46 10.42 -0.20 -21.77
N GLY L 47 9.23 0.17 -21.29
CA GLY L 47 8.96 0.27 -19.85
C GLY L 47 8.92 1.68 -19.30
N THR L 48 8.38 1.80 -18.08
CA THR L 48 8.10 3.09 -17.43
C THR L 48 9.34 3.99 -17.34
N ALA L 49 10.44 3.43 -16.84
CA ALA L 49 11.68 4.17 -16.63
C ALA L 49 12.29 4.68 -17.95
N ALA L 50 12.38 3.80 -18.94
CA ALA L 50 12.94 4.13 -20.26
C ALA L 50 12.07 5.16 -20.98
N ILE L 51 10.77 5.03 -20.83
CA ILE L 51 9.82 5.98 -21.38
C ILE L 51 9.98 7.34 -20.68
N ARG L 52 10.11 7.31 -19.36
CA ARG L 52 10.23 8.56 -18.61
C ARG L 52 11.47 9.33 -19.04
N GLU L 53 12.59 8.63 -19.05
CA GLU L 53 13.86 9.22 -19.46
C GLU L 53 13.83 9.63 -20.93
N PHE L 54 13.17 8.84 -21.78
CA PHE L 54 13.00 9.27 -23.16
C PHE L 54 12.28 10.62 -23.26
N TYR L 55 11.21 10.81 -22.49
CA TYR L 55 10.49 12.09 -22.58
C TYR L 55 11.18 13.21 -21.81
N ALA L 56 11.97 12.85 -20.80
CA ALA L 56 12.73 13.82 -20.02
C ALA L 56 13.60 14.69 -20.90
N ASN L 57 14.41 14.04 -21.74
CA ASN L 57 15.32 14.75 -22.65
C ASN L 57 14.63 15.34 -23.89
N SER L 58 13.51 14.75 -24.31
CA SER L 58 12.72 15.33 -25.40
C SER L 58 12.11 16.68 -24.98
N LEU L 59 12.12 16.95 -23.68
CA LEU L 59 11.63 18.19 -23.09
C LEU L 59 12.75 19.12 -22.60
N LYS L 60 14.00 18.91 -23.03
CA LYS L 60 15.10 19.77 -22.59
C LYS L 60 14.83 21.22 -23.00
N LEU L 61 14.13 21.41 -24.12
CA LEU L 61 13.78 22.74 -24.62
C LEU L 61 12.28 22.95 -24.55
N PRO L 62 11.85 24.23 -24.49
CA PRO L 62 10.42 24.53 -24.45
C PRO L 62 9.75 24.25 -25.79
N LEU L 63 8.61 23.57 -25.75
CA LEU L 63 7.96 23.10 -26.97
C LEU L 63 6.60 23.73 -27.24
N ALA L 64 6.37 24.02 -28.52
CA ALA L 64 5.05 24.39 -29.01
C ALA L 64 4.59 23.26 -29.92
N VAL L 65 3.62 22.49 -29.42
CA VAL L 65 3.10 21.30 -30.08
C VAL L 65 1.64 21.54 -30.47
N GLU L 66 1.30 21.28 -31.73
CA GLU L 66 -0.10 21.40 -32.15
C GLU L 66 -0.55 20.34 -33.16
N LEU L 67 -1.76 19.83 -32.93
CA LEU L 67 -2.44 18.93 -33.86
C LEU L 67 -2.70 19.67 -35.17
N THR L 68 -2.33 19.05 -36.29
CA THR L 68 -2.45 19.67 -37.62
C THR L 68 -3.64 19.12 -38.44
N GLN L 69 -4.16 17.95 -38.06
CA GLN L 69 -5.45 17.48 -38.55
C GLN L 69 -6.19 16.85 -37.40
N GLU L 70 -7.45 16.52 -37.65
CA GLU L 70 -8.25 15.79 -36.68
C GLU L 70 -7.58 14.45 -36.40
N VAL L 71 -7.82 13.94 -35.20
CA VAL L 71 -7.38 12.62 -34.78
C VAL L 71 -8.19 11.49 -35.43
N ARG L 72 -7.50 10.39 -35.78
CA ARG L 72 -8.15 9.18 -36.28
C ARG L 72 -8.11 8.08 -35.23
N ALA L 73 -9.28 7.58 -34.86
CA ALA L 73 -9.39 6.56 -33.80
C ALA L 73 -10.31 5.41 -34.22
N VAL L 74 -9.85 4.17 -34.06
CA VAL L 74 -10.63 2.98 -34.41
C VAL L 74 -10.02 1.69 -33.84
N ALA L 75 -10.85 0.81 -33.28
N ALA L 75 -10.91 0.80 -33.38
CA ALA L 75 -10.42 -0.49 -32.74
CA ALA L 75 -10.60 -0.41 -32.64
C ALA L 75 -9.15 -0.42 -31.86
C ALA L 75 -10.04 0.02 -31.29
N ASN L 76 -9.19 0.42 -30.84
N ASN L 76 -8.72 -0.11 -31.15
CA ASN L 76 -8.13 0.53 -29.84
CA ASN L 76 -8.05 0.35 -29.95
C ASN L 76 -6.81 1.08 -30.37
C ASN L 76 -6.78 1.07 -30.38
N GLU L 77 -6.90 1.87 -31.44
CA GLU L 77 -5.73 2.51 -32.05
C GLU L 77 -6.08 3.93 -32.47
N ALA L 78 -5.08 4.80 -32.47
CA ALA L 78 -5.30 6.18 -32.89
C ALA L 78 -4.10 6.71 -33.64
N ALA L 79 -4.34 7.47 -34.72
CA ALA L 79 -3.25 8.13 -35.44
C ALA L 79 -3.49 9.62 -35.47
N PHE L 80 -2.41 10.39 -35.55
CA PHE L 80 -2.54 11.84 -35.56
C PHE L 80 -1.34 12.56 -36.12
N ALA L 81 -1.66 13.65 -36.82
CA ALA L 81 -0.72 14.48 -37.52
C ALA L 81 -0.51 15.75 -36.71
N PHE L 82 0.75 16.14 -36.56
CA PHE L 82 1.07 17.26 -35.68
C PHE L 82 2.44 17.81 -35.98
N THR L 83 2.73 18.97 -35.39
CA THR L 83 4.01 19.64 -35.55
C THR L 83 4.58 19.96 -34.18
N VAL L 84 5.88 19.69 -34.03
CA VAL L 84 6.65 19.99 -32.84
C VAL L 84 7.62 21.12 -33.19
N SER L 85 7.44 22.31 -32.62
CA SER L 85 8.33 23.43 -32.92
C SER L 85 9.13 23.91 -31.72
N PHE L 86 10.39 24.26 -31.97
CA PHE L 86 11.31 24.68 -30.92
C PHE L 86 12.42 25.52 -31.53
N GLU L 87 13.18 26.19 -30.67
CA GLU L 87 14.27 27.07 -31.11
C GLU L 87 15.47 26.86 -30.21
N TYR L 88 16.65 26.75 -30.82
CA TYR L 88 17.89 26.56 -30.06
C TYR L 88 19.00 27.42 -30.68
N GLN L 89 19.60 28.28 -29.87
CA GLN L 89 20.67 29.20 -30.28
C GLN L 89 20.25 30.12 -31.43
N GLY L 90 19.03 30.63 -31.34
CA GLY L 90 18.52 31.55 -32.34
C GLY L 90 18.04 30.89 -33.63
N ARG L 91 17.86 29.57 -33.61
CA ARG L 91 17.49 28.82 -34.83
C ARG L 91 16.24 27.94 -34.63
N LYS L 92 15.28 28.08 -35.54
CA LYS L 92 13.94 27.49 -35.36
C LYS L 92 13.76 26.21 -36.17
N THR L 93 13.16 25.19 -35.54
CA THR L 93 12.89 23.93 -36.22
C THR L 93 11.45 23.52 -36.00
N VAL L 94 10.85 22.90 -37.01
CA VAL L 94 9.55 22.25 -36.86
C VAL L 94 9.64 20.83 -37.42
N VAL L 95 9.24 19.86 -36.62
CA VAL L 95 9.15 18.48 -37.05
C VAL L 95 7.67 18.16 -37.24
N ALA L 96 7.32 17.52 -38.35
CA ALA L 96 5.93 17.14 -38.60
C ALA L 96 5.82 15.61 -38.65
N PRO L 97 5.58 14.97 -37.49
CA PRO L 97 5.42 13.52 -37.56
C PRO L 97 3.97 13.06 -37.66
N ILE L 98 3.79 11.79 -37.97
CA ILE L 98 2.52 11.12 -37.73
C ILE L 98 2.76 10.08 -36.64
N ASP L 99 2.06 10.24 -35.52
CA ASP L 99 2.16 9.32 -34.39
C ASP L 99 0.99 8.35 -34.37
N HIS L 100 1.29 7.09 -34.02
CA HIS L 100 0.32 6.01 -33.92
C HIS L 100 0.30 5.41 -32.51
N PHE L 101 -0.88 5.34 -31.91
CA PHE L 101 -1.06 4.70 -30.60
C PHE L 101 -1.80 3.39 -30.73
N ARG L 102 -1.41 2.42 -29.91
CA ARG L 102 -2.26 1.27 -29.63
C ARG L 102 -2.54 1.23 -28.13
N PHE L 103 -3.77 0.85 -27.78
CA PHE L 103 -4.24 0.82 -26.40
C PHE L 103 -4.57 -0.60 -25.96
N ASN L 104 -4.31 -0.86 -24.67
CA ASN L 104 -4.71 -2.10 -24.04
C ASN L 104 -6.12 -1.98 -23.48
N GLY L 105 -6.61 -3.05 -22.87
CA GLY L 105 -7.95 -3.08 -22.27
C GLY L 105 -8.29 -1.92 -21.35
N ALA L 106 -7.29 -1.37 -20.66
CA ALA L 106 -7.50 -0.33 -19.64
C ALA L 106 -7.47 1.12 -20.17
N GLY L 107 -7.37 1.29 -21.48
CA GLY L 107 -7.41 2.63 -22.06
C GLY L 107 -6.12 3.40 -21.93
N LYS L 108 -5.02 2.67 -21.75
CA LYS L 108 -3.71 3.26 -21.64
C LYS L 108 -2.87 2.84 -22.81
N VAL L 109 -1.91 3.67 -23.17
CA VAL L 109 -1.10 3.45 -24.35
C VAL L 109 -0.12 2.33 -24.08
N VAL L 110 -0.33 1.20 -24.74
CA VAL L 110 0.57 0.07 -24.67
C VAL L 110 1.71 0.23 -25.67
N SER L 111 1.52 1.08 -26.67
CA SER L 111 2.57 1.34 -27.65
C SER L 111 2.41 2.65 -28.43
N MET L 112 3.55 3.20 -28.84
CA MET L 112 3.62 4.44 -29.60
C MET L 112 4.75 4.34 -30.63
N ARG L 113 4.43 4.64 -31.88
CA ARG L 113 5.44 4.75 -32.94
C ARG L 113 5.28 6.11 -33.62
N ALA L 114 6.35 6.90 -33.64
CA ALA L 114 6.34 8.23 -34.24
C ALA L 114 7.06 8.19 -35.58
N LEU L 115 6.31 8.28 -36.67
CA LEU L 115 6.88 8.19 -38.01
C LEU L 115 7.17 9.57 -38.60
N PHE L 116 8.45 9.81 -38.83
CA PHE L 116 8.94 10.99 -39.54
C PHE L 116 10.37 10.72 -39.98
N GLY L 117 10.74 11.29 -41.12
CA GLY L 117 12.09 11.19 -41.68
C GLY L 117 12.67 12.58 -41.80
N GLU L 118 13.87 12.67 -42.37
CA GLU L 118 14.51 13.97 -42.50
C GLU L 118 13.68 14.96 -43.31
N LYS L 119 12.88 14.46 -44.25
CA LYS L 119 12.00 15.31 -45.05
C LYS L 119 10.91 16.03 -44.26
N ASN L 120 10.54 15.51 -43.09
CA ASN L 120 9.52 16.16 -42.28
C ASN L 120 10.11 16.95 -41.12
N ILE L 121 11.43 17.19 -41.18
CA ILE L 121 12.12 18.14 -40.32
C ILE L 121 12.41 19.39 -41.16
N HIS L 122 11.74 20.50 -40.84
CA HIS L 122 11.85 21.72 -41.61
C HIS L 122 12.39 22.88 -40.76
N ALA L 123 12.96 23.88 -41.42
CA ALA L 123 13.31 25.15 -40.79
C ALA L 123 12.06 26.03 -40.79
N GLY L 124 11.53 26.34 -39.60
CA GLY L 124 10.25 27.03 -39.48
C GLY L 124 10.36 28.35 -38.74
C1 GOL M . -38.91 -14.59 17.65
O1 GOL M . -38.78 -13.61 18.64
C2 GOL M . -37.83 -15.67 17.82
O2 GOL M . -38.14 -16.45 18.95
C3 GOL M . -36.45 -15.03 17.97
O3 GOL M . -35.52 -15.60 17.09
S SO4 N . -23.46 1.57 22.99
O1 SO4 N . -24.85 1.85 22.64
O2 SO4 N . -23.22 1.99 24.37
O3 SO4 N . -23.18 0.15 22.86
O4 SO4 N . -22.58 2.32 22.10
S SO4 O . -33.88 -32.85 16.11
O1 SO4 O . -34.69 -32.02 15.22
O2 SO4 O . -34.45 -32.81 17.46
O3 SO4 O . -33.89 -34.22 15.63
O4 SO4 O . -32.51 -32.34 16.13
S SO4 P . -15.88 -2.35 11.02
O1 SO4 P . -17.27 -2.15 11.44
O2 SO4 P . -15.39 -3.62 11.56
O3 SO4 P . -15.81 -2.39 9.56
O4 SO4 P . -15.05 -1.26 11.52
S SO4 Q . -35.31 6.01 14.26
O1 SO4 Q . -35.83 5.82 12.91
O2 SO4 Q . -36.19 5.36 15.22
O3 SO4 Q . -33.98 5.45 14.36
O4 SO4 Q . -35.26 7.45 14.55
S SO4 R . -24.88 -29.98 -8.55
O1 SO4 R . -25.93 -29.43 -9.40
O2 SO4 R . -25.45 -30.44 -7.30
O3 SO4 R . -24.24 -31.10 -9.24
O4 SO4 R . -23.88 -28.95 -8.28
S SO4 S . -28.26 -10.21 2.49
O1 SO4 S . -29.69 -9.93 2.35
O2 SO4 S . -28.09 -11.58 2.98
O3 SO4 S . -27.60 -10.08 1.20
O4 SO4 S . -27.68 -9.28 3.45
S SO4 T . -7.11 -9.42 -3.71
O1 SO4 T . -7.85 -8.24 -4.15
O2 SO4 T . -7.81 -10.63 -4.13
O3 SO4 T . -5.78 -9.40 -4.31
O4 SO4 T . -6.99 -9.41 -2.26
S SO4 U . -32.97 -16.59 -10.94
O1 SO4 U . -34.27 -15.92 -11.09
O2 SO4 U . -33.21 -18.01 -10.73
O3 SO4 U . -32.18 -16.40 -12.15
O4 SO4 U . -32.27 -16.01 -9.80
S SO4 V . -16.44 -13.26 -16.38
O1 SO4 V . -15.79 -12.11 -17.01
O2 SO4 V . -17.71 -12.85 -15.78
O3 SO4 V . -16.70 -14.28 -17.39
O4 SO4 V . -15.58 -13.80 -15.35
S SO4 W . 11.46 -17.59 6.38
O1 SO4 W . 11.56 -16.22 6.86
O2 SO4 W . 10.48 -18.33 7.17
O3 SO4 W . 11.04 -17.59 4.98
O4 SO4 W . 12.76 -18.24 6.51
S SO4 X . -26.76 -29.63 9.03
O1 SO4 X . -27.65 -28.48 8.90
O2 SO4 X . -26.89 -30.19 10.37
O3 SO4 X . -27.14 -30.64 8.04
O4 SO4 X . -25.38 -29.22 8.80
S SO4 Y . 19.83 2.01 -28.52
O1 SO4 Y . 19.07 3.09 -29.15
O2 SO4 Y . 18.99 1.38 -27.50
O3 SO4 Y . 20.20 1.01 -29.54
O4 SO4 Y . 21.03 2.55 -27.91
S SO4 Z . 42.13 -2.36 -15.50
O1 SO4 Z . 41.82 -1.34 -14.50
O2 SO4 Z . 41.76 -3.67 -15.01
O3 SO4 Z . 41.40 -2.06 -16.73
O4 SO4 Z . 43.57 -2.33 -15.78
S SO4 AA . 39.53 -2.78 -31.97
O1 SO4 AA . 39.14 -1.51 -32.56
O2 SO4 AA . 39.08 -2.83 -30.58
O3 SO4 AA . 38.93 -3.87 -32.73
O4 SO4 AA . 40.99 -2.90 -32.01
S SO4 BA . 32.52 11.43 -30.82
O1 SO4 BA . 31.39 12.06 -31.49
O2 SO4 BA . 33.23 10.55 -31.75
O3 SO4 BA . 33.44 12.46 -30.34
O4 SO4 BA . 32.05 10.65 -29.68
S SO4 CA . 22.77 -6.02 -27.49
O1 SO4 CA . 22.62 -5.13 -26.35
O2 SO4 CA . 22.07 -5.45 -28.65
O3 SO4 CA . 24.19 -6.18 -27.81
O4 SO4 CA . 22.19 -7.32 -27.17
S SO4 DA . 30.71 7.80 5.45
O1 SO4 DA . 29.42 8.30 5.00
O2 SO4 DA . 30.50 6.94 6.61
O3 SO4 DA . 31.34 7.02 4.38
O4 SO4 DA . 31.57 8.92 5.81
C1 GOL EA . 24.27 -11.62 89.49
O1 GOL EA . 22.92 -11.84 89.85
C2 GOL EA . 24.88 -12.90 88.90
O2 GOL EA . 24.31 -13.20 87.64
C3 GOL EA . 24.67 -14.06 89.87
O3 GOL EA . 24.73 -13.65 91.22
S SO4 FA . 45.26 -7.87 85.87
O1 SO4 FA . 43.91 -8.09 85.37
O2 SO4 FA . 45.67 -8.97 86.74
O3 SO4 FA . 46.16 -7.76 84.73
O4 SO4 FA . 45.30 -6.63 86.65
S SO4 GA . 13.90 -26.55 81.15
O1 SO4 GA . 12.84 -27.34 80.53
O2 SO4 GA . 14.54 -27.34 82.20
O3 SO4 GA . 14.89 -26.20 80.14
O4 SO4 GA . 13.32 -25.33 81.71
S SO4 HA . 36.65 6.98 82.21
O1 SO4 HA . 36.54 8.40 81.86
O2 SO4 HA . 36.95 6.86 83.63
O3 SO4 HA . 35.39 6.30 81.93
O4 SO4 HA . 37.72 6.37 81.43
S SO4 IA . 27.40 5.66 95.52
O1 SO4 IA . 26.38 6.04 94.54
O2 SO4 IA . 26.99 4.43 96.21
O3 SO4 IA . 28.67 5.45 94.84
O4 SO4 IA . 27.54 6.73 96.50
S SO4 JA . 12.85 -0.51 90.67
O1 SO4 JA . 11.79 -0.15 89.74
O2 SO4 JA . 12.29 -0.70 92.01
O3 SO4 JA . 13.47 -1.76 90.24
O4 SO4 JA . 13.85 0.55 90.70
C1 GOL KA . 11.77 -2.45 16.05
O1 GOL KA . 12.33 -2.78 17.30
C2 GOL KA . 12.73 -1.60 15.24
O2 GOL KA . 12.90 -0.34 15.87
C3 GOL KA . 12.19 -1.41 13.82
O3 GOL KA . 12.01 -2.65 13.16
S SO4 LA . 3.58 17.88 17.28
O1 SO4 LA . 2.76 18.46 18.34
O2 SO4 LA . 3.49 16.43 17.34
O3 SO4 LA . 3.11 18.36 15.98
O4 SO4 LA . 4.96 18.29 17.48
S SO4 MA . 23.86 12.72 28.55
O1 SO4 MA . 22.86 13.77 28.76
O2 SO4 MA . 23.21 11.42 28.62
O3 SO4 MA . 24.49 12.88 27.24
O4 SO4 MA . 24.87 12.82 29.60
S SO4 NA . -7.10 -5.79 23.03
O1 SO4 NA . -7.12 -4.38 23.43
O2 SO4 NA . -8.47 -6.21 22.74
O3 SO4 NA . -6.28 -5.94 21.84
O4 SO4 NA . -6.56 -6.60 24.12
S SO4 OA . 5.71 26.49 38.77
O1 SO4 OA . 5.21 26.42 37.40
O2 SO4 OA . 4.59 26.46 39.70
O3 SO4 OA . 6.58 25.35 39.03
O4 SO4 OA . 6.46 27.73 38.94
C1 GOL PA . -57.39 5.57 -39.06
O1 GOL PA . -57.11 4.83 -40.23
C2 GOL PA . -58.86 5.41 -38.65
O2 GOL PA . -59.32 4.10 -38.88
C3 GOL PA . -59.73 6.41 -39.42
O3 GOL PA . -59.94 7.57 -38.64
S SO4 QA . -44.25 21.97 -34.00
O1 SO4 QA . -45.65 22.33 -34.22
O2 SO4 QA . -43.95 22.04 -32.57
O3 SO4 QA . -43.99 20.63 -34.50
O4 SO4 QA . -43.40 22.92 -34.71
S SO4 RA . -49.21 10.25 -53.86
O1 SO4 RA . -50.63 10.33 -54.21
O2 SO4 RA . -49.06 9.45 -52.65
O3 SO4 RA . -48.46 9.63 -54.95
O4 SO4 RA . -48.70 11.59 -53.61
S SO4 SA . -55.10 -12.64 -41.04
O1 SO4 SA . -55.85 -12.02 -42.14
O2 SO4 SA . -55.59 -12.14 -39.77
O3 SO4 SA . -55.28 -14.09 -41.10
O4 SO4 SA . -53.68 -12.34 -41.20
S SO4 TA . -53.08 16.66 -53.46
O1 SO4 TA . -53.55 17.98 -53.04
O2 SO4 TA . -54.16 15.70 -53.41
O3 SO4 TA . -52.56 16.74 -54.83
O4 SO4 TA . -52.00 16.22 -52.57
S SO4 UA . -40.99 24.99 -50.25
O1 SO4 UA . -42.01 26.03 -50.17
O2 SO4 UA . -41.42 23.82 -49.49
O3 SO4 UA . -40.78 24.61 -51.64
O4 SO4 UA . -39.75 25.49 -49.68
S SO4 VA . -63.88 24.81 -46.54
O1 SO4 VA . -65.30 24.57 -46.80
O2 SO4 VA . -63.65 24.76 -45.10
O3 SO4 VA . -63.08 23.78 -47.21
O4 SO4 VA . -63.50 26.12 -47.06
S SO4 WA . -13.36 6.30 6.27
O1 SO4 WA . -14.36 6.61 5.24
O2 SO4 WA . -13.10 4.86 6.28
O3 SO4 WA . -12.13 7.01 5.94
O4 SO4 WA . -13.85 6.71 7.57
S SO4 XA . 22.38 -2.03 7.62
O1 SO4 XA . 21.43 -1.73 6.56
O2 SO4 XA . 22.52 -3.48 7.71
O3 SO4 XA . 23.69 -1.46 7.31
O4 SO4 XA . 21.93 -1.50 8.89
S SO4 YA . -11.41 22.22 11.18
O1 SO4 YA . -12.62 22.02 11.97
O2 SO4 YA . -10.34 21.38 11.71
O3 SO4 YA . -11.68 21.87 9.79
O4 SO4 YA . -11.01 23.62 11.26
S SO4 ZA . 10.87 5.03 -57.66
O1 SO4 ZA . 10.77 6.38 -58.20
O2 SO4 ZA . 9.63 4.70 -56.96
O3 SO4 ZA . 11.08 4.07 -58.74
O4 SO4 ZA . 11.99 4.97 -56.73
S SO4 AB . 12.82 -8.00 -47.88
O1 SO4 AB . 11.54 -8.45 -47.32
O2 SO4 AB . 13.81 -9.05 -47.72
O3 SO4 AB . 12.66 -7.70 -49.31
O4 SO4 AB . 13.25 -6.80 -47.17
S SO4 BB . -9.64 2.92 -51.05
O1 SO4 BB . -10.59 3.58 -51.93
O2 SO4 BB . -10.34 2.02 -50.14
O3 SO4 BB . -8.71 2.15 -51.88
O4 SO4 BB . -8.90 3.91 -50.28
S SO4 CB . 8.01 -14.48 63.65
O1 SO4 CB . 6.72 -13.97 63.20
O2 SO4 CB . 8.00 -14.64 65.10
O3 SO4 CB . 8.27 -15.77 63.03
O4 SO4 CB . 9.05 -13.53 63.25
S SO4 DB . 25.08 -2.91 74.79
O1 SO4 DB . 24.35 -1.96 75.61
O2 SO4 DB . 24.84 -4.28 75.26
O3 SO4 DB . 24.66 -2.79 73.39
O4 SO4 DB . 26.50 -2.62 74.88
S SO4 EB . 44.94 -25.01 62.58
O1 SO4 EB . 45.79 -23.90 62.96
O2 SO4 EB . 44.06 -25.36 63.70
O3 SO4 EB . 44.13 -24.65 61.43
O4 SO4 EB . 45.78 -26.17 62.26
C1 GOL FB . 55.62 6.05 -9.21
O1 GOL FB . 54.77 6.74 -10.11
C2 GOL FB . 57.07 6.51 -9.36
O2 GOL FB . 57.17 7.77 -10.01
C3 GOL FB . 57.86 5.46 -10.15
O3 GOL FB . 58.15 4.34 -9.34
S SO4 GB . 47.70 -5.11 6.70
O1 SO4 GB . 46.24 -5.04 6.78
O2 SO4 GB . 48.15 -6.47 7.00
O3 SO4 GB . 48.11 -4.75 5.34
O4 SO4 GB . 48.29 -4.17 7.65
S SO4 HB . 61.79 -12.96 -11.71
O1 SO4 HB . 62.13 -11.88 -12.63
O2 SO4 HB . 60.33 -13.05 -11.55
O3 SO4 HB . 62.28 -14.23 -12.23
O4 SO4 HB . 62.40 -12.69 -10.41
S SO4 IB . -35.03 -0.61 -72.91
O1 SO4 IB . -35.82 0.16 -73.85
O2 SO4 IB . -35.82 -0.91 -71.71
O3 SO4 IB . -34.60 -1.86 -73.53
O4 SO4 IB . -33.86 0.15 -72.52
S SO4 JB . -47.94 -8.77 -48.60
O1 SO4 JB . -48.78 -7.59 -48.77
O2 SO4 JB . -47.77 -9.06 -47.18
O3 SO4 JB . -48.58 -9.91 -49.24
O4 SO4 JB . -46.64 -8.52 -49.21
S SO4 KB . -28.36 10.83 -60.35
O1 SO4 KB . -28.48 11.92 -61.31
O2 SO4 KB . -29.16 9.69 -60.79
O3 SO4 KB . -26.96 10.42 -60.23
O4 SO4 KB . -28.84 11.28 -59.04
S SO4 LB . -28.69 6.67 -37.38
O1 SO4 LB . -30.05 6.95 -37.82
O2 SO4 LB . -28.50 5.23 -37.26
O3 SO4 LB . -27.74 7.20 -38.35
O4 SO4 LB . -28.47 7.30 -36.09
S SO4 MB . -11.36 10.35 -20.45
O1 SO4 MB . -12.26 11.31 -19.80
O2 SO4 MB . -10.76 9.49 -19.44
O3 SO4 MB . -12.10 9.54 -21.41
O4 SO4 MB . -10.32 11.08 -21.16
S SO4 NB . 1.85 0.04 -36.86
O1 SO4 NB . 0.68 0.89 -36.70
O2 SO4 NB . 2.06 -0.73 -35.63
O3 SO4 NB . 1.63 -0.89 -37.97
O4 SO4 NB . 3.01 0.87 -37.11
S SO4 OB . 12.11 21.99 -46.26
O1 SO4 OB . 10.93 21.84 -47.11
O2 SO4 OB . 12.29 20.78 -45.47
O3 SO4 OB . 13.29 22.21 -47.09
O4 SO4 OB . 11.92 23.13 -45.38
S SO4 PB . 10.88 -0.04 -16.02
O1 SO4 PB . 9.83 -1.05 -16.21
O2 SO4 PB . 11.38 0.38 -17.33
O3 SO4 PB . 10.33 1.11 -15.32
O4 SO4 PB . 11.97 -0.62 -15.25
#